data_6WGD
#
_entry.id   6WGD
#
_cell.length_a   98.272
_cell.length_b   98.272
_cell.length_c   285.734
_cell.angle_alpha   90.000
_cell.angle_beta   90.000
_cell.angle_gamma   120.000
#
_symmetry.space_group_name_H-M   'P 31 2 1'
#
loop_
_entity.id
_entity.type
_entity.pdbx_description
1 polymer 6-phospho-beta-glucosidase
2 non-polymer 1,2-ETHANEDIOL
3 water water
#
_entity_poly.entity_id   1
_entity_poly.type   'polypeptide(L)'
_entity_poly.pdbx_seq_one_letter_code
;MTEQTKKFPEGFLWGGAVAANQVEGAYNVGGKGLSTADVSPNGVMYPFDESMESLNLYHEGIDFYHRYKEDIALFAEMGF
KAFRTSIAWTRIFPNGDETEPNEEGLEFYDRLFDELLKYNIEPVVTISHYEMPLGLIKKYGGWKNRKVIDCYEHYAKTVF
TRYKEKVKYWMTFNEINMVLHAPFTGGGLVFEEGENKLNAMYQAAHHLFVASALAVKAGHDIIPDAKIGCMIAATTTYPM
TPKPEDVLAAMENERRTLFFSDVQARGAYPGYMKRFFKENGITIEMAEGDEDILKENTVDYIGFSYYMSMVASTSPEDLA
KTEGNLLGGVKNPYLESSEWGWQIDPKGIRITLNTLYDRYQKPLFIVENGLGAVDVVEEDGSIQDDYRINYLRDHLKEVR
EAIADGVDLIGYTSWGPIDLVSASTAEMKKRYGYIYVDRDNEGKGTLSRTRKKSFYWYKKVIETNGESL
;
_entity_poly.pdbx_strand_id   A,B,C
#
# COMPACT_ATOMS: atom_id res chain seq x y z
N GLN A 4 6.35 -55.18 13.72
CA GLN A 4 6.72 -53.78 13.81
C GLN A 4 5.98 -53.11 14.97
N THR A 5 6.72 -52.33 15.77
CA THR A 5 6.15 -51.71 16.95
C THR A 5 5.13 -50.65 16.57
N LYS A 6 4.11 -50.49 17.42
CA LYS A 6 3.12 -49.45 17.28
C LYS A 6 3.32 -48.30 18.25
N LYS A 7 4.26 -48.42 19.18
CA LYS A 7 4.52 -47.39 20.18
C LYS A 7 5.74 -46.56 19.79
N PHE A 8 5.74 -45.32 20.24
CA PHE A 8 6.84 -44.40 19.98
C PHE A 8 7.98 -44.68 20.97
N PRO A 9 9.15 -44.06 20.78
CA PRO A 9 10.21 -44.20 21.78
C PRO A 9 9.76 -43.71 23.15
N GLU A 10 10.28 -44.35 24.18
CA GLU A 10 9.98 -43.93 25.55
C GLU A 10 10.58 -42.56 25.80
N GLY A 11 9.84 -41.73 26.54
CA GLY A 11 10.24 -40.36 26.76
C GLY A 11 9.97 -39.43 25.60
N PHE A 12 9.26 -39.89 24.58
CA PHE A 12 8.90 -39.04 23.45
C PHE A 12 8.09 -37.84 23.93
N LEU A 13 8.50 -36.64 23.51
CA LEU A 13 7.94 -35.40 24.03
C LEU A 13 6.70 -35.02 23.22
N TRP A 14 5.57 -35.60 23.61
CA TRP A 14 4.29 -35.23 23.03
C TRP A 14 3.84 -33.87 23.56
N GLY A 15 3.17 -33.11 22.71
CA GLY A 15 2.63 -31.83 23.17
C GLY A 15 2.09 -30.97 22.05
N GLY A 16 2.13 -29.66 22.28
CA GLY A 16 1.65 -28.69 21.32
C GLY A 16 2.48 -27.43 21.38
N ALA A 17 2.27 -26.56 20.39
CA ALA A 17 3.10 -25.37 20.24
C ALA A 17 2.24 -24.16 19.90
N VAL A 18 2.57 -23.03 20.53
CA VAL A 18 1.97 -21.74 20.21
C VAL A 18 3.09 -20.70 20.14
N ALA A 19 2.70 -19.46 19.87
CA ALA A 19 3.59 -18.31 19.97
C ALA A 19 2.91 -17.24 20.82
N ALA A 20 3.73 -16.47 21.54
CA ALA A 20 3.20 -15.54 22.53
C ALA A 20 2.23 -14.54 21.91
N ASN A 21 2.64 -13.89 20.82
CA ASN A 21 1.80 -12.87 20.20
C ASN A 21 0.52 -13.44 19.59
N GLN A 22 0.37 -14.76 19.53
CA GLN A 22 -0.79 -15.37 18.90
C GLN A 22 -1.84 -15.87 19.90
N VAL A 23 -1.55 -15.86 21.20
CA VAL A 23 -2.51 -16.33 22.20
C VAL A 23 -2.58 -15.39 23.40
N GLU A 24 -1.45 -14.78 23.76
CA GLU A 24 -1.34 -14.13 25.06
C GLU A 24 -2.34 -12.98 25.20
N GLY A 25 -2.42 -12.11 24.20
CA GLY A 25 -3.13 -10.88 24.43
C GLY A 25 -2.38 -10.04 25.43
N ALA A 26 -3.12 -9.16 26.12
CA ALA A 26 -2.54 -8.28 27.13
C ALA A 26 -1.33 -7.54 26.57
N TYR A 27 -1.47 -7.06 25.34
CA TYR A 27 -0.34 -6.51 24.60
C TYR A 27 0.20 -5.22 25.21
N ASN A 28 -0.57 -4.55 26.07
CA ASN A 28 -0.17 -3.30 26.69
C ASN A 28 -0.19 -3.39 28.21
N VAL A 29 0.05 -4.60 28.74
CA VAL A 29 -0.03 -4.85 30.18
C VAL A 29 1.38 -5.05 30.72
N GLY A 30 1.62 -4.55 31.93
CA GLY A 30 2.90 -4.74 32.58
C GLY A 30 4.07 -4.04 31.94
N GLY A 31 3.82 -2.96 31.20
CA GLY A 31 4.89 -2.23 30.55
C GLY A 31 5.39 -2.84 29.26
N LYS A 32 4.72 -3.85 28.73
CA LYS A 32 5.14 -4.49 27.49
C LYS A 32 5.15 -3.48 26.34
N GLY A 33 6.22 -3.49 25.56
CA GLY A 33 6.33 -2.59 24.43
C GLY A 33 5.63 -3.13 23.20
N LEU A 34 5.59 -2.28 22.17
CA LEU A 34 4.96 -2.65 20.90
C LEU A 34 5.90 -3.55 20.10
N SER A 35 5.34 -4.61 19.54
CA SER A 35 6.07 -5.54 18.69
C SER A 35 5.59 -5.39 17.26
N THR A 36 6.25 -6.12 16.35
CA THR A 36 5.84 -6.10 14.94
C THR A 36 4.43 -6.62 14.77
N ALA A 37 4.03 -7.60 15.60
CA ALA A 37 2.67 -8.12 15.53
C ALA A 37 1.65 -7.07 15.97
N ASP A 38 2.03 -6.24 16.95
CA ASP A 38 1.14 -5.18 17.45
C ASP A 38 0.84 -4.12 16.40
N VAL A 39 1.57 -4.08 15.29
CA VAL A 39 1.33 -3.10 14.24
C VAL A 39 1.14 -3.81 12.91
N SER A 40 0.73 -5.06 12.96
CA SER A 40 0.37 -5.84 11.77
C SER A 40 -1.02 -6.43 11.97
N PRO A 41 -2.06 -5.60 11.89
CA PRO A 41 -3.41 -6.07 12.20
C PRO A 41 -3.98 -7.05 11.19
N ASN A 42 -3.30 -7.30 10.07
CA ASN A 42 -3.78 -8.23 9.05
C ASN A 42 -2.81 -9.37 8.80
N GLY A 43 -1.92 -9.65 9.76
CA GLY A 43 -1.00 -10.76 9.67
C GLY A 43 0.35 -10.35 9.13
N VAL A 44 1.31 -11.28 9.27
CA VAL A 44 2.67 -11.03 8.82
C VAL A 44 2.74 -10.98 7.30
N MET A 45 1.83 -11.67 6.62
CA MET A 45 1.81 -11.72 5.16
C MET A 45 1.20 -10.48 4.53
N TYR A 46 0.93 -9.45 5.30
CA TYR A 46 0.27 -8.24 4.82
C TYR A 46 0.96 -7.03 5.43
N PRO A 47 0.88 -5.87 4.77
CA PRO A 47 1.66 -4.71 5.22
C PRO A 47 1.32 -4.30 6.64
N PHE A 48 2.33 -3.77 7.33
CA PHE A 48 2.12 -3.31 8.70
C PHE A 48 1.32 -2.01 8.70
N ASP A 49 0.87 -1.62 9.88
CA ASP A 49 0.00 -0.45 10.02
C ASP A 49 0.16 0.07 11.45
N GLU A 50 0.69 1.28 11.59
CA GLU A 50 0.95 1.87 12.89
C GLU A 50 -0.14 2.86 13.31
N SER A 51 -1.24 2.94 12.55
CA SER A 51 -2.30 3.87 12.89
C SER A 51 -3.14 3.42 14.07
N MET A 52 -3.17 2.12 14.36
CA MET A 52 -4.02 1.56 15.41
C MET A 52 -5.50 1.90 15.19
N GLU A 53 -5.88 2.05 13.93
CA GLU A 53 -7.26 2.36 13.58
C GLU A 53 -8.08 1.12 13.26
N SER A 54 -7.43 0.02 12.89
CA SER A 54 -8.12 -1.23 12.57
C SER A 54 -8.04 -2.18 13.76
N LEU A 55 -8.96 -3.14 13.77
CA LEU A 55 -8.97 -4.16 14.80
C LEU A 55 -7.79 -5.10 14.62
N ASN A 56 -6.98 -5.25 15.67
CA ASN A 56 -5.82 -6.14 15.67
C ASN A 56 -6.10 -7.25 16.68
N LEU A 57 -6.37 -8.46 16.16
CA LEU A 57 -6.68 -9.59 17.04
C LEU A 57 -5.50 -9.98 17.92
N TYR A 58 -4.28 -9.64 17.52
CA TYR A 58 -3.12 -9.95 18.36
C TYR A 58 -3.16 -9.18 19.67
N HIS A 59 -3.83 -8.02 19.70
CA HIS A 59 -3.85 -7.20 20.91
C HIS A 59 -4.49 -7.93 22.07
N GLU A 60 -5.54 -8.71 21.81
CA GLU A 60 -6.20 -9.49 22.85
C GLU A 60 -5.99 -10.99 22.70
N GLY A 61 -5.68 -11.47 21.51
CA GLY A 61 -5.41 -12.89 21.32
C GLY A 61 -6.57 -13.74 21.81
N ILE A 62 -6.26 -14.73 22.63
CA ILE A 62 -7.26 -15.50 23.35
C ILE A 62 -7.16 -15.26 24.86
N ASP A 63 -6.47 -14.19 25.25
CA ASP A 63 -6.27 -13.82 26.65
C ASP A 63 -5.58 -14.94 27.43
N PHE A 64 -4.63 -15.61 26.78
CA PHE A 64 -3.82 -16.62 27.47
C PHE A 64 -3.05 -16.03 28.63
N TYR A 65 -2.74 -14.73 28.57
CA TYR A 65 -2.04 -14.06 29.66
C TYR A 65 -2.83 -14.14 30.96
N HIS A 66 -4.16 -14.10 30.89
CA HIS A 66 -5.01 -14.19 32.07
C HIS A 66 -5.64 -15.56 32.26
N ARG A 67 -5.70 -16.37 31.20
CA ARG A 67 -6.37 -17.67 31.25
C ARG A 67 -5.38 -18.84 31.18
N TYR A 68 -4.10 -18.59 31.47
CA TYR A 68 -3.10 -19.63 31.30
C TYR A 68 -3.30 -20.80 32.27
N LYS A 69 -3.84 -20.53 33.45
CA LYS A 69 -4.02 -21.61 34.42
C LYS A 69 -5.08 -22.61 33.97
N GLU A 70 -6.14 -22.13 33.32
CA GLU A 70 -7.15 -23.05 32.79
C GLU A 70 -6.67 -23.74 31.53
N ASP A 71 -5.94 -23.03 30.67
CA ASP A 71 -5.51 -23.60 29.40
C ASP A 71 -4.42 -24.66 29.61
N ILE A 72 -3.47 -24.39 30.52
CA ILE A 72 -2.44 -25.38 30.80
C ILE A 72 -3.03 -26.60 31.48
N ALA A 73 -4.07 -26.41 32.30
CA ALA A 73 -4.78 -27.56 32.85
C ALA A 73 -5.43 -28.40 31.76
N LEU A 74 -5.83 -27.78 30.66
CA LEU A 74 -6.37 -28.55 29.53
C LEU A 74 -5.27 -29.29 28.80
N PHE A 75 -4.08 -28.68 28.70
CA PHE A 75 -2.95 -29.37 28.09
C PHE A 75 -2.55 -30.58 28.92
N ALA A 76 -2.58 -30.44 30.25
CA ALA A 76 -2.26 -31.57 31.12
C ALA A 76 -3.34 -32.65 31.05
N GLU A 77 -4.60 -32.25 30.82
CA GLU A 77 -5.67 -33.24 30.70
C GLU A 77 -5.44 -34.15 29.51
N MET A 78 -4.89 -33.62 28.42
CA MET A 78 -4.47 -34.45 27.30
C MET A 78 -3.18 -35.21 27.59
N GLY A 79 -2.48 -34.88 28.67
CA GLY A 79 -1.24 -35.56 28.99
C GLY A 79 -0.03 -35.01 28.29
N PHE A 80 0.00 -33.70 28.03
CA PHE A 80 1.12 -33.09 27.31
C PHE A 80 2.43 -33.35 28.03
N LYS A 81 3.38 -33.97 27.33
CA LYS A 81 4.72 -34.14 27.88
C LYS A 81 5.54 -32.86 27.73
N ALA A 82 5.24 -32.05 26.71
CA ALA A 82 5.96 -30.81 26.48
C ALA A 82 5.00 -29.78 25.93
N PHE A 83 5.37 -28.51 26.09
CA PHE A 83 4.59 -27.40 25.56
C PHE A 83 5.53 -26.33 25.03
N ARG A 84 5.34 -25.95 23.78
CA ARG A 84 6.17 -24.96 23.13
C ARG A 84 5.46 -23.62 23.05
N THR A 85 6.14 -22.57 23.51
CA THR A 85 5.68 -21.20 23.33
C THR A 85 6.91 -20.32 23.20
N SER A 86 6.68 -19.02 23.05
CA SER A 86 7.75 -18.06 22.93
C SER A 86 7.67 -17.05 24.07
N ILE A 87 8.84 -16.57 24.51
CA ILE A 87 8.90 -15.46 25.45
C ILE A 87 8.79 -14.17 24.65
N ALA A 88 7.78 -13.37 24.97
CA ALA A 88 7.60 -12.09 24.28
C ALA A 88 8.78 -11.18 24.55
N TRP A 89 9.57 -10.91 23.50
CA TRP A 89 10.74 -10.03 23.63
C TRP A 89 10.34 -8.67 24.20
N THR A 90 9.17 -8.16 23.81
CA THR A 90 8.74 -6.84 24.26
C THR A 90 8.33 -6.84 25.74
N ARG A 91 8.00 -7.99 26.31
CA ARG A 91 7.68 -8.03 27.74
C ARG A 91 8.93 -7.89 28.59
N ILE A 92 10.07 -8.38 28.10
CA ILE A 92 11.32 -8.29 28.85
C ILE A 92 12.06 -7.00 28.53
N PHE A 93 12.00 -6.54 27.28
CA PHE A 93 12.62 -5.29 26.86
C PHE A 93 11.64 -4.55 25.96
N PRO A 94 10.87 -3.60 26.51
CA PRO A 94 9.83 -2.94 25.71
C PRO A 94 10.36 -2.26 24.46
N ASN A 95 11.39 -1.43 24.60
CA ASN A 95 12.01 -0.80 23.44
C ASN A 95 13.07 -1.66 22.79
N GLY A 96 13.67 -2.59 23.53
CA GLY A 96 14.60 -3.55 22.99
C GLY A 96 16.06 -3.29 23.35
N ASP A 97 16.40 -2.08 23.79
CA ASP A 97 17.78 -1.73 24.07
C ASP A 97 17.99 -1.29 25.52
N GLU A 98 17.05 -1.59 26.40
CA GLU A 98 17.21 -1.25 27.81
C GLU A 98 18.31 -2.11 28.44
N THR A 99 18.99 -1.54 29.44
CA THR A 99 20.04 -2.28 30.13
C THR A 99 19.47 -3.22 31.17
N GLU A 100 18.47 -2.78 31.93
CA GLU A 100 17.82 -3.67 32.88
C GLU A 100 16.50 -4.18 32.30
N PRO A 101 16.17 -5.45 32.51
CA PRO A 101 14.94 -6.00 31.97
C PRO A 101 13.72 -5.57 32.77
N ASN A 102 12.55 -5.88 32.22
CA ASN A 102 11.28 -5.55 32.86
C ASN A 102 10.93 -6.67 33.83
N GLU A 103 10.79 -6.34 35.11
CA GLU A 103 10.53 -7.34 36.13
C GLU A 103 9.10 -7.89 36.03
N GLU A 104 8.16 -7.07 35.54
CA GLU A 104 6.79 -7.56 35.37
C GLU A 104 6.69 -8.56 34.23
N GLY A 105 7.54 -8.43 33.21
CA GLY A 105 7.52 -9.40 32.12
C GLY A 105 8.14 -10.73 32.51
N LEU A 106 9.29 -10.67 33.19
CA LEU A 106 9.96 -11.90 33.63
C LEU A 106 9.13 -12.64 34.66
N GLU A 107 8.38 -11.93 35.50
CA GLU A 107 7.57 -12.58 36.52
C GLU A 107 6.42 -13.38 35.90
N PHE A 108 5.86 -12.89 34.78
CA PHE A 108 4.77 -13.62 34.14
C PHE A 108 5.24 -14.98 33.64
N TYR A 109 6.39 -15.03 32.99
CA TYR A 109 6.91 -16.30 32.50
C TYR A 109 7.42 -17.19 33.62
N ASP A 110 7.77 -16.61 34.77
CA ASP A 110 7.94 -17.42 35.96
C ASP A 110 6.65 -18.16 36.30
N ARG A 111 5.52 -17.43 36.30
CA ARG A 111 4.24 -18.06 36.59
C ARG A 111 3.84 -19.05 35.50
N LEU A 112 4.09 -18.72 34.24
CA LEU A 112 3.73 -19.62 33.15
C LEU A 112 4.55 -20.90 33.21
N PHE A 113 5.88 -20.77 33.35
CA PHE A 113 6.73 -21.96 33.40
C PHE A 113 6.49 -22.77 34.66
N ASP A 114 6.18 -22.10 35.77
CA ASP A 114 5.83 -22.83 37.00
C ASP A 114 4.55 -23.62 36.81
N GLU A 115 3.58 -23.06 36.09
CA GLU A 115 2.33 -23.75 35.86
C GLU A 115 2.53 -25.02 35.04
N LEU A 116 3.36 -24.94 33.99
CA LEU A 116 3.68 -26.12 33.20
C LEU A 116 4.36 -27.19 34.05
N LEU A 117 5.34 -26.79 34.86
CA LEU A 117 6.08 -27.73 35.68
C LEU A 117 5.22 -28.31 36.81
N LYS A 118 4.09 -27.67 37.15
CA LYS A 118 3.15 -28.28 38.08
C LYS A 118 2.65 -29.61 37.55
N TYR A 119 2.42 -29.70 36.24
CA TYR A 119 1.94 -30.90 35.59
C TYR A 119 3.05 -31.69 34.92
N ASN A 120 4.31 -31.42 35.28
CA ASN A 120 5.47 -32.10 34.70
C ASN A 120 5.48 -31.98 33.18
N ILE A 121 5.21 -30.77 32.69
CA ILE A 121 5.24 -30.46 31.27
C ILE A 121 6.53 -29.72 30.98
N GLU A 122 7.34 -30.27 30.07
CA GLU A 122 8.61 -29.65 29.71
C GLU A 122 8.35 -28.39 28.90
N PRO A 123 8.84 -27.22 29.33
CA PRO A 123 8.74 -26.03 28.48
C PRO A 123 9.71 -26.11 27.32
N VAL A 124 9.24 -25.71 26.14
CA VAL A 124 10.06 -25.60 24.94
C VAL A 124 9.93 -24.15 24.47
N VAL A 125 10.96 -23.35 24.74
CA VAL A 125 10.86 -21.90 24.66
C VAL A 125 11.57 -21.42 23.40
N THR A 126 10.83 -20.77 22.51
CA THR A 126 11.40 -20.01 21.40
C THR A 126 11.73 -18.61 21.90
N ILE A 127 12.98 -18.19 21.72
CA ILE A 127 13.40 -16.92 22.29
C ILE A 127 12.85 -15.73 21.51
N SER A 128 12.86 -15.82 20.18
CA SER A 128 12.29 -14.78 19.32
C SER A 128 11.41 -15.44 18.29
N HIS A 129 10.11 -15.10 18.29
CA HIS A 129 9.12 -15.73 17.40
C HIS A 129 8.21 -14.62 16.83
N TYR A 130 8.74 -13.90 15.85
CA TYR A 130 7.96 -12.95 15.04
C TYR A 130 7.36 -11.84 15.90
N GLU A 131 8.13 -11.33 16.85
CA GLU A 131 7.60 -10.34 17.80
C GLU A 131 8.71 -9.48 18.37
N MET A 132 9.63 -9.03 17.52
CA MET A 132 10.72 -8.21 18.00
C MET A 132 10.23 -6.80 18.35
N PRO A 133 10.90 -6.12 19.28
CA PRO A 133 10.45 -4.78 19.68
C PRO A 133 10.49 -3.80 18.52
N LEU A 134 9.39 -3.06 18.36
CA LEU A 134 9.31 -2.04 17.33
C LEU A 134 10.31 -0.91 17.57
N GLY A 135 10.73 -0.71 18.81
CA GLY A 135 11.73 0.32 19.08
C GLY A 135 13.06 0.05 18.39
N LEU A 136 13.44 -1.22 18.29
CA LEU A 136 14.69 -1.57 17.62
C LEU A 136 14.60 -1.31 16.12
N ILE A 137 13.39 -1.35 15.56
CA ILE A 137 13.23 -1.05 14.13
C ILE A 137 13.41 0.45 13.89
N LYS A 138 12.72 1.28 14.67
CA LYS A 138 12.79 2.72 14.48
C LYS A 138 14.15 3.28 14.89
N LYS A 139 14.78 2.71 15.92
CA LYS A 139 16.00 3.31 16.46
C LYS A 139 17.23 2.85 15.69
N TYR A 140 17.32 1.56 15.36
CA TYR A 140 18.53 0.99 14.76
C TYR A 140 18.35 0.51 13.33
N GLY A 141 17.11 0.42 12.84
CA GLY A 141 16.86 -0.07 11.50
C GLY A 141 16.69 -1.57 11.39
N GLY A 142 16.50 -2.27 12.50
CA GLY A 142 16.26 -3.69 12.46
C GLY A 142 17.53 -4.51 12.47
N TRP A 143 17.37 -5.78 12.06
CA TRP A 143 18.46 -6.75 12.16
C TRP A 143 19.60 -6.50 11.19
N LYS A 144 19.46 -5.53 10.28
CA LYS A 144 20.60 -5.15 9.44
C LYS A 144 21.64 -4.37 10.22
N ASN A 145 21.34 -3.99 11.46
CA ASN A 145 22.29 -3.31 12.34
C ASN A 145 22.91 -4.33 13.29
N ARG A 146 24.23 -4.23 13.47
CA ARG A 146 24.93 -5.15 14.35
C ARG A 146 24.59 -4.92 15.82
N LYS A 147 24.06 -3.74 16.15
CA LYS A 147 23.71 -3.47 17.55
C LYS A 147 22.55 -4.35 18.02
N VAL A 148 21.68 -4.77 17.12
CA VAL A 148 20.56 -5.62 17.50
C VAL A 148 21.06 -6.98 17.98
N ILE A 149 22.22 -7.42 17.49
CA ILE A 149 22.84 -8.64 18.01
C ILE A 149 23.11 -8.49 19.51
N ASP A 150 23.68 -7.36 19.91
CA ASP A 150 23.96 -7.12 21.33
C ASP A 150 22.68 -7.09 22.14
N CYS A 151 21.60 -6.51 21.59
CA CYS A 151 20.33 -6.49 22.29
C CYS A 151 19.74 -7.89 22.43
N TYR A 152 19.82 -8.70 21.39
CA TYR A 152 19.31 -10.07 21.47
C TYR A 152 20.15 -10.90 22.43
N GLU A 153 21.49 -10.80 22.33
CA GLU A 153 22.35 -11.54 23.23
C GLU A 153 22.08 -11.16 24.68
N HIS A 154 21.93 -9.86 24.96
CA HIS A 154 21.51 -9.42 26.29
C HIS A 154 20.16 -10.02 26.66
N TYR A 155 19.21 -10.00 25.72
CA TYR A 155 17.89 -10.57 25.97
C TYR A 155 17.97 -12.08 26.21
N ALA A 156 18.77 -12.78 25.39
CA ALA A 156 18.91 -14.23 25.56
C ALA A 156 19.57 -14.56 26.90
N LYS A 157 20.66 -13.87 27.23
CA LYS A 157 21.32 -14.10 28.51
C LYS A 157 20.36 -13.87 29.66
N THR A 158 19.50 -12.85 29.57
CA THR A 158 18.59 -12.52 30.65
C THR A 158 17.63 -13.67 30.93
N VAL A 159 16.99 -14.20 29.87
CA VAL A 159 16.02 -15.27 30.09
C VAL A 159 16.70 -16.59 30.40
N PHE A 160 17.93 -16.80 29.92
CA PHE A 160 18.68 -18.00 30.27
C PHE A 160 18.92 -18.07 31.77
N THR A 161 19.45 -16.99 32.35
CA THR A 161 19.71 -16.98 33.80
C THR A 161 18.41 -17.03 34.59
N ARG A 162 17.37 -16.33 34.13
CA ARG A 162 16.14 -16.25 34.90
C ARG A 162 15.43 -17.60 34.98
N TYR A 163 15.51 -18.41 33.93
CA TYR A 163 14.81 -19.68 33.86
C TYR A 163 15.76 -20.86 33.71
N LYS A 164 16.93 -20.77 34.34
CA LYS A 164 17.92 -21.84 34.23
C LYS A 164 17.44 -23.13 34.88
N GLU A 165 16.56 -23.03 35.87
CA GLU A 165 16.06 -24.18 36.60
C GLU A 165 14.74 -24.71 36.08
N LYS A 166 14.18 -24.11 35.01
CA LYS A 166 12.82 -24.42 34.61
C LYS A 166 12.73 -24.85 33.15
N VAL A 167 13.55 -24.27 32.28
CA VAL A 167 13.48 -24.51 30.85
C VAL A 167 14.80 -25.13 30.39
N LYS A 168 14.72 -26.33 29.82
CA LYS A 168 15.89 -27.02 29.29
C LYS A 168 15.91 -27.11 27.76
N TYR A 169 14.79 -26.87 27.09
CA TYR A 169 14.72 -26.91 25.64
C TYR A 169 14.45 -25.50 25.12
N TRP A 170 15.40 -24.97 24.35
CA TRP A 170 15.29 -23.64 23.79
C TRP A 170 15.47 -23.68 22.28
N MET A 171 14.85 -22.72 21.61
CA MET A 171 15.11 -22.43 20.21
C MET A 171 15.37 -20.94 20.07
N THR A 172 16.41 -20.59 19.31
CA THR A 172 16.84 -19.20 19.23
C THR A 172 15.85 -18.35 18.44
N PHE A 173 15.64 -18.68 17.17
CA PHE A 173 14.75 -17.93 16.30
C PHE A 173 13.79 -18.89 15.60
N ASN A 174 12.55 -18.44 15.44
CA ASN A 174 11.54 -19.21 14.71
C ASN A 174 11.66 -18.87 13.23
N GLU A 175 12.23 -19.80 12.45
CA GLU A 175 12.29 -19.68 11.00
C GLU A 175 13.00 -18.40 10.57
N ILE A 176 14.34 -18.41 10.63
CA ILE A 176 15.12 -17.25 10.21
C ILE A 176 14.81 -16.87 8.77
N ASN A 177 14.49 -17.87 7.93
CA ASN A 177 14.20 -17.63 6.52
C ASN A 177 13.08 -16.63 6.31
N MET A 178 12.22 -16.42 7.32
CA MET A 178 11.14 -15.44 7.20
C MET A 178 11.63 -14.05 6.84
N VAL A 179 12.90 -13.73 7.12
CA VAL A 179 13.46 -12.43 6.75
C VAL A 179 13.47 -12.26 5.23
N LEU A 180 13.48 -13.34 4.47
CA LEU A 180 13.50 -13.26 3.02
C LEU A 180 12.12 -13.18 2.39
N HIS A 181 11.07 -13.50 3.15
CA HIS A 181 9.69 -13.46 2.65
C HIS A 181 8.87 -12.33 3.24
N ALA A 182 9.00 -12.07 4.53
CA ALA A 182 8.35 -10.95 5.20
C ALA A 182 9.42 -10.18 5.97
N PRO A 183 10.15 -9.29 5.29
CA PRO A 183 11.30 -8.65 5.93
C PRO A 183 10.95 -7.82 7.16
N PHE A 184 9.74 -7.27 7.22
CA PHE A 184 9.35 -6.48 8.39
C PHE A 184 9.27 -7.35 9.64
N THR A 185 8.62 -8.51 9.53
CA THR A 185 8.51 -9.41 10.67
C THR A 185 9.78 -10.23 10.86
N GLY A 186 10.37 -10.68 9.75
CA GLY A 186 11.51 -11.59 9.85
C GLY A 186 12.76 -10.94 10.44
N GLY A 187 13.02 -9.69 10.06
CA GLY A 187 14.23 -9.03 10.51
C GLY A 187 14.05 -7.56 10.88
N GLY A 188 12.81 -7.09 10.90
CA GLY A 188 12.54 -5.70 11.23
C GLY A 188 13.07 -4.72 10.20
N LEU A 189 12.84 -5.00 8.92
CA LEU A 189 13.42 -4.22 7.84
C LEU A 189 12.36 -3.47 7.05
N VAL A 190 12.68 -2.23 6.68
CA VAL A 190 11.96 -1.50 5.65
C VAL A 190 13.00 -0.96 4.67
N PHE A 191 12.68 -1.01 3.38
CA PHE A 191 13.62 -0.66 2.34
C PHE A 191 13.45 0.81 1.96
N GLU A 192 14.45 1.62 2.29
CA GLU A 192 14.41 3.03 1.95
C GLU A 192 14.81 3.24 0.49
N GLU A 193 14.83 4.50 0.07
CA GLU A 193 15.12 4.81 -1.34
C GLU A 193 16.55 4.43 -1.70
N GLY A 194 16.69 3.67 -2.78
CA GLY A 194 17.98 3.24 -3.26
C GLY A 194 18.60 2.08 -2.50
N GLU A 195 17.99 1.63 -1.40
CA GLU A 195 18.56 0.57 -0.59
C GLU A 195 18.46 -0.76 -1.32
N ASN A 196 19.58 -1.48 -1.41
CA ASN A 196 19.59 -2.80 -2.03
C ASN A 196 18.83 -3.78 -1.16
N LYS A 197 17.76 -4.38 -1.72
CA LYS A 197 16.85 -5.17 -0.91
C LYS A 197 17.45 -6.53 -0.56
N LEU A 198 18.01 -7.22 -1.54
CA LEU A 198 18.61 -8.54 -1.27
C LEU A 198 19.80 -8.41 -0.31
N ASN A 199 20.59 -7.34 -0.46
CA ASN A 199 21.72 -7.14 0.43
C ASN A 199 21.27 -6.98 1.87
N ALA A 200 20.30 -6.09 2.11
CA ALA A 200 19.84 -5.83 3.47
C ALA A 200 19.26 -7.09 4.11
N MET A 201 18.49 -7.87 3.34
CA MET A 201 17.87 -9.06 3.91
C MET A 201 18.90 -10.11 4.29
N TYR A 202 19.85 -10.39 3.39
CA TYR A 202 20.88 -11.37 3.71
C TYR A 202 21.88 -10.82 4.73
N GLN A 203 22.06 -9.50 4.77
CA GLN A 203 22.83 -8.90 5.85
C GLN A 203 22.16 -9.14 7.20
N ALA A 204 20.84 -8.98 7.25
CA ALA A 204 20.11 -9.24 8.48
C ALA A 204 20.12 -10.72 8.82
N ALA A 205 20.06 -11.59 7.80
CA ALA A 205 20.13 -13.03 8.04
C ALA A 205 21.45 -13.42 8.67
N HIS A 206 22.55 -12.76 8.25
CA HIS A 206 23.85 -13.04 8.84
C HIS A 206 23.89 -12.64 10.31
N HIS A 207 23.39 -11.44 10.62
CA HIS A 207 23.31 -11.02 12.01
C HIS A 207 22.45 -11.96 12.82
N LEU A 208 21.35 -12.45 12.23
CA LEU A 208 20.53 -13.45 12.90
C LEU A 208 21.31 -14.75 13.11
N PHE A 209 22.12 -15.14 12.13
CA PHE A 209 22.98 -16.31 12.28
C PHE A 209 23.95 -16.13 13.44
N VAL A 210 24.62 -14.97 13.49
CA VAL A 210 25.62 -14.73 14.53
C VAL A 210 24.96 -14.62 15.89
N ALA A 211 23.83 -13.90 15.97
CA ALA A 211 23.13 -13.76 17.25
C ALA A 211 22.64 -15.11 17.76
N SER A 212 22.18 -15.98 16.87
CA SER A 212 21.71 -17.30 17.28
C SER A 212 22.85 -18.16 17.77
N ALA A 213 24.03 -18.03 17.15
CA ALA A 213 25.20 -18.78 17.62
C ALA A 213 25.67 -18.27 18.97
N LEU A 214 25.59 -16.97 19.20
CA LEU A 214 25.94 -16.42 20.50
C LEU A 214 24.97 -16.87 21.58
N ALA A 215 23.71 -17.09 21.22
CA ALA A 215 22.74 -17.59 22.18
C ALA A 215 22.99 -19.05 22.53
N VAL A 216 23.46 -19.85 21.56
CA VAL A 216 23.88 -21.22 21.86
C VAL A 216 25.04 -21.22 22.84
N LYS A 217 26.02 -20.33 22.60
CA LYS A 217 27.16 -20.23 23.50
C LYS A 217 26.73 -19.77 24.88
N ALA A 218 25.87 -18.75 24.94
CA ALA A 218 25.39 -18.26 26.23
C ALA A 218 24.50 -19.28 26.92
N GLY A 219 23.66 -19.98 26.13
CA GLY A 219 22.76 -20.95 26.72
C GLY A 219 23.50 -22.13 27.34
N HIS A 220 24.52 -22.63 26.65
CA HIS A 220 25.30 -23.74 27.19
C HIS A 220 26.12 -23.31 28.40
N ASP A 221 26.59 -22.06 28.42
CA ASP A 221 27.36 -21.57 29.56
C ASP A 221 26.47 -21.39 30.79
N ILE A 222 25.26 -20.86 30.59
CA ILE A 222 24.39 -20.54 31.72
C ILE A 222 23.64 -21.78 32.19
N ILE A 223 23.07 -22.54 31.26
CA ILE A 223 22.36 -23.77 31.59
C ILE A 223 23.16 -24.95 31.04
N PRO A 224 23.88 -25.69 31.88
CA PRO A 224 24.77 -26.73 31.35
C PRO A 224 24.06 -27.86 30.63
N ASP A 225 22.89 -28.28 31.12
CA ASP A 225 22.15 -29.39 30.54
C ASP A 225 21.14 -28.95 29.50
N ALA A 226 21.21 -27.70 29.05
CA ALA A 226 20.23 -27.20 28.09
C ALA A 226 20.54 -27.68 26.68
N LYS A 227 19.48 -27.90 25.91
CA LYS A 227 19.58 -28.26 24.50
C LYS A 227 18.97 -27.12 23.69
N ILE A 228 19.84 -26.34 23.03
CA ILE A 228 19.42 -25.19 22.25
C ILE A 228 19.43 -25.58 20.77
N GLY A 229 18.27 -25.45 20.11
CA GLY A 229 18.10 -25.96 18.77
C GLY A 229 17.75 -24.85 17.78
N CYS A 230 17.76 -25.20 16.50
CA CYS A 230 17.37 -24.27 15.46
C CYS A 230 15.89 -24.44 15.15
N MET A 231 15.39 -23.64 14.23
CA MET A 231 14.02 -23.77 13.76
C MET A 231 13.96 -23.34 12.30
N ILE A 232 13.60 -24.27 11.42
CA ILE A 232 13.41 -24.00 10.01
C ILE A 232 12.04 -24.49 9.61
N ALA A 233 11.48 -23.88 8.57
CA ALA A 233 10.23 -24.34 7.99
C ALA A 233 10.56 -25.26 6.81
N ALA A 234 10.31 -26.56 6.99
CA ALA A 234 10.67 -27.54 5.97
C ALA A 234 9.99 -27.21 4.65
N THR A 235 10.78 -27.19 3.58
CA THR A 235 10.27 -26.90 2.25
C THR A 235 10.45 -28.10 1.34
N THR A 236 9.89 -29.24 1.74
CA THR A 236 10.01 -30.46 0.95
C THR A 236 9.35 -30.28 -0.41
N THR A 237 10.14 -30.39 -1.47
CA THR A 237 9.69 -30.12 -2.82
C THR A 237 10.00 -31.30 -3.71
N TYR A 238 8.99 -31.75 -4.48
CA TYR A 238 9.15 -32.80 -5.46
C TYR A 238 9.25 -32.22 -6.86
N PRO A 239 9.98 -32.86 -7.77
CA PRO A 239 9.98 -32.41 -9.16
C PRO A 239 8.70 -32.83 -9.86
N MET A 240 8.07 -31.88 -10.57
CA MET A 240 6.84 -32.19 -11.29
C MET A 240 7.06 -33.27 -12.34
N THR A 241 8.18 -33.20 -13.05
CA THR A 241 8.53 -34.14 -14.10
C THR A 241 9.91 -34.72 -13.83
N PRO A 242 10.24 -35.87 -14.41
CA PRO A 242 11.61 -36.40 -14.27
C PRO A 242 12.63 -35.67 -15.11
N LYS A 243 12.26 -34.53 -15.69
CA LYS A 243 13.22 -33.73 -16.43
C LYS A 243 14.29 -33.20 -15.49
N PRO A 244 15.58 -33.31 -15.85
CA PRO A 244 16.63 -32.88 -14.91
C PRO A 244 16.54 -31.42 -14.52
N GLU A 245 15.97 -30.57 -15.38
CA GLU A 245 15.79 -29.17 -15.02
C GLU A 245 14.82 -29.01 -13.86
N ASP A 246 13.80 -29.86 -13.78
CA ASP A 246 12.86 -29.81 -12.65
C ASP A 246 13.46 -30.46 -11.41
N VAL A 247 14.28 -31.49 -11.57
CA VAL A 247 14.97 -32.08 -10.43
C VAL A 247 15.90 -31.05 -9.78
N LEU A 248 16.64 -30.31 -10.62
CA LEU A 248 17.48 -29.24 -10.09
C LEU A 248 16.64 -28.11 -9.49
N ALA A 249 15.43 -27.89 -10.03
CA ALA A 249 14.56 -26.86 -9.48
C ALA A 249 14.06 -27.24 -8.09
N ALA A 250 13.64 -28.50 -7.93
CA ALA A 250 13.21 -28.97 -6.61
C ALA A 250 14.37 -28.94 -5.62
N MET A 251 15.57 -29.31 -6.07
CA MET A 251 16.75 -29.25 -5.22
C MET A 251 17.03 -27.81 -4.78
N GLU A 252 16.90 -26.86 -5.71
CA GLU A 252 17.19 -25.47 -5.38
C GLU A 252 16.17 -24.90 -4.41
N ASN A 253 14.90 -25.27 -4.56
CA ASN A 253 13.87 -24.77 -3.64
C ASN A 253 14.05 -25.36 -2.26
N GLU A 254 14.48 -26.62 -2.16
CA GLU A 254 14.78 -27.20 -0.87
C GLU A 254 15.98 -26.53 -0.22
N ARG A 255 16.95 -26.12 -1.05
CA ARG A 255 18.13 -25.43 -0.53
C ARG A 255 17.79 -24.04 0.02
N ARG A 256 16.63 -23.48 -0.36
CA ARG A 256 16.24 -22.18 0.17
C ARG A 256 16.09 -22.21 1.69
N THR A 257 15.76 -23.37 2.26
CA THR A 257 15.69 -23.54 3.70
C THR A 257 16.88 -24.27 4.27
N LEU A 258 17.43 -25.25 3.54
CA LEU A 258 18.57 -26.00 4.04
C LEU A 258 19.79 -25.11 4.25
N PHE A 259 19.88 -24.00 3.50
CA PHE A 259 20.95 -23.03 3.72
C PHE A 259 20.98 -22.56 5.18
N PHE A 260 19.81 -22.28 5.74
CA PHE A 260 19.75 -21.79 7.11
C PHE A 260 20.13 -22.89 8.11
N SER A 261 19.58 -24.08 7.92
CA SER A 261 19.94 -25.20 8.80
C SER A 261 21.38 -25.64 8.54
N ASP A 262 21.92 -25.39 7.34
CA ASP A 262 23.33 -25.66 7.10
C ASP A 262 24.21 -24.77 7.97
N VAL A 263 23.90 -23.48 8.02
CA VAL A 263 24.69 -22.56 8.84
C VAL A 263 24.50 -22.85 10.32
N GLN A 264 23.25 -23.13 10.73
CA GLN A 264 22.96 -23.29 12.14
C GLN A 264 23.45 -24.64 12.68
N ALA A 265 23.33 -25.70 11.89
CA ALA A 265 23.67 -27.04 12.37
C ALA A 265 25.07 -27.49 11.96
N ARG A 266 25.56 -27.09 10.79
CA ARG A 266 26.90 -27.47 10.35
C ARG A 266 27.95 -26.42 10.69
N GLY A 267 27.57 -25.15 10.75
CA GLY A 267 28.45 -24.12 11.26
C GLY A 267 29.13 -23.24 10.24
N ALA A 268 28.69 -23.23 8.99
CA ALA A 268 29.36 -22.43 7.98
C ALA A 268 28.40 -22.20 6.81
N TYR A 269 28.67 -21.14 6.07
CA TYR A 269 27.96 -20.89 4.82
C TYR A 269 28.30 -21.99 3.82
N PRO A 270 27.32 -22.71 3.29
CA PRO A 270 27.64 -23.77 2.33
C PRO A 270 28.17 -23.21 1.02
N GLY A 271 28.83 -24.09 0.27
CA GLY A 271 29.49 -23.66 -0.96
C GLY A 271 28.52 -23.13 -2.00
N TYR A 272 27.36 -23.78 -2.13
CA TYR A 272 26.39 -23.37 -3.15
C TYR A 272 25.83 -21.97 -2.91
N MET A 273 26.09 -21.38 -1.75
CA MET A 273 25.70 -20.00 -1.50
C MET A 273 26.73 -18.99 -1.99
N LYS A 274 27.98 -19.41 -2.20
CA LYS A 274 28.98 -18.50 -2.72
C LYS A 274 28.63 -18.04 -4.14
N ARG A 275 28.10 -18.95 -4.95
CA ARG A 275 27.73 -18.58 -6.32
C ARG A 275 26.37 -17.89 -6.39
N PHE A 276 25.45 -18.24 -5.48
CA PHE A 276 24.18 -17.52 -5.41
C PHE A 276 24.41 -16.06 -5.03
N PHE A 277 25.37 -15.82 -4.13
CA PHE A 277 25.73 -14.45 -3.78
C PHE A 277 26.47 -13.76 -4.92
N LYS A 278 27.22 -14.52 -5.72
CA LYS A 278 27.97 -13.92 -6.81
C LYS A 278 27.08 -13.63 -8.02
N GLU A 279 26.24 -14.60 -8.40
CA GLU A 279 25.37 -14.43 -9.55
C GLU A 279 24.29 -13.38 -9.32
N ASN A 280 24.01 -13.03 -8.07
CA ASN A 280 23.22 -11.86 -7.74
C ASN A 280 24.15 -10.76 -7.25
N GLY A 281 23.59 -9.59 -7.00
CA GLY A 281 24.39 -8.46 -6.53
C GLY A 281 24.58 -8.43 -5.04
N ILE A 282 24.60 -9.60 -4.41
CA ILE A 282 24.55 -9.71 -2.96
C ILE A 282 25.97 -9.73 -2.40
N THR A 283 26.31 -8.67 -1.66
CA THR A 283 27.52 -8.63 -0.85
C THR A 283 27.13 -8.48 0.62
N ILE A 284 27.81 -9.22 1.49
CA ILE A 284 27.44 -9.30 2.89
C ILE A 284 28.64 -8.86 3.72
N GLU A 285 28.49 -7.75 4.44
CA GLU A 285 29.52 -7.30 5.36
C GLU A 285 29.64 -8.28 6.52
N MET A 286 30.85 -8.77 6.75
CA MET A 286 31.10 -9.81 7.74
C MET A 286 32.26 -9.40 8.63
N ALA A 287 32.11 -9.59 9.93
CA ALA A 287 33.15 -9.28 10.89
C ALA A 287 34.08 -10.46 11.07
N GLU A 288 35.36 -10.17 11.33
CA GLU A 288 36.31 -11.23 11.64
C GLU A 288 35.93 -11.90 12.96
N GLY A 289 36.05 -13.21 13.00
CA GLY A 289 35.60 -13.98 14.14
C GLY A 289 34.14 -14.41 14.07
N ASP A 290 33.37 -13.89 13.12
CA ASP A 290 32.00 -14.36 12.95
C ASP A 290 31.98 -15.80 12.45
N GLU A 291 32.94 -16.17 11.61
CA GLU A 291 32.98 -17.54 11.08
C GLU A 291 33.23 -18.55 12.18
N ASP A 292 34.10 -18.21 13.15
CA ASP A 292 34.37 -19.14 14.24
C ASP A 292 33.21 -19.19 15.24
N ILE A 293 32.51 -18.08 15.43
CA ILE A 293 31.30 -18.09 16.27
C ILE A 293 30.26 -19.01 15.65
N LEU A 294 30.09 -18.95 14.33
CA LEU A 294 29.10 -19.79 13.67
C LEU A 294 29.48 -21.26 13.71
N LYS A 295 30.77 -21.58 13.68
CA LYS A 295 31.22 -22.96 13.62
C LYS A 295 31.38 -23.61 14.99
N GLU A 296 31.76 -22.84 16.00
CA GLU A 296 32.02 -23.40 17.33
C GLU A 296 30.76 -23.54 18.18
N ASN A 297 29.63 -22.99 17.73
CA ASN A 297 28.40 -22.98 18.52
C ASN A 297 27.22 -23.43 17.68
N THR A 298 27.38 -24.59 17.02
CA THR A 298 26.28 -25.20 16.29
C THR A 298 25.17 -25.63 17.25
N VAL A 299 23.96 -25.69 16.73
CA VAL A 299 22.80 -26.00 17.59
C VAL A 299 22.76 -27.48 17.92
N ASP A 300 22.06 -27.80 19.02
CA ASP A 300 22.03 -29.17 19.52
C ASP A 300 21.02 -30.03 18.77
N TYR A 301 19.92 -29.44 18.29
CA TYR A 301 18.92 -30.19 17.56
C TYR A 301 18.32 -29.30 16.49
N ILE A 302 17.55 -29.90 15.59
CA ILE A 302 16.93 -29.21 14.48
C ILE A 302 15.42 -29.29 14.66
N GLY A 303 14.84 -28.24 15.23
CA GLY A 303 13.40 -28.10 15.23
C GLY A 303 12.92 -27.64 13.87
N PHE A 304 11.78 -28.17 13.43
CA PHE A 304 11.25 -27.79 12.14
C PHE A 304 9.74 -27.97 12.12
N SER A 305 9.12 -27.29 11.17
CA SER A 305 7.69 -27.36 10.93
C SER A 305 7.43 -28.08 9.62
N TYR A 306 6.23 -28.66 9.51
CA TYR A 306 5.81 -29.30 8.27
C TYR A 306 4.30 -29.24 8.18
N TYR A 307 3.79 -28.79 7.04
CA TYR A 307 2.36 -28.74 6.78
C TYR A 307 1.97 -29.42 5.49
N MET A 308 2.80 -29.32 4.45
CA MET A 308 2.44 -29.82 3.13
C MET A 308 3.68 -29.95 2.27
N SER A 309 3.55 -30.73 1.20
CA SER A 309 4.60 -30.84 0.19
C SER A 309 4.47 -29.70 -0.81
N MET A 310 5.41 -29.65 -1.76
CA MET A 310 5.37 -28.68 -2.84
C MET A 310 5.90 -29.34 -4.10
N VAL A 311 5.66 -28.69 -5.24
CA VAL A 311 6.11 -29.19 -6.53
C VAL A 311 6.79 -28.06 -7.29
N ALA A 312 7.77 -28.43 -8.11
CA ALA A 312 8.51 -27.49 -8.94
C ALA A 312 8.44 -27.92 -10.40
N SER A 313 8.17 -26.97 -11.28
CA SER A 313 8.05 -27.26 -12.70
C SER A 313 8.59 -26.12 -13.54
N ILE A 344 -2.13 -31.51 1.56
CA ILE A 344 -2.13 -32.62 2.50
C ILE A 344 -1.28 -33.76 1.99
N ASP A 345 -0.24 -34.11 2.74
CA ASP A 345 0.69 -35.18 2.36
C ASP A 345 1.35 -35.74 3.62
N PRO A 346 0.76 -36.76 4.25
CA PRO A 346 1.40 -37.32 5.45
C PRO A 346 2.72 -38.02 5.16
N LYS A 347 2.83 -38.73 4.03
CA LYS A 347 4.08 -39.40 3.69
C LYS A 347 5.22 -38.42 3.50
N GLY A 348 4.92 -37.16 3.18
CA GLY A 348 5.97 -36.17 2.99
C GLY A 348 6.71 -35.83 4.27
N ILE A 349 6.05 -35.97 5.42
CA ILE A 349 6.75 -35.72 6.69
C ILE A 349 7.75 -36.84 6.97
N ARG A 350 7.52 -38.04 6.44
CA ARG A 350 8.51 -39.10 6.54
C ARG A 350 9.70 -38.81 5.63
N ILE A 351 9.43 -38.26 4.45
CA ILE A 351 10.51 -37.87 3.55
C ILE A 351 11.33 -36.74 4.17
N THR A 352 10.66 -35.78 4.81
CA THR A 352 11.36 -34.65 5.42
C THR A 352 12.23 -35.10 6.59
N LEU A 353 11.72 -36.01 7.42
CA LEU A 353 12.49 -36.48 8.57
C LEU A 353 13.74 -37.23 8.12
N ASN A 354 13.60 -38.08 7.10
CA ASN A 354 14.76 -38.81 6.59
C ASN A 354 15.74 -37.87 5.89
N THR A 355 15.23 -36.93 5.10
CA THR A 355 16.11 -36.00 4.39
C THR A 355 16.92 -35.15 5.37
N LEU A 356 16.28 -34.64 6.42
CA LEU A 356 17.00 -33.81 7.38
C LEU A 356 18.00 -34.62 8.18
N TYR A 357 17.61 -35.82 8.62
CA TYR A 357 18.50 -36.62 9.44
C TYR A 357 19.66 -37.19 8.64
N ASP A 358 19.41 -37.56 7.39
CA ASP A 358 20.50 -38.04 6.54
C ASP A 358 21.55 -36.96 6.33
N ARG A 359 21.12 -35.70 6.20
CA ARG A 359 22.06 -34.63 5.91
C ARG A 359 22.83 -34.20 7.15
N TYR A 360 22.16 -34.07 8.28
CA TYR A 360 22.77 -33.47 9.46
C TYR A 360 23.17 -34.46 10.53
N GLN A 361 22.51 -35.63 10.61
CA GLN A 361 22.82 -36.64 11.60
C GLN A 361 22.72 -36.07 13.02
N LYS A 362 21.68 -35.28 13.26
CA LYS A 362 21.45 -34.65 14.55
C LYS A 362 20.01 -34.86 14.97
N PRO A 363 19.74 -34.84 16.28
CA PRO A 363 18.35 -35.02 16.75
C PRO A 363 17.43 -33.98 16.14
N LEU A 364 16.24 -34.43 15.75
CA LEU A 364 15.22 -33.57 15.17
C LEU A 364 14.08 -33.36 16.16
N PHE A 365 13.25 -32.37 15.86
CA PHE A 365 12.11 -32.03 16.71
C PHE A 365 11.04 -31.41 15.82
N ILE A 366 9.92 -32.09 15.68
CA ILE A 366 8.77 -31.52 14.98
C ILE A 366 8.10 -30.54 15.93
N VAL A 367 8.23 -29.25 15.66
CA VAL A 367 7.73 -28.21 16.55
C VAL A 367 6.46 -27.54 16.03
N GLU A 368 6.09 -27.75 14.78
CA GLU A 368 4.81 -27.26 14.25
C GLU A 368 4.28 -28.26 13.24
N ASN A 369 3.01 -28.64 13.37
CA ASN A 369 2.33 -29.49 12.42
C ASN A 369 0.86 -29.55 12.79
N GLY A 370 -0.01 -29.43 11.80
CA GLY A 370 -1.43 -29.48 12.08
C GLY A 370 -2.24 -29.08 10.86
N LEU A 371 -3.56 -29.10 11.04
CA LEU A 371 -4.51 -28.77 9.99
C LEU A 371 -5.35 -27.59 10.45
N GLY A 372 -5.26 -26.48 9.73
CA GLY A 372 -6.14 -25.35 9.96
C GLY A 372 -7.39 -25.51 9.12
N ALA A 373 -8.55 -25.39 9.77
CA ALA A 373 -9.82 -25.59 9.08
C ALA A 373 -10.93 -24.91 9.86
N VAL A 374 -12.07 -24.76 9.18
CA VAL A 374 -13.24 -24.12 9.80
C VAL A 374 -13.91 -25.12 10.72
N ASP A 375 -14.23 -24.67 11.94
CA ASP A 375 -14.95 -25.47 12.90
C ASP A 375 -16.41 -25.03 12.97
N VAL A 376 -17.30 -25.98 13.23
CA VAL A 376 -18.72 -25.71 13.41
C VAL A 376 -19.12 -26.23 14.79
N VAL A 377 -19.66 -25.34 15.61
CA VAL A 377 -20.14 -25.72 16.93
C VAL A 377 -21.54 -26.29 16.79
N GLU A 378 -21.72 -27.55 17.21
CA GLU A 378 -23.00 -28.22 17.07
C GLU A 378 -24.02 -27.65 18.06
N GLU A 379 -25.25 -28.16 17.95
CA GLU A 379 -26.31 -27.70 18.84
C GLU A 379 -26.04 -28.08 20.29
N ASP A 380 -25.36 -29.20 20.52
CA ASP A 380 -25.03 -29.63 21.88
C ASP A 380 -23.71 -29.03 22.37
N GLY A 381 -23.11 -28.12 21.62
CA GLY A 381 -21.90 -27.44 22.03
C GLY A 381 -20.60 -28.16 21.67
N SER A 382 -20.67 -29.29 20.99
CA SER A 382 -19.49 -30.06 20.65
C SER A 382 -18.92 -29.60 19.30
N ILE A 383 -17.69 -30.05 19.02
CA ILE A 383 -17.02 -29.79 17.75
C ILE A 383 -16.53 -31.14 17.23
N GLN A 384 -17.13 -31.61 16.13
CA GLN A 384 -16.78 -32.90 15.55
C GLN A 384 -15.77 -32.66 14.43
N ASP A 385 -14.50 -32.58 14.82
CA ASP A 385 -13.43 -32.28 13.87
C ASP A 385 -12.68 -33.55 13.46
N ASP A 386 -13.43 -34.45 12.80
CA ASP A 386 -12.80 -35.65 12.25
C ASP A 386 -11.80 -35.29 11.16
N TYR A 387 -12.02 -34.19 10.45
CA TYR A 387 -11.08 -33.75 9.42
C TYR A 387 -9.70 -33.47 10.01
N ARG A 388 -9.65 -32.88 11.21
CA ARG A 388 -8.38 -32.61 11.86
C ARG A 388 -7.78 -33.88 12.45
N ILE A 389 -8.61 -34.81 12.91
CA ILE A 389 -8.10 -36.08 13.43
C ILE A 389 -7.41 -36.87 12.32
N ASN A 390 -8.01 -36.88 11.12
CA ASN A 390 -7.44 -37.63 10.01
C ASN A 390 -6.06 -37.10 9.62
N TYR A 391 -5.92 -35.77 9.55
CA TYR A 391 -4.63 -35.18 9.23
C TYR A 391 -3.57 -35.57 10.24
N LEU A 392 -3.89 -35.42 11.53
CA LEU A 392 -2.91 -35.68 12.58
C LEU A 392 -2.59 -37.17 12.68
N ARG A 393 -3.59 -38.03 12.51
CA ARG A 393 -3.36 -39.47 12.62
C ARG A 393 -2.46 -39.96 11.48
N ASP A 394 -2.77 -39.56 10.24
CA ASP A 394 -1.97 -40.02 9.11
C ASP A 394 -0.55 -39.48 9.18
N HIS A 395 -0.37 -38.22 9.57
CA HIS A 395 0.97 -37.67 9.67
C HIS A 395 1.77 -38.32 10.78
N LEU A 396 1.11 -38.72 11.88
CA LEU A 396 1.81 -39.38 12.96
C LEU A 396 2.12 -40.83 12.66
N LYS A 397 1.26 -41.50 11.86
CA LYS A 397 1.61 -42.83 11.37
C LYS A 397 2.87 -42.80 10.52
N GLU A 398 3.04 -41.73 9.74
CA GLU A 398 4.24 -41.57 8.92
C GLU A 398 5.44 -41.12 9.75
N VAL A 399 5.19 -40.41 10.85
CA VAL A 399 6.28 -40.06 11.76
C VAL A 399 6.83 -41.32 12.42
N ARG A 400 5.95 -42.25 12.79
CA ARG A 400 6.41 -43.51 13.38
C ARG A 400 7.21 -44.33 12.39
N GLU A 401 6.93 -44.20 11.09
CA GLU A 401 7.71 -44.90 10.08
C GLU A 401 9.13 -44.33 10.00
N ALA A 402 9.26 -43.00 10.04
CA ALA A 402 10.58 -42.39 10.01
C ALA A 402 11.40 -42.77 11.24
N ILE A 403 10.74 -42.88 12.40
CA ILE A 403 11.43 -43.38 13.59
C ILE A 403 11.89 -44.81 13.37
N ALA A 404 11.04 -45.62 12.71
CA ALA A 404 11.45 -46.98 12.35
C ALA A 404 12.60 -46.96 11.34
N ASP A 405 12.69 -45.92 10.52
CA ASP A 405 13.84 -45.74 9.64
C ASP A 405 15.11 -45.39 10.40
N GLY A 406 15.02 -45.16 11.71
CA GLY A 406 16.17 -44.80 12.51
C GLY A 406 16.36 -43.33 12.77
N VAL A 407 15.40 -42.49 12.35
CA VAL A 407 15.52 -41.06 12.59
C VAL A 407 15.45 -40.77 14.09
N ASP A 408 16.34 -39.90 14.56
CA ASP A 408 16.40 -39.52 15.97
C ASP A 408 15.47 -38.32 16.17
N LEU A 409 14.30 -38.58 16.74
CA LEU A 409 13.27 -37.55 16.92
C LEU A 409 13.02 -37.34 18.40
N ILE A 410 13.19 -36.10 18.86
CA ILE A 410 12.99 -35.80 20.28
C ILE A 410 11.52 -35.87 20.65
N GLY A 411 10.67 -35.17 19.90
CA GLY A 411 9.26 -35.14 20.23
C GLY A 411 8.43 -34.63 19.08
N TYR A 412 7.20 -34.24 19.42
CA TYR A 412 6.25 -33.76 18.42
C TYR A 412 5.26 -32.85 19.12
N THR A 413 5.28 -31.56 18.78
CA THR A 413 4.31 -30.59 19.29
C THR A 413 3.52 -30.04 18.11
N SER A 414 2.25 -30.42 18.04
CA SER A 414 1.39 -29.90 16.97
C SER A 414 1.17 -28.40 17.17
N TRP A 415 0.95 -27.70 16.06
CA TRP A 415 0.82 -26.25 16.10
C TRP A 415 -0.55 -25.86 16.66
N GLY A 416 -0.54 -24.91 17.59
CA GLY A 416 -1.74 -24.39 18.20
C GLY A 416 -2.66 -25.46 18.71
N PRO A 417 -2.29 -26.11 19.83
CA PRO A 417 -3.21 -27.05 20.46
C PRO A 417 -4.48 -26.37 20.97
N ILE A 418 -4.42 -25.08 21.24
CA ILE A 418 -5.59 -24.26 21.52
C ILE A 418 -5.73 -23.24 20.40
N ASP A 419 -6.97 -22.95 20.01
CA ASP A 419 -7.21 -22.03 18.91
C ASP A 419 -6.52 -20.69 19.16
N LEU A 420 -5.81 -20.21 18.15
CA LEU A 420 -5.01 -19.00 18.26
C LEU A 420 -5.29 -18.06 17.09
N VAL A 421 -4.68 -16.89 17.16
CA VAL A 421 -4.73 -15.93 16.06
C VAL A 421 -3.67 -16.32 15.04
N SER A 422 -4.07 -16.52 13.79
CA SER A 422 -3.17 -17.02 12.77
C SER A 422 -2.04 -16.03 12.51
N ALA A 423 -0.88 -16.57 12.15
CA ALA A 423 0.27 -15.71 11.88
C ALA A 423 0.17 -15.01 10.53
N SER A 424 -0.39 -15.71 9.54
CA SER A 424 -0.37 -15.18 8.17
C SER A 424 -1.35 -14.03 7.99
N THR A 425 -2.56 -14.14 8.54
CA THR A 425 -3.59 -13.15 8.30
C THR A 425 -4.21 -12.57 9.58
N ALA A 426 -3.72 -12.96 10.75
CA ALA A 426 -4.25 -12.48 12.04
C ALA A 426 -5.75 -12.74 12.14
N GLU A 427 -6.12 -14.01 12.00
CA GLU A 427 -7.51 -14.43 11.99
C GLU A 427 -7.71 -15.56 13.00
N MET A 428 -8.99 -15.81 13.31
CA MET A 428 -9.38 -16.93 14.16
C MET A 428 -10.07 -18.05 13.38
N LYS A 429 -10.60 -17.76 12.19
CA LYS A 429 -11.43 -18.74 11.48
C LYS A 429 -10.63 -19.99 11.12
N LYS A 430 -9.36 -19.83 10.78
CA LYS A 430 -8.49 -20.96 10.47
C LYS A 430 -8.02 -21.56 11.79
N ARG A 431 -8.71 -22.59 12.27
CA ARG A 431 -8.48 -23.14 13.60
C ARG A 431 -7.62 -24.38 13.54
N TYR A 432 -6.65 -24.46 14.45
CA TYR A 432 -5.74 -25.59 14.57
C TYR A 432 -5.96 -26.42 15.83
N GLY A 433 -6.75 -25.92 16.78
CA GLY A 433 -6.65 -26.42 18.14
C GLY A 433 -7.37 -27.73 18.36
N TYR A 434 -6.91 -28.44 19.39
CA TYR A 434 -7.74 -29.45 20.04
C TYR A 434 -8.80 -28.81 20.93
N ILE A 435 -8.59 -27.55 21.30
CA ILE A 435 -9.49 -26.80 22.17
C ILE A 435 -10.06 -25.63 21.38
N TYR A 436 -11.38 -25.51 21.37
CA TYR A 436 -12.06 -24.43 20.66
C TYR A 436 -12.14 -23.19 21.54
N VAL A 437 -11.87 -22.03 20.94
CA VAL A 437 -11.97 -20.75 21.62
C VAL A 437 -13.07 -19.94 20.93
N ASP A 438 -14.03 -19.46 21.73
CA ASP A 438 -15.16 -18.69 21.20
C ASP A 438 -14.70 -17.27 20.91
N ARG A 439 -14.03 -17.10 19.79
CA ARG A 439 -13.68 -15.79 19.27
C ARG A 439 -13.57 -15.88 17.76
N ASP A 440 -14.18 -14.93 17.06
CA ASP A 440 -14.24 -14.93 15.60
C ASP A 440 -13.30 -13.87 15.04
N ASN A 441 -13.40 -13.64 13.73
CA ASN A 441 -12.48 -12.75 13.04
C ASN A 441 -12.68 -11.29 13.39
N GLU A 442 -13.86 -10.92 13.89
CA GLU A 442 -14.14 -9.55 14.32
C GLU A 442 -13.99 -9.38 15.82
N GLY A 443 -13.35 -10.33 16.50
CA GLY A 443 -13.09 -10.23 17.91
C GLY A 443 -14.25 -10.56 18.83
N LYS A 444 -15.40 -10.93 18.28
CA LYS A 444 -16.58 -11.22 19.10
C LYS A 444 -16.52 -12.64 19.64
N GLY A 445 -17.12 -12.83 20.82
CA GLY A 445 -17.17 -14.14 21.43
C GLY A 445 -16.91 -14.13 22.92
N THR A 446 -17.25 -15.23 23.60
CA THR A 446 -17.14 -15.31 25.04
C THR A 446 -15.76 -15.73 25.52
N LEU A 447 -14.88 -16.15 24.60
CA LEU A 447 -13.52 -16.62 24.88
C LEU A 447 -13.49 -17.91 25.70
N SER A 448 -14.63 -18.58 25.86
CA SER A 448 -14.65 -19.84 26.57
C SER A 448 -13.96 -20.93 25.76
N ARG A 449 -13.46 -21.94 26.46
CA ARG A 449 -12.76 -23.06 25.85
C ARG A 449 -13.65 -24.29 25.85
N THR A 450 -13.65 -25.02 24.74
CA THR A 450 -14.44 -26.24 24.60
C THR A 450 -13.56 -27.34 24.00
N ARG A 451 -13.60 -28.52 24.62
CA ARG A 451 -12.85 -29.65 24.11
C ARG A 451 -13.47 -30.14 22.80
N LYS A 452 -12.67 -30.14 21.74
CA LYS A 452 -13.12 -30.74 20.49
C LYS A 452 -13.02 -32.25 20.56
N LYS A 453 -13.50 -32.92 19.51
CA LYS A 453 -13.35 -34.37 19.44
C LYS A 453 -11.88 -34.76 19.34
N SER A 454 -11.07 -33.93 18.66
CA SER A 454 -9.64 -34.22 18.56
C SER A 454 -8.94 -34.12 19.91
N PHE A 455 -9.52 -33.36 20.84
CA PHE A 455 -8.95 -33.27 22.19
C PHE A 455 -8.86 -34.65 22.83
N TYR A 456 -9.95 -35.42 22.77
CA TYR A 456 -9.95 -36.75 23.37
C TYR A 456 -9.14 -37.74 22.55
N TRP A 457 -9.11 -37.58 21.22
CA TRP A 457 -8.31 -38.48 20.40
C TRP A 457 -6.82 -38.32 20.68
N TYR A 458 -6.35 -37.07 20.82
CA TYR A 458 -4.95 -36.83 21.15
C TYR A 458 -4.63 -37.29 22.56
N LYS A 459 -5.58 -37.16 23.48
CA LYS A 459 -5.39 -37.67 24.84
C LYS A 459 -5.09 -39.15 24.85
N LYS A 460 -5.76 -39.91 23.97
CA LYS A 460 -5.50 -41.34 23.88
C LYS A 460 -4.18 -41.63 23.17
N VAL A 461 -3.80 -40.79 22.20
CA VAL A 461 -2.55 -41.00 21.49
C VAL A 461 -1.37 -40.86 22.45
N ILE A 462 -1.36 -39.80 23.25
CA ILE A 462 -0.29 -39.62 24.24
C ILE A 462 -0.36 -40.68 25.33
N GLU A 463 -1.58 -41.09 25.70
CA GLU A 463 -1.74 -42.10 26.75
C GLU A 463 -1.13 -43.43 26.33
N THR A 464 -1.37 -43.86 25.10
CA THR A 464 -0.83 -45.11 24.58
C THR A 464 0.53 -44.94 23.92
N ASN A 465 1.11 -43.74 23.96
CA ASN A 465 2.39 -43.45 23.30
C ASN A 465 2.34 -43.79 21.82
N GLY A 466 1.22 -43.45 21.18
CA GLY A 466 1.05 -43.64 19.75
C GLY A 466 0.46 -44.97 19.35
N GLU A 467 0.19 -45.89 20.29
CA GLU A 467 -0.31 -47.20 19.94
C GLU A 467 -1.75 -47.17 19.43
N SER A 468 -2.51 -46.14 19.78
CA SER A 468 -3.91 -46.05 19.39
C SER A 468 -4.11 -45.41 18.02
N LEU A 469 -3.04 -45.06 17.32
CA LEU A 469 -3.12 -44.40 16.03
C LEU A 469 -3.86 -45.26 15.00
N THR B 5 11.04 35.54 -24.12
CA THR B 5 12.32 35.56 -24.81
C THR B 5 12.87 34.15 -24.99
N LYS B 6 13.78 33.99 -25.94
CA LYS B 6 14.38 32.70 -26.23
C LYS B 6 15.87 32.64 -25.96
N LYS B 7 16.50 33.75 -25.60
CA LYS B 7 17.93 33.82 -25.39
C LYS B 7 18.27 33.83 -23.90
N PHE B 8 19.41 33.26 -23.58
CA PHE B 8 19.91 33.22 -22.21
C PHE B 8 20.53 34.56 -21.84
N PRO B 9 20.90 34.77 -20.57
CA PRO B 9 21.59 36.02 -20.21
C PRO B 9 22.88 36.20 -20.99
N GLU B 10 23.23 37.46 -21.22
CA GLU B 10 24.48 37.77 -21.91
C GLU B 10 25.65 37.42 -21.02
N GLY B 11 26.57 36.62 -21.55
CA GLY B 11 27.68 36.12 -20.77
C GLY B 11 27.45 34.78 -20.10
N PHE B 12 26.31 34.15 -20.36
CA PHE B 12 26.01 32.84 -19.79
C PHE B 12 27.10 31.84 -20.18
N LEU B 13 27.59 31.09 -19.20
CA LEU B 13 28.78 30.25 -19.38
C LEU B 13 28.36 28.84 -19.78
N TRP B 14 28.14 28.66 -21.08
CA TRP B 14 27.92 27.34 -21.63
C TRP B 14 29.22 26.54 -21.61
N GLY B 15 29.10 25.22 -21.51
CA GLY B 15 30.28 24.37 -21.56
C GLY B 15 30.00 22.95 -21.13
N GLY B 16 31.05 22.29 -20.63
CA GLY B 16 30.97 20.91 -20.19
C GLY B 16 31.89 20.68 -19.02
N ALA B 17 31.69 19.54 -18.35
CA ALA B 17 32.38 19.25 -17.11
C ALA B 17 32.89 17.81 -17.09
N VAL B 18 34.11 17.64 -16.58
CA VAL B 18 34.71 16.33 -16.34
C VAL B 18 35.40 16.35 -14.98
N ALA B 19 35.93 15.20 -14.58
CA ALA B 19 36.83 15.11 -13.45
C ALA B 19 38.16 14.52 -13.93
N ALA B 20 39.24 14.89 -13.26
CA ALA B 20 40.58 14.54 -13.74
C ALA B 20 40.76 13.02 -13.80
N ASN B 21 40.44 12.32 -12.72
CA ASN B 21 40.66 10.88 -12.67
C ASN B 21 39.82 10.11 -13.68
N GLN B 22 38.82 10.74 -14.29
CA GLN B 22 37.94 10.06 -15.23
C GLN B 22 38.32 10.25 -16.68
N VAL B 23 39.32 11.09 -16.99
CA VAL B 23 39.69 11.36 -18.37
C VAL B 23 41.20 11.38 -18.55
N GLU B 24 41.92 11.86 -17.53
CA GLU B 24 43.34 12.19 -17.69
C GLU B 24 44.15 10.95 -18.08
N GLY B 25 43.93 9.85 -17.39
CA GLY B 25 44.86 8.76 -17.54
C GLY B 25 46.21 9.18 -16.97
N ALA B 26 47.27 8.53 -17.46
CA ALA B 26 48.64 8.84 -17.06
C ALA B 26 48.77 8.80 -15.53
N TYR B 27 48.21 7.76 -14.93
CA TYR B 27 48.02 7.73 -13.48
C TYR B 27 49.33 7.64 -12.71
N ASN B 28 50.43 7.23 -13.35
CA ASN B 28 51.73 7.13 -12.68
C ASN B 28 52.78 7.94 -13.42
N VAL B 29 52.36 8.98 -14.14
CA VAL B 29 53.26 9.78 -14.98
C VAL B 29 53.63 11.06 -14.25
N GLY B 30 54.87 11.49 -14.43
CA GLY B 30 55.33 12.74 -13.87
C GLY B 30 55.39 12.78 -12.36
N GLY B 31 55.51 11.63 -11.71
CA GLY B 31 55.55 11.58 -10.26
C GLY B 31 54.21 11.66 -9.58
N LYS B 32 53.12 11.47 -10.31
CA LYS B 32 51.80 11.52 -9.71
C LYS B 32 51.61 10.37 -8.72
N GLY B 33 51.08 10.69 -7.55
CA GLY B 33 50.83 9.66 -6.56
C GLY B 33 49.58 8.84 -6.86
N LEU B 34 49.39 7.81 -6.06
CA LEU B 34 48.20 6.96 -6.18
C LEU B 34 47.02 7.63 -5.49
N SER B 35 45.89 7.71 -6.19
CA SER B 35 44.67 8.25 -5.64
C SER B 35 43.72 7.11 -5.29
N THR B 36 42.59 7.47 -4.67
CA THR B 36 41.59 6.47 -4.32
C THR B 36 41.04 5.78 -5.56
N ALA B 37 40.87 6.53 -6.65
CA ALA B 37 40.40 5.93 -7.90
C ALA B 37 41.42 4.95 -8.47
N ASP B 38 42.72 5.21 -8.24
CA ASP B 38 43.74 4.30 -8.74
C ASP B 38 43.70 2.93 -8.09
N VAL B 39 43.00 2.80 -6.96
CA VAL B 39 42.79 1.51 -6.32
C VAL B 39 41.31 1.15 -6.25
N SER B 40 40.50 1.75 -7.12
CA SER B 40 39.07 1.44 -7.24
C SER B 40 38.79 1.02 -8.68
N PRO B 41 39.26 -0.16 -9.10
CA PRO B 41 39.07 -0.56 -10.50
C PRO B 41 37.62 -0.86 -10.85
N ASN B 42 36.75 -1.04 -9.86
CA ASN B 42 35.33 -1.31 -10.10
C ASN B 42 34.45 -0.09 -9.85
N GLY B 43 35.05 1.07 -9.64
CA GLY B 43 34.30 2.30 -9.47
C GLY B 43 34.15 2.70 -8.02
N VAL B 44 33.62 3.91 -7.84
CA VAL B 44 33.40 4.45 -6.49
C VAL B 44 32.33 3.64 -5.76
N MET B 45 31.36 3.10 -6.48
CA MET B 45 30.26 2.35 -5.88
C MET B 45 30.70 1.04 -5.24
N TYR B 46 31.92 0.60 -5.48
CA TYR B 46 32.38 -0.72 -5.08
C TYR B 46 33.67 -0.62 -4.26
N PRO B 47 33.98 -1.63 -3.46
CA PRO B 47 35.13 -1.54 -2.56
C PRO B 47 36.45 -1.41 -3.31
N PHE B 48 37.45 -0.90 -2.60
CA PHE B 48 38.76 -0.68 -3.19
C PHE B 48 39.53 -1.99 -3.30
N ASP B 49 40.48 -2.02 -4.24
CA ASP B 49 41.34 -3.16 -4.45
C ASP B 49 42.75 -2.65 -4.71
N GLU B 50 43.72 -3.13 -3.92
CA GLU B 50 45.11 -2.70 -4.04
C GLU B 50 45.98 -3.74 -4.74
N SER B 51 45.41 -4.86 -5.17
CA SER B 51 46.19 -5.90 -5.82
C SER B 51 46.70 -5.48 -7.19
N MET B 52 46.04 -4.52 -7.84
CA MET B 52 46.39 -4.07 -9.19
C MET B 52 46.41 -5.24 -10.17
N GLU B 53 45.55 -6.23 -9.94
CA GLU B 53 45.50 -7.43 -10.76
C GLU B 53 44.31 -7.47 -11.70
N SER B 54 43.38 -6.51 -11.58
CA SER B 54 42.29 -6.36 -12.53
C SER B 54 42.44 -5.02 -13.24
N LEU B 55 41.92 -4.96 -14.47
CA LEU B 55 42.07 -3.77 -15.28
C LEU B 55 41.32 -2.59 -14.66
N ASN B 56 42.04 -1.50 -14.44
CA ASN B 56 41.47 -0.26 -13.91
C ASN B 56 41.43 0.75 -15.05
N LEU B 57 40.23 1.10 -15.50
CA LEU B 57 40.09 2.05 -16.60
C LEU B 57 40.53 3.46 -16.20
N TYR B 58 40.57 3.78 -14.91
CA TYR B 58 41.05 5.09 -14.48
C TYR B 58 42.53 5.27 -14.77
N HIS B 59 43.29 4.17 -14.85
CA HIS B 59 44.72 4.26 -15.06
C HIS B 59 45.05 4.94 -16.40
N GLU B 60 44.34 4.55 -17.46
CA GLU B 60 44.55 5.14 -18.77
C GLU B 60 43.50 6.17 -19.15
N GLY B 61 42.32 6.11 -18.54
CA GLY B 61 41.26 7.06 -18.83
C GLY B 61 40.97 7.11 -20.32
N ILE B 62 40.86 8.33 -20.84
CA ILE B 62 40.81 8.56 -22.28
C ILE B 62 42.09 9.24 -22.77
N ASP B 63 43.16 9.15 -21.97
CA ASP B 63 44.45 9.78 -22.27
C ASP B 63 44.29 11.27 -22.54
N PHE B 64 43.43 11.92 -21.75
CA PHE B 64 43.26 13.36 -21.85
C PHE B 64 44.54 14.10 -21.50
N TYR B 65 45.39 13.49 -20.65
CA TYR B 65 46.64 14.12 -20.26
C TYR B 65 47.52 14.40 -21.48
N HIS B 66 47.48 13.51 -22.48
CA HIS B 66 48.29 13.68 -23.68
C HIS B 66 47.50 14.22 -24.86
N ARG B 67 46.17 14.08 -24.86
CA ARG B 67 45.32 14.48 -25.98
C ARG B 67 44.58 15.78 -25.72
N TYR B 68 44.99 16.55 -24.71
CA TYR B 68 44.20 17.71 -24.30
C TYR B 68 44.14 18.78 -25.38
N LYS B 69 45.15 18.86 -26.25
CA LYS B 69 45.13 19.87 -27.30
C LYS B 69 44.07 19.58 -28.35
N GLU B 70 43.96 18.32 -28.78
CA GLU B 70 42.93 17.97 -29.74
C GLU B 70 41.54 18.03 -29.11
N ASP B 71 41.42 17.58 -27.85
CA ASP B 71 40.12 17.57 -27.19
C ASP B 71 39.60 18.98 -26.93
N ILE B 72 40.47 19.86 -26.43
CA ILE B 72 40.05 21.24 -26.19
C ILE B 72 39.69 21.93 -27.49
N ALA B 73 40.39 21.60 -28.59
CA ALA B 73 40.03 22.14 -29.88
C ALA B 73 38.61 21.75 -30.25
N LEU B 74 38.17 20.55 -29.87
CA LEU B 74 36.80 20.14 -30.12
C LEU B 74 35.82 20.89 -29.21
N PHE B 75 36.23 21.19 -27.97
CA PHE B 75 35.39 22.01 -27.10
C PHE B 75 35.24 23.42 -27.66
N ALA B 76 36.32 23.96 -28.24
CA ALA B 76 36.25 25.30 -28.82
C ALA B 76 35.45 25.30 -30.12
N GLU B 77 35.46 24.19 -30.85
CA GLU B 77 34.63 24.09 -32.05
C GLU B 77 33.16 24.19 -31.70
N MET B 78 32.75 23.60 -30.58
CA MET B 78 31.39 23.77 -30.09
C MET B 78 31.14 25.17 -29.54
N GLY B 79 32.21 25.93 -29.27
CA GLY B 79 32.06 27.27 -28.77
C GLY B 79 31.97 27.38 -27.26
N PHE B 80 32.55 26.44 -26.53
CA PHE B 80 32.46 26.41 -25.08
C PHE B 80 32.91 27.73 -24.48
N LYS B 81 32.02 28.36 -23.71
CA LYS B 81 32.38 29.55 -22.95
C LYS B 81 33.11 29.20 -21.66
N ALA B 82 33.02 27.94 -21.22
CA ALA B 82 33.66 27.51 -19.98
C ALA B 82 33.86 26.00 -20.05
N PHE B 83 34.87 25.52 -19.33
CA PHE B 83 35.13 24.09 -19.24
C PHE B 83 35.48 23.75 -17.79
N ARG B 84 34.82 22.73 -17.25
CA ARG B 84 35.01 22.34 -15.87
C ARG B 84 35.80 21.05 -15.78
N THR B 85 36.83 21.05 -14.95
CA THR B 85 37.56 19.84 -14.62
C THR B 85 38.12 20.00 -13.21
N SER B 86 38.83 18.98 -12.75
CA SER B 86 39.45 19.00 -11.44
C SER B 86 40.97 18.95 -11.56
N ILE B 87 41.64 19.58 -10.60
CA ILE B 87 43.09 19.42 -10.47
C ILE B 87 43.34 18.15 -9.67
N ALA B 88 44.06 17.21 -10.28
CA ALA B 88 44.38 15.97 -9.60
C ALA B 88 45.24 16.26 -8.38
N TRP B 89 44.70 15.96 -7.20
CA TRP B 89 45.43 16.21 -5.95
C TRP B 89 46.76 15.46 -5.94
N THR B 90 46.78 14.26 -6.49
CA THR B 90 48.00 13.44 -6.45
C THR B 90 49.09 13.96 -7.37
N ARG B 91 48.75 14.77 -8.39
CA ARG B 91 49.78 15.31 -9.25
C ARG B 91 50.52 16.47 -8.61
N ILE B 92 49.88 17.18 -7.68
CA ILE B 92 50.52 18.30 -7.00
C ILE B 92 51.22 17.85 -5.73
N PHE B 93 50.58 16.97 -4.95
CA PHE B 93 51.16 16.42 -3.73
C PHE B 93 50.97 14.91 -3.77
N PRO B 94 51.96 14.18 -4.32
CA PRO B 94 51.78 12.73 -4.52
C PRO B 94 51.41 11.97 -3.25
N ASN B 95 52.19 12.10 -2.18
CA ASN B 95 51.84 11.45 -0.92
C ASN B 95 50.77 12.21 -0.17
N GLY B 96 50.69 13.53 -0.36
CA GLY B 96 49.66 14.35 0.23
C GLY B 96 50.15 15.32 1.29
N ASP B 97 51.34 15.10 1.85
CA ASP B 97 51.81 15.91 2.97
C ASP B 97 53.21 16.50 2.75
N GLU B 98 53.76 16.40 1.54
CA GLU B 98 55.06 17.00 1.28
C GLU B 98 54.96 18.52 1.30
N THR B 99 55.99 19.17 1.84
CA THR B 99 55.94 20.61 2.01
C THR B 99 56.09 21.34 0.68
N GLU B 100 56.93 20.82 -0.22
CA GLU B 100 57.04 21.45 -1.52
C GLU B 100 56.12 20.75 -2.53
N PRO B 101 55.51 21.51 -3.44
CA PRO B 101 54.64 20.88 -4.43
C PRO B 101 55.43 20.23 -5.55
N ASN B 102 54.76 19.35 -6.29
CA ASN B 102 55.35 18.64 -7.41
C ASN B 102 55.31 19.57 -8.63
N GLU B 103 56.48 19.97 -9.12
CA GLU B 103 56.55 20.92 -10.21
C GLU B 103 56.02 20.33 -11.52
N GLU B 104 56.21 19.03 -11.74
CA GLU B 104 55.68 18.41 -12.94
C GLU B 104 54.15 18.43 -12.94
N GLY B 105 53.54 18.23 -11.78
CA GLY B 105 52.09 18.29 -11.70
C GLY B 105 51.56 19.70 -11.94
N LEU B 106 52.18 20.69 -11.31
CA LEU B 106 51.75 22.08 -11.49
C LEU B 106 51.91 22.52 -12.94
N GLU B 107 53.00 22.10 -13.59
CA GLU B 107 53.27 22.56 -14.95
C GLU B 107 52.25 22.02 -15.95
N PHE B 108 51.71 20.83 -15.70
CA PHE B 108 50.72 20.27 -16.62
C PHE B 108 49.47 21.13 -16.67
N TYR B 109 48.96 21.55 -15.51
CA TYR B 109 47.75 22.36 -15.48
C TYR B 109 48.02 23.78 -15.97
N ASP B 110 49.26 24.25 -15.90
CA ASP B 110 49.63 25.46 -16.62
C ASP B 110 49.41 25.28 -18.12
N ARG B 111 49.78 24.11 -18.64
CA ARG B 111 49.54 23.82 -20.04
C ARG B 111 48.05 23.66 -20.33
N LEU B 112 47.34 22.95 -19.45
CA LEU B 112 45.91 22.70 -19.69
C LEU B 112 45.11 23.99 -19.69
N PHE B 113 45.34 24.85 -18.69
CA PHE B 113 44.54 26.07 -18.57
C PHE B 113 44.91 27.07 -19.67
N ASP B 114 46.19 27.14 -20.03
CA ASP B 114 46.59 28.03 -21.11
C ASP B 114 45.91 27.64 -22.42
N GLU B 115 45.76 26.34 -22.66
CA GLU B 115 45.06 25.88 -23.86
C GLU B 115 43.59 26.30 -23.83
N LEU B 116 42.96 26.19 -22.66
CA LEU B 116 41.58 26.66 -22.52
C LEU B 116 41.49 28.16 -22.80
N LEU B 117 42.37 28.94 -22.19
CA LEU B 117 42.33 30.39 -22.34
C LEU B 117 42.67 30.84 -23.75
N LYS B 118 43.41 30.02 -24.51
CA LYS B 118 43.71 30.38 -25.90
C LYS B 118 42.44 30.45 -26.75
N TYR B 119 41.42 29.65 -26.40
CA TYR B 119 40.12 29.71 -27.05
C TYR B 119 39.10 30.50 -26.23
N ASN B 120 39.57 31.31 -25.29
CA ASN B 120 38.70 32.13 -24.43
C ASN B 120 37.68 31.26 -23.69
N ILE B 121 38.11 30.11 -23.21
CA ILE B 121 37.29 29.21 -22.42
C ILE B 121 37.61 29.42 -20.95
N GLU B 122 36.59 29.68 -20.15
CA GLU B 122 36.79 29.94 -18.72
C GLU B 122 37.06 28.63 -17.99
N PRO B 123 38.21 28.48 -17.34
CA PRO B 123 38.43 27.28 -16.52
C PRO B 123 37.54 27.30 -15.29
N VAL B 124 36.90 26.17 -15.00
CA VAL B 124 36.13 25.95 -13.79
C VAL B 124 36.75 24.76 -13.08
N VAL B 125 37.43 25.00 -11.97
CA VAL B 125 38.33 24.02 -11.38
C VAL B 125 37.74 23.52 -10.07
N THR B 126 37.52 22.21 -9.98
CA THR B 126 37.20 21.55 -8.73
C THR B 126 38.50 21.15 -8.05
N ILE B 127 38.71 21.62 -6.83
CA ILE B 127 40.00 21.42 -6.18
C ILE B 127 40.17 19.97 -5.72
N SER B 128 39.09 19.35 -5.24
CA SER B 128 39.12 17.95 -4.83
C SER B 128 37.88 17.26 -5.40
N HIS B 129 38.11 16.28 -6.29
CA HIS B 129 37.01 15.57 -6.97
C HIS B 129 37.32 14.07 -6.95
N TYR B 130 37.06 13.43 -5.81
CA TYR B 130 37.06 11.97 -5.69
C TYR B 130 38.41 11.36 -6.03
N GLU B 131 39.52 12.04 -5.68
CA GLU B 131 40.84 11.56 -6.07
C GLU B 131 41.89 11.99 -5.05
N MET B 132 41.58 11.86 -3.77
CA MET B 132 42.52 12.27 -2.73
C MET B 132 43.69 11.30 -2.66
N PRO B 133 44.85 11.77 -2.22
CA PRO B 133 46.04 10.89 -2.19
C PRO B 133 45.87 9.73 -1.23
N LEU B 134 46.21 8.54 -1.71
CA LEU B 134 46.13 7.34 -0.87
C LEU B 134 47.06 7.43 0.32
N GLY B 135 48.19 8.15 0.19
CA GLY B 135 49.11 8.28 1.30
C GLY B 135 48.49 8.94 2.51
N LEU B 136 47.58 9.89 2.28
CA LEU B 136 46.86 10.51 3.40
C LEU B 136 45.95 9.53 4.09
N ILE B 137 45.39 8.57 3.36
CA ILE B 137 44.53 7.55 3.96
C ILE B 137 45.37 6.60 4.83
N LYS B 138 46.51 6.16 4.33
CA LYS B 138 47.30 5.16 5.03
C LYS B 138 48.09 5.75 6.19
N LYS B 139 48.51 7.02 6.08
CA LYS B 139 49.33 7.62 7.12
C LYS B 139 48.46 8.20 8.23
N TYR B 140 47.44 8.99 7.87
CA TYR B 140 46.65 9.71 8.85
C TYR B 140 45.25 9.16 9.06
N GLY B 141 44.74 8.34 8.15
CA GLY B 141 43.40 7.81 8.27
C GLY B 141 42.33 8.60 7.57
N GLY B 142 42.70 9.43 6.60
CA GLY B 142 41.73 10.19 5.84
C GLY B 142 41.21 11.41 6.59
N TRP B 143 40.09 11.93 6.09
CA TRP B 143 39.51 13.16 6.63
C TRP B 143 39.00 13.02 8.05
N LYS B 144 38.98 11.81 8.61
CA LYS B 144 38.68 11.65 10.03
C LYS B 144 39.77 12.28 10.90
N ASN B 145 40.99 12.35 10.39
CA ASN B 145 42.09 13.03 11.07
C ASN B 145 42.09 14.50 10.70
N ARG B 146 42.31 15.35 11.71
CA ARG B 146 42.30 16.79 11.47
C ARG B 146 43.50 17.28 10.68
N LYS B 147 44.61 16.53 10.70
CA LYS B 147 45.81 16.94 9.97
C LYS B 147 45.57 17.01 8.48
N VAL B 148 44.56 16.30 7.96
CA VAL B 148 44.26 16.34 6.53
C VAL B 148 43.75 17.72 6.12
N ILE B 149 43.16 18.46 7.05
CA ILE B 149 42.74 19.83 6.76
C ILE B 149 43.94 20.68 6.35
N ASP B 150 45.05 20.56 7.08
CA ASP B 150 46.22 21.39 6.81
C ASP B 150 46.84 21.05 5.45
N CYS B 151 46.88 19.76 5.10
CA CYS B 151 47.42 19.37 3.81
C CYS B 151 46.55 19.89 2.67
N TYR B 152 45.22 19.78 2.80
CA TYR B 152 44.34 20.34 1.79
C TYR B 152 44.48 21.86 1.71
N GLU B 153 44.53 22.53 2.87
CA GLU B 153 44.76 23.96 2.88
C GLU B 153 46.09 24.32 2.22
N HIS B 154 47.14 23.56 2.57
CA HIS B 154 48.42 23.72 1.87
C HIS B 154 48.26 23.46 0.38
N TYR B 155 47.47 22.46 0.01
CA TYR B 155 47.25 22.15 -1.40
C TYR B 155 46.38 23.20 -2.07
N ALA B 156 45.32 23.64 -1.39
CA ALA B 156 44.44 24.65 -1.97
C ALA B 156 45.18 25.96 -2.18
N LYS B 157 45.96 26.39 -1.19
CA LYS B 157 46.73 27.63 -1.34
C LYS B 157 47.78 27.51 -2.44
N THR B 158 48.28 26.29 -2.68
CA THR B 158 49.30 26.11 -3.71
C THR B 158 48.72 26.35 -5.10
N VAL B 159 47.56 25.78 -5.39
CA VAL B 159 46.96 25.94 -6.72
C VAL B 159 46.36 27.33 -6.89
N PHE B 160 45.82 27.90 -5.82
CA PHE B 160 45.31 29.27 -5.88
C PHE B 160 46.40 30.23 -6.35
N THR B 161 47.59 30.12 -5.76
CA THR B 161 48.70 31.00 -6.13
C THR B 161 49.18 30.73 -7.55
N ARG B 162 49.36 29.45 -7.88
CA ARG B 162 49.95 29.09 -9.18
C ARG B 162 49.08 29.52 -10.34
N TYR B 163 47.75 29.49 -10.17
CA TYR B 163 46.82 29.83 -11.25
C TYR B 163 45.98 31.05 -10.90
N LYS B 164 46.57 31.99 -10.17
CA LYS B 164 45.82 33.17 -9.73
C LYS B 164 45.42 34.06 -10.90
N GLU B 165 46.16 33.99 -12.01
CA GLU B 165 45.88 34.81 -13.18
C GLU B 165 45.07 34.08 -14.24
N LYS B 166 44.68 32.83 -14.00
CA LYS B 166 44.08 32.01 -15.04
C LYS B 166 42.73 31.41 -14.69
N VAL B 167 42.40 31.24 -13.40
CA VAL B 167 41.16 30.60 -12.99
C VAL B 167 40.41 31.55 -12.06
N LYS B 168 39.20 31.92 -12.45
CA LYS B 168 38.32 32.77 -11.65
C LYS B 168 37.27 31.97 -10.90
N TYR B 169 36.72 30.92 -11.51
CA TYR B 169 35.66 30.11 -10.92
C TYR B 169 36.27 28.85 -10.33
N TRP B 170 36.06 28.65 -9.03
CA TRP B 170 36.59 27.50 -8.31
C TRP B 170 35.47 26.79 -7.57
N MET B 171 35.73 25.53 -7.23
CA MET B 171 34.88 24.77 -6.31
C MET B 171 35.80 23.96 -5.39
N THR B 172 35.54 24.03 -4.09
CA THR B 172 36.43 23.42 -3.11
C THR B 172 36.36 21.89 -3.19
N PHE B 173 35.17 21.33 -2.98
CA PHE B 173 34.96 19.89 -3.00
C PHE B 173 33.75 19.57 -3.86
N ASN B 174 33.83 18.44 -4.56
CA ASN B 174 32.71 17.95 -5.36
C ASN B 174 31.89 16.99 -4.50
N GLU B 175 30.72 17.46 -4.05
CA GLU B 175 29.73 16.62 -3.36
C GLU B 175 30.34 16.00 -2.10
N ILE B 176 30.47 16.86 -1.08
CA ILE B 176 30.98 16.43 0.23
C ILE B 176 30.15 15.27 0.78
N ASN B 177 28.86 15.21 0.40
CA ASN B 177 27.97 14.15 0.86
C ASN B 177 28.46 12.76 0.48
N MET B 178 29.42 12.65 -0.45
CA MET B 178 29.89 11.34 -0.88
C MET B 178 30.52 10.53 0.25
N VAL B 179 31.03 11.19 1.29
CA VAL B 179 31.61 10.47 2.42
C VAL B 179 30.55 9.63 3.15
N LEU B 180 29.27 9.99 3.03
CA LEU B 180 28.22 9.22 3.66
C LEU B 180 27.77 8.03 2.82
N HIS B 181 27.97 8.07 1.51
CA HIS B 181 27.53 7.01 0.61
C HIS B 181 28.68 6.15 0.07
N ALA B 182 29.88 6.72 -0.06
CA ALA B 182 31.07 5.97 -0.45
C ALA B 182 32.23 6.49 0.37
N PRO B 183 32.36 6.00 1.61
CA PRO B 183 33.30 6.63 2.55
C PRO B 183 34.76 6.59 2.12
N PHE B 184 35.19 5.52 1.43
CA PHE B 184 36.59 5.45 1.00
C PHE B 184 36.91 6.57 0.03
N THR B 185 36.03 6.82 -0.93
CA THR B 185 36.24 7.90 -1.89
C THR B 185 35.90 9.26 -1.27
N GLY B 186 34.81 9.31 -0.49
CA GLY B 186 34.34 10.60 0.00
C GLY B 186 35.23 11.21 1.08
N GLY B 187 35.77 10.37 1.96
CA GLY B 187 36.55 10.90 3.07
C GLY B 187 37.84 10.15 3.34
N GLY B 188 38.20 9.22 2.47
CA GLY B 188 39.41 8.43 2.68
C GLY B 188 39.34 7.58 3.93
N LEU B 189 38.18 6.97 4.19
CA LEU B 189 37.94 6.21 5.41
C LEU B 189 37.91 4.72 5.10
N VAL B 190 38.78 3.98 5.77
CA VAL B 190 38.72 2.52 5.84
C VAL B 190 38.27 2.16 7.24
N PHE B 191 37.24 1.31 7.34
CA PHE B 191 36.58 1.06 8.61
C PHE B 191 37.17 -0.19 9.26
N GLU B 192 37.62 -0.03 10.50
CA GLU B 192 38.01 -1.15 11.34
C GLU B 192 36.80 -1.67 12.11
N GLU B 193 36.89 -2.91 12.56
CA GLU B 193 35.79 -3.52 13.30
C GLU B 193 35.66 -2.88 14.67
N GLY B 194 34.43 -2.61 15.07
CA GLY B 194 34.16 -1.91 16.31
C GLY B 194 34.23 -0.40 16.22
N GLU B 195 34.62 0.15 15.07
CA GLU B 195 34.68 1.59 14.90
C GLU B 195 33.29 2.15 14.62
N ASN B 196 33.00 3.30 15.24
CA ASN B 196 31.73 3.99 15.01
C ASN B 196 31.76 4.60 13.62
N LYS B 197 31.06 3.95 12.68
CA LYS B 197 31.09 4.42 11.29
C LYS B 197 30.38 5.77 11.15
N LEU B 198 29.25 5.95 11.83
CA LEU B 198 28.53 7.22 11.74
C LEU B 198 29.36 8.36 12.31
N ASN B 199 30.06 8.12 13.42
CA ASN B 199 30.90 9.16 14.01
C ASN B 199 32.03 9.55 13.07
N ALA B 200 32.71 8.55 12.48
CA ALA B 200 33.82 8.83 11.59
C ALA B 200 33.37 9.54 10.32
N MET B 201 32.23 9.13 9.76
CA MET B 201 31.75 9.74 8.53
C MET B 201 31.39 11.21 8.75
N TYR B 202 30.67 11.51 9.82
CA TYR B 202 30.29 12.89 10.10
C TYR B 202 31.43 13.70 10.69
N GLN B 203 32.40 13.06 11.34
CA GLN B 203 33.62 13.77 11.71
C GLN B 203 34.40 14.18 10.48
N ALA B 204 34.47 13.30 9.47
CA ALA B 204 35.12 13.67 8.21
C ALA B 204 34.36 14.79 7.52
N ALA B 205 33.02 14.71 7.51
CA ALA B 205 32.22 15.78 6.91
C ALA B 205 32.52 17.12 7.56
N HIS B 206 32.64 17.15 8.89
CA HIS B 206 32.99 18.38 9.58
C HIS B 206 34.35 18.90 9.14
N HIS B 207 35.36 18.03 9.13
CA HIS B 207 36.68 18.43 8.67
C HIS B 207 36.64 18.90 7.23
N LEU B 208 35.84 18.24 6.39
CA LEU B 208 35.66 18.69 5.02
C LEU B 208 35.01 20.08 4.99
N PHE B 209 34.07 20.33 5.90
CA PHE B 209 33.44 21.65 5.98
C PHE B 209 34.45 22.73 6.33
N VAL B 210 35.27 22.47 7.35
CA VAL B 210 36.26 23.46 7.77
C VAL B 210 37.29 23.69 6.67
N ALA B 211 37.73 22.61 6.02
CA ALA B 211 38.73 22.75 4.95
C ALA B 211 38.18 23.58 3.80
N SER B 212 36.92 23.36 3.42
CA SER B 212 36.32 24.11 2.32
C SER B 212 36.17 25.58 2.69
N ALA B 213 35.81 25.87 3.94
CA ALA B 213 35.71 27.24 4.39
C ALA B 213 37.08 27.92 4.39
N LEU B 214 38.11 27.22 4.87
CA LEU B 214 39.47 27.76 4.80
C LEU B 214 39.91 27.96 3.35
N ALA B 215 39.45 27.10 2.43
CA ALA B 215 39.80 27.26 1.03
C ALA B 215 39.12 28.49 0.44
N VAL B 216 37.88 28.78 0.88
CA VAL B 216 37.21 30.00 0.45
C VAL B 216 37.99 31.22 0.94
N LYS B 217 38.45 31.19 2.19
CA LYS B 217 39.24 32.28 2.73
C LYS B 217 40.54 32.45 1.96
N ALA B 218 41.27 31.35 1.76
CA ALA B 218 42.54 31.43 1.05
C ALA B 218 42.36 31.89 -0.39
N GLY B 219 41.28 31.44 -1.05
CA GLY B 219 41.06 31.82 -2.43
C GLY B 219 40.74 33.30 -2.57
N HIS B 220 39.80 33.80 -1.76
CA HIS B 220 39.52 35.23 -1.74
C HIS B 220 40.77 36.03 -1.39
N ASP B 221 41.66 35.46 -0.57
CA ASP B 221 42.88 36.16 -0.20
C ASP B 221 43.86 36.21 -1.36
N ILE B 222 44.09 35.08 -2.03
CA ILE B 222 45.09 35.02 -3.08
C ILE B 222 44.57 35.62 -4.37
N ILE B 223 43.33 35.33 -4.74
CA ILE B 223 42.71 35.85 -5.95
C ILE B 223 41.54 36.75 -5.55
N PRO B 224 41.65 38.07 -5.72
CA PRO B 224 40.59 38.97 -5.21
C PRO B 224 39.23 38.76 -5.85
N ASP B 225 39.16 38.80 -7.17
CA ASP B 225 37.88 38.69 -7.88
C ASP B 225 37.48 37.25 -8.13
N ALA B 226 38.05 36.29 -7.39
CA ALA B 226 37.70 34.90 -7.58
C ALA B 226 36.33 34.59 -7.01
N LYS B 227 35.62 33.68 -7.67
CA LYS B 227 34.34 33.17 -7.21
C LYS B 227 34.53 31.70 -6.81
N ILE B 228 34.33 31.41 -5.54
CA ILE B 228 34.54 30.06 -5.00
C ILE B 228 33.19 29.51 -4.57
N GLY B 229 32.81 28.36 -5.12
CA GLY B 229 31.48 27.84 -4.87
C GLY B 229 31.45 26.47 -4.22
N CYS B 230 30.28 26.08 -3.73
CA CYS B 230 30.10 24.73 -3.22
C CYS B 230 29.74 23.81 -4.38
N MET B 231 29.54 22.52 -4.06
CA MET B 231 29.01 21.57 -5.01
C MET B 231 28.19 20.55 -4.25
N ILE B 232 26.93 20.40 -4.65
CA ILE B 232 26.01 19.45 -4.04
C ILE B 232 25.30 18.69 -5.15
N ALA B 233 24.84 17.48 -4.83
CA ALA B 233 24.02 16.72 -5.76
C ALA B 233 22.56 16.91 -5.39
N ALA B 234 21.80 17.56 -6.28
CA ALA B 234 20.39 17.79 -6.01
C ALA B 234 19.66 16.46 -5.83
N THR B 235 18.79 16.41 -4.83
CA THR B 235 17.95 15.25 -4.57
C THR B 235 16.49 15.71 -4.50
N THR B 236 16.05 16.38 -5.56
CA THR B 236 14.69 16.90 -5.61
C THR B 236 13.70 15.75 -5.50
N THR B 237 12.79 15.84 -4.53
CA THR B 237 11.90 14.74 -4.20
C THR B 237 10.48 15.27 -4.04
N TYR B 238 9.51 14.58 -4.69
CA TYR B 238 8.10 14.88 -4.57
C TYR B 238 7.41 13.84 -3.70
N PRO B 239 6.37 14.21 -2.96
CA PRO B 239 5.61 13.22 -2.20
C PRO B 239 4.70 12.42 -3.12
N MET B 240 4.58 11.12 -2.83
CA MET B 240 3.72 10.26 -3.64
C MET B 240 2.26 10.66 -3.51
N THR B 241 1.83 11.00 -2.30
CA THR B 241 0.47 11.42 -2.01
C THR B 241 0.52 12.72 -1.22
N PRO B 242 -0.60 13.46 -1.18
CA PRO B 242 -0.65 14.67 -0.33
C PRO B 242 -0.79 14.34 1.14
N LYS B 243 -0.53 13.08 1.51
CA LYS B 243 -0.44 12.74 2.94
C LYS B 243 0.67 13.57 3.58
N PRO B 244 0.42 14.17 4.74
CA PRO B 244 1.49 14.93 5.41
C PRO B 244 2.71 14.08 5.74
N GLU B 245 2.55 12.77 5.88
CA GLU B 245 3.71 11.92 6.12
C GLU B 245 4.60 11.84 4.89
N ASP B 246 3.99 11.82 3.69
CA ASP B 246 4.78 11.83 2.46
C ASP B 246 5.41 13.20 2.24
N VAL B 247 4.74 14.27 2.62
CA VAL B 247 5.28 15.61 2.45
C VAL B 247 6.52 15.80 3.33
N LEU B 248 6.47 15.29 4.56
CA LEU B 248 7.62 15.40 5.45
C LEU B 248 8.77 14.54 4.96
N ALA B 249 8.47 13.35 4.43
CA ALA B 249 9.52 12.46 3.94
C ALA B 249 10.26 13.07 2.76
N ALA B 250 9.52 13.66 1.82
CA ALA B 250 10.16 14.35 0.71
C ALA B 250 10.99 15.53 1.20
N MET B 251 10.47 16.27 2.19
CA MET B 251 11.24 17.34 2.80
C MET B 251 12.54 16.80 3.41
N GLU B 252 12.44 15.73 4.20
CA GLU B 252 13.61 15.18 4.87
C GLU B 252 14.61 14.61 3.87
N ASN B 253 14.13 14.06 2.75
CA ASN B 253 15.06 13.54 1.75
C ASN B 253 15.82 14.66 1.06
N GLU B 254 15.13 15.76 0.75
CA GLU B 254 15.81 16.93 0.18
C GLU B 254 16.75 17.57 1.18
N ARG B 255 16.50 17.42 2.48
CA ARG B 255 17.39 17.98 3.49
C ARG B 255 18.69 17.21 3.62
N ARG B 256 18.72 15.95 3.14
CA ARG B 256 19.96 15.19 3.18
C ARG B 256 21.07 15.88 2.41
N THR B 257 20.71 16.61 1.35
CA THR B 257 21.65 17.39 0.57
C THR B 257 21.74 18.84 1.02
N LEU B 258 20.59 19.46 1.35
CA LEU B 258 20.60 20.86 1.74
C LEU B 258 21.44 21.10 2.98
N PHE B 259 21.60 20.07 3.83
CA PHE B 259 22.46 20.19 5.01
C PHE B 259 23.85 20.68 4.64
N PHE B 260 24.44 20.09 3.59
CA PHE B 260 25.80 20.47 3.21
C PHE B 260 25.84 21.87 2.62
N SER B 261 24.89 22.21 1.75
CA SER B 261 24.84 23.57 1.23
C SER B 261 24.40 24.57 2.29
N ASP B 262 23.68 24.13 3.32
CA ASP B 262 23.38 25.02 4.44
C ASP B 262 24.64 25.43 5.17
N VAL B 263 25.53 24.46 5.42
CA VAL B 263 26.78 24.77 6.11
C VAL B 263 27.69 25.60 5.21
N GLN B 264 27.74 25.26 3.92
CA GLN B 264 28.70 25.92 3.02
C GLN B 264 28.22 27.30 2.58
N ALA B 265 26.92 27.48 2.35
CA ALA B 265 26.40 28.74 1.87
C ALA B 265 25.87 29.65 2.97
N ARG B 266 25.30 29.10 4.03
CA ARG B 266 24.81 29.92 5.14
C ARG B 266 25.79 30.01 6.30
N GLY B 267 26.72 29.07 6.42
CA GLY B 267 27.78 29.16 7.40
C GLY B 267 27.51 28.55 8.75
N ALA B 268 26.56 27.62 8.85
CA ALA B 268 26.25 27.05 10.16
C ALA B 268 25.56 25.71 9.98
N TYR B 269 25.77 24.83 10.95
CA TYR B 269 24.99 23.61 11.04
C TYR B 269 23.53 23.98 11.28
N PRO B 270 22.60 23.50 10.45
CA PRO B 270 21.20 23.83 10.67
C PRO B 270 20.61 23.03 11.83
N GLY B 271 19.47 23.51 12.33
CA GLY B 271 18.87 22.92 13.51
C GLY B 271 18.45 21.47 13.30
N TYR B 272 17.86 21.17 12.14
CA TYR B 272 17.33 19.83 11.92
C TYR B 272 18.42 18.77 11.95
N MET B 273 19.67 19.15 11.66
CA MET B 273 20.78 18.21 11.76
C MET B 273 21.27 18.07 13.19
N LYS B 274 21.20 19.14 13.98
CA LYS B 274 21.53 19.03 15.40
C LYS B 274 20.60 18.04 16.09
N ARG B 275 19.32 18.03 15.69
CA ARG B 275 18.40 17.01 16.20
C ARG B 275 18.78 15.63 15.69
N PHE B 276 19.17 15.55 14.41
CA PHE B 276 19.56 14.25 13.83
C PHE B 276 20.76 13.66 14.58
N PHE B 277 21.69 14.51 14.99
CA PHE B 277 22.87 14.02 15.72
C PHE B 277 22.49 13.52 17.10
N LYS B 278 21.56 14.20 17.78
CA LYS B 278 21.20 13.80 19.14
C LYS B 278 20.40 12.52 19.14
N GLU B 279 19.47 12.36 18.19
CA GLU B 279 18.61 11.18 18.16
C GLU B 279 19.33 9.93 17.71
N ASN B 280 20.42 10.06 16.97
CA ASN B 280 21.32 8.95 16.69
C ASN B 280 22.51 9.04 17.65
N GLY B 281 23.42 8.08 17.55
CA GLY B 281 24.55 8.04 18.44
C GLY B 281 25.74 8.84 17.94
N ILE B 282 25.47 9.96 17.28
CA ILE B 282 26.51 10.69 16.55
C ILE B 282 27.13 11.75 17.47
N THR B 283 28.45 11.70 17.60
CA THR B 283 29.22 12.69 18.34
C THR B 283 30.26 13.28 17.40
N ILE B 284 30.36 14.61 17.38
CA ILE B 284 31.28 15.33 16.50
C ILE B 284 32.19 16.19 17.35
N GLU B 285 33.50 15.98 17.23
CA GLU B 285 34.47 16.83 17.90
C GLU B 285 34.70 18.10 17.09
N MET B 286 34.76 19.23 17.80
CA MET B 286 34.86 20.54 17.17
C MET B 286 35.98 21.35 17.81
N ALA B 287 36.70 22.10 16.99
CA ALA B 287 37.69 23.03 17.50
C ALA B 287 37.01 24.33 17.92
N GLU B 288 37.73 25.12 18.72
CA GLU B 288 37.14 26.32 19.32
C GLU B 288 36.65 27.29 18.27
N GLY B 289 37.48 27.57 17.26
CA GLY B 289 37.13 28.55 16.25
C GLY B 289 36.55 27.96 14.99
N ASP B 290 36.03 26.73 15.06
CA ASP B 290 35.46 26.09 13.87
C ASP B 290 34.17 26.75 13.45
N GLU B 291 33.32 27.12 14.41
CA GLU B 291 32.04 27.75 14.09
C GLU B 291 32.23 29.08 13.38
N ASP B 292 33.24 29.86 13.79
CA ASP B 292 33.49 31.14 13.15
C ASP B 292 34.04 30.96 11.75
N ILE B 293 34.88 29.94 11.54
CA ILE B 293 35.48 29.71 10.23
C ILE B 293 34.39 29.38 9.21
N LEU B 294 33.41 28.56 9.62
CA LEU B 294 32.32 28.22 8.71
C LEU B 294 31.44 29.42 8.42
N LYS B 295 31.18 30.25 9.43
CA LYS B 295 30.23 31.35 9.26
C LYS B 295 30.82 32.48 8.45
N GLU B 296 32.09 32.83 8.69
CA GLU B 296 32.70 34.00 8.10
C GLU B 296 33.27 33.76 6.70
N ASN B 297 33.19 32.54 6.17
CA ASN B 297 33.76 32.23 4.86
C ASN B 297 32.80 31.36 4.06
N THR B 298 31.59 31.86 3.85
CA THR B 298 30.60 31.15 3.05
C THR B 298 30.95 31.24 1.57
N VAL B 299 30.51 30.24 0.81
CA VAL B 299 30.84 30.18 -0.61
C VAL B 299 30.11 31.28 -1.38
N ASP B 300 30.66 31.64 -2.54
CA ASP B 300 30.10 32.72 -3.34
C ASP B 300 28.92 32.25 -4.19
N TYR B 301 28.95 31.03 -4.69
CA TYR B 301 27.87 30.50 -5.50
C TYR B 301 27.63 29.04 -5.15
N ILE B 302 26.57 28.48 -5.71
CA ILE B 302 26.15 27.11 -5.43
C ILE B 302 26.13 26.34 -6.74
N GLY B 303 27.14 25.50 -6.94
CA GLY B 303 27.13 24.55 -8.05
C GLY B 303 26.39 23.29 -7.63
N PHE B 304 25.64 22.71 -8.56
CA PHE B 304 24.87 21.53 -8.21
C PHE B 304 24.68 20.64 -9.43
N SER B 305 24.56 19.34 -9.16
CA SER B 305 24.23 18.36 -10.18
C SER B 305 22.72 18.17 -10.24
N TYR B 306 22.23 17.76 -11.40
CA TYR B 306 20.84 17.33 -11.53
C TYR B 306 20.76 16.36 -12.70
N TYR B 307 20.24 15.17 -12.44
CA TYR B 307 19.95 14.20 -13.48
C TYR B 307 18.50 13.75 -13.51
N MET B 308 17.84 13.69 -12.35
CA MET B 308 16.48 13.20 -12.26
C MET B 308 15.87 13.64 -10.94
N SER B 309 14.56 13.47 -10.83
CA SER B 309 13.83 13.64 -9.58
C SER B 309 13.37 12.29 -9.08
N MET B 310 12.91 12.26 -7.82
CA MET B 310 12.43 11.03 -7.23
C MET B 310 11.18 11.29 -6.42
N VAL B 311 10.59 10.21 -5.91
CA VAL B 311 9.34 10.26 -5.17
C VAL B 311 9.58 9.62 -3.80
N ALA B 312 8.97 10.21 -2.77
CA ALA B 312 9.04 9.68 -1.42
C ALA B 312 7.66 9.17 -1.01
N SER B 313 7.62 7.94 -0.50
CA SER B 313 6.38 7.32 -0.02
C SER B 313 6.64 6.66 1.32
N THR B 314 5.78 6.92 2.29
CA THR B 314 5.86 6.30 3.60
C THR B 314 4.84 5.18 3.78
N SER B 315 4.17 4.77 2.70
CA SER B 315 3.23 3.67 2.79
C SER B 315 3.95 2.40 3.20
N PRO B 316 3.45 1.68 4.22
CA PRO B 316 4.13 0.45 4.64
C PRO B 316 4.27 -0.59 3.54
N GLU B 317 3.28 -0.69 2.64
CA GLU B 317 3.38 -1.66 1.55
C GLU B 317 4.53 -1.33 0.62
N ASP B 318 4.79 -0.03 0.40
CA ASP B 318 5.89 0.36 -0.48
C ASP B 318 7.24 0.18 0.18
N LEU B 319 7.29 0.28 1.52
CA LEU B 319 8.56 0.23 2.23
C LEU B 319 9.04 -1.19 2.53
N ALA B 320 8.13 -2.17 2.53
CA ALA B 320 8.50 -3.56 2.82
C ALA B 320 8.28 -4.48 1.64
N LYS B 321 8.12 -3.94 0.44
CA LYS B 321 7.87 -4.76 -0.74
C LYS B 321 9.14 -5.45 -1.19
N THR B 322 9.08 -6.77 -1.37
CA THR B 322 10.18 -7.53 -1.94
C THR B 322 10.10 -7.65 -3.45
N GLU B 323 8.90 -7.53 -4.01
CA GLU B 323 8.74 -7.59 -5.46
C GLU B 323 9.15 -6.27 -6.09
N GLY B 324 9.20 -6.26 -7.42
CA GLY B 324 9.51 -5.05 -8.17
C GLY B 324 10.98 -4.73 -8.27
N ASN B 325 11.31 -3.45 -8.16
CA ASN B 325 12.69 -2.99 -8.33
C ASN B 325 13.61 -3.65 -7.31
N LEU B 326 14.87 -3.86 -7.72
CA LEU B 326 15.84 -4.47 -6.83
C LEU B 326 16.26 -3.53 -5.71
N LEU B 327 16.17 -2.22 -5.94
CA LEU B 327 16.46 -1.22 -4.92
C LEU B 327 15.15 -0.70 -4.33
N GLY B 328 15.20 -0.32 -3.06
CA GLY B 328 14.02 0.16 -2.39
C GLY B 328 13.54 1.50 -2.91
N GLY B 329 12.30 1.82 -2.55
CA GLY B 329 11.67 3.06 -2.95
C GLY B 329 10.55 2.83 -3.95
N VAL B 330 10.06 3.94 -4.49
CA VAL B 330 8.98 3.92 -5.49
C VAL B 330 9.38 4.81 -6.66
N LYS B 331 8.67 4.64 -7.77
CA LYS B 331 8.91 5.39 -8.99
C LYS B 331 7.75 6.35 -9.26
N ASN B 332 8.03 7.36 -10.09
CA ASN B 332 7.04 8.37 -10.43
C ASN B 332 6.20 7.87 -11.59
N PRO B 333 4.90 7.61 -11.40
CA PRO B 333 4.08 7.09 -12.50
C PRO B 333 3.86 8.08 -13.63
N TYR B 334 4.04 9.38 -13.37
CA TYR B 334 3.82 10.41 -14.38
C TYR B 334 5.08 10.74 -15.16
N LEU B 335 6.22 10.15 -14.81
CA LEU B 335 7.45 10.32 -15.54
C LEU B 335 7.73 9.05 -16.36
N GLU B 336 8.46 9.21 -17.46
CA GLU B 336 8.81 8.07 -18.29
C GLU B 336 10.20 7.56 -17.95
N SER B 337 10.33 6.24 -17.88
CA SER B 337 11.58 5.62 -17.46
C SER B 337 12.41 5.25 -18.68
N SER B 338 13.72 5.40 -18.56
CA SER B 338 14.62 5.10 -19.66
C SER B 338 14.71 3.58 -19.85
N GLU B 339 15.69 3.15 -20.64
CA GLU B 339 16.03 1.73 -20.65
C GLU B 339 16.69 1.34 -19.34
N TRP B 340 17.54 2.22 -18.80
CA TRP B 340 18.04 2.09 -17.44
C TRP B 340 16.95 2.51 -16.46
N GLY B 341 17.25 2.41 -15.16
CA GLY B 341 16.27 2.74 -14.15
C GLY B 341 15.97 4.21 -13.98
N TRP B 342 16.64 5.09 -14.73
CA TRP B 342 16.47 6.52 -14.54
C TRP B 342 15.10 7.00 -15.02
N GLN B 343 14.53 7.96 -14.29
CA GLN B 343 13.32 8.65 -14.68
C GLN B 343 13.67 10.04 -15.18
N ILE B 344 13.07 10.44 -16.30
CA ILE B 344 13.40 11.71 -16.95
C ILE B 344 12.37 12.76 -16.53
N ASP B 345 12.85 13.87 -16.00
CA ASP B 345 11.99 14.91 -15.46
C ASP B 345 12.63 16.27 -15.72
N PRO B 346 12.49 16.79 -16.95
CA PRO B 346 13.11 18.09 -17.27
C PRO B 346 12.52 19.24 -16.46
N LYS B 347 11.22 19.23 -16.21
CA LYS B 347 10.62 20.27 -15.37
C LYS B 347 11.18 20.25 -13.96
N GLY B 348 11.73 19.12 -13.52
CA GLY B 348 12.33 19.05 -12.20
C GLY B 348 13.57 19.89 -12.03
N ILE B 349 14.24 20.24 -13.12
CA ILE B 349 15.40 21.12 -13.00
C ILE B 349 14.95 22.56 -12.79
N ARG B 350 13.76 22.93 -13.28
CA ARG B 350 13.22 24.24 -12.98
C ARG B 350 12.79 24.32 -11.51
N ILE B 351 12.24 23.23 -10.99
CA ILE B 351 11.88 23.17 -9.57
C ILE B 351 13.14 23.26 -8.72
N THR B 352 14.18 22.52 -9.09
CA THR B 352 15.43 22.55 -8.34
C THR B 352 16.04 23.94 -8.31
N LEU B 353 16.03 24.63 -9.45
CA LEU B 353 16.63 25.96 -9.52
C LEU B 353 15.88 26.96 -8.64
N ASN B 354 14.55 26.92 -8.66
CA ASN B 354 13.77 27.82 -7.82
C ASN B 354 13.93 27.47 -6.35
N THR B 355 13.96 26.18 -6.02
CA THR B 355 14.13 25.76 -4.63
C THR B 355 15.47 26.23 -4.07
N LEU B 356 16.55 26.00 -4.81
CA LEU B 356 17.87 26.36 -4.32
C LEU B 356 18.04 27.88 -4.23
N TYR B 357 17.47 28.63 -5.18
CA TYR B 357 17.66 30.07 -5.18
C TYR B 357 16.78 30.75 -4.15
N ASP B 358 15.56 30.25 -3.94
CA ASP B 358 14.71 30.81 -2.89
C ASP B 358 15.34 30.64 -1.52
N ARG B 359 16.03 29.51 -1.30
CA ARG B 359 16.59 29.21 0.01
C ARG B 359 17.82 30.05 0.29
N TYR B 360 18.75 30.13 -0.66
CA TYR B 360 20.06 30.71 -0.40
C TYR B 360 20.25 32.11 -0.97
N GLN B 361 19.49 32.49 -2.01
CA GLN B 361 19.57 33.81 -2.60
C GLN B 361 20.96 34.12 -3.13
N LYS B 362 21.68 33.09 -3.56
CA LYS B 362 23.03 33.22 -4.09
C LYS B 362 23.08 32.70 -5.52
N PRO B 363 24.05 33.15 -6.32
CA PRO B 363 24.14 32.66 -7.71
C PRO B 363 24.27 31.15 -7.76
N LEU B 364 23.59 30.55 -8.72
CA LEU B 364 23.65 29.11 -8.95
C LEU B 364 24.51 28.82 -10.17
N PHE B 365 24.93 27.56 -10.27
CA PHE B 365 25.76 27.10 -11.39
C PHE B 365 25.47 25.63 -11.60
N ILE B 366 24.89 25.30 -12.75
CA ILE B 366 24.67 23.90 -13.10
C ILE B 366 26.01 23.34 -13.58
N VAL B 367 26.60 22.47 -12.76
CA VAL B 367 27.92 21.90 -13.07
C VAL B 367 27.86 20.46 -13.52
N GLU B 368 26.74 19.76 -13.32
CA GLU B 368 26.55 18.41 -13.83
C GLU B 368 25.12 18.23 -14.29
N ASN B 369 24.96 17.77 -15.53
CA ASN B 369 23.66 17.43 -16.10
C ASN B 369 23.85 16.76 -17.45
N GLY B 370 23.17 15.63 -17.68
CA GLY B 370 23.31 14.95 -18.95
C GLY B 370 22.65 13.60 -18.91
N LEU B 371 22.71 12.92 -20.05
CA LEU B 371 22.10 11.61 -20.22
C LEU B 371 23.20 10.60 -20.54
N GLY B 372 23.32 9.57 -19.71
CA GLY B 372 24.20 8.46 -19.98
C GLY B 372 23.44 7.37 -20.69
N ALA B 373 23.94 6.97 -21.86
CA ALA B 373 23.24 5.98 -22.67
C ALA B 373 24.23 5.25 -23.55
N VAL B 374 23.82 4.07 -24.03
CA VAL B 374 24.63 3.32 -24.97
C VAL B 374 24.59 4.00 -26.33
N ASP B 375 25.76 4.20 -26.92
CA ASP B 375 25.88 4.77 -28.25
C ASP B 375 26.23 3.68 -29.24
N VAL B 376 25.62 3.74 -30.43
CA VAL B 376 25.89 2.81 -31.51
C VAL B 376 26.61 3.55 -32.62
N VAL B 377 27.71 2.98 -33.10
CA VAL B 377 28.44 3.52 -34.23
C VAL B 377 27.78 2.99 -35.51
N GLU B 378 27.19 3.89 -36.28
CA GLU B 378 26.50 3.50 -37.50
C GLU B 378 27.51 3.01 -38.54
N GLU B 379 26.98 2.58 -39.69
CA GLU B 379 27.84 2.07 -40.76
C GLU B 379 28.73 3.18 -41.31
N ASP B 380 28.21 4.40 -41.41
CA ASP B 380 28.98 5.53 -41.91
C ASP B 380 29.94 6.09 -40.87
N GLY B 381 29.97 5.54 -39.66
CA GLY B 381 30.82 6.02 -38.60
C GLY B 381 30.22 7.10 -37.72
N SER B 382 29.00 7.53 -38.00
CA SER B 382 28.35 8.58 -37.23
C SER B 382 27.64 7.99 -36.01
N ILE B 383 27.29 8.88 -35.08
CA ILE B 383 26.56 8.52 -33.87
C ILE B 383 25.30 9.37 -33.83
N GLN B 384 24.15 8.75 -34.09
CA GLN B 384 22.86 9.44 -34.07
C GLN B 384 22.29 9.31 -32.67
N ASP B 385 22.69 10.23 -31.79
CA ASP B 385 22.22 10.23 -30.41
C ASP B 385 21.13 11.28 -30.20
N ASP B 386 20.03 11.11 -30.94
CA ASP B 386 18.87 11.98 -30.74
C ASP B 386 18.32 11.86 -29.34
N TYR B 387 18.44 10.68 -28.73
CA TYR B 387 18.03 10.50 -27.33
C TYR B 387 18.79 11.45 -26.41
N ARG B 388 20.08 11.65 -26.68
CA ARG B 388 20.84 12.58 -25.86
C ARG B 388 20.46 14.03 -26.15
N ILE B 389 20.13 14.33 -27.40
CA ILE B 389 19.72 15.69 -27.77
C ILE B 389 18.38 16.03 -27.12
N ASN B 390 17.45 15.08 -27.10
CA ASN B 390 16.13 15.35 -26.54
C ASN B 390 16.20 15.63 -25.04
N TYR B 391 17.03 14.88 -24.31
CA TYR B 391 17.18 15.11 -22.88
C TYR B 391 17.74 16.50 -22.61
N LEU B 392 18.78 16.90 -23.34
CA LEU B 392 19.43 18.17 -23.10
C LEU B 392 18.54 19.34 -23.54
N ARG B 393 17.83 19.17 -24.66
CA ARG B 393 16.96 20.24 -25.14
C ARG B 393 15.84 20.53 -24.15
N ASP B 394 15.19 19.47 -23.65
CA ASP B 394 14.08 19.65 -22.71
C ASP B 394 14.56 20.23 -21.39
N HIS B 395 15.71 19.78 -20.90
CA HIS B 395 16.22 20.28 -19.63
C HIS B 395 16.67 21.73 -19.75
N LEU B 396 17.25 22.10 -20.89
CA LEU B 396 17.69 23.48 -21.08
C LEU B 396 16.53 24.43 -21.30
N LYS B 397 15.42 23.93 -21.85
CA LYS B 397 14.21 24.74 -21.96
C LYS B 397 13.67 25.10 -20.57
N GLU B 398 13.67 24.12 -19.66
CA GLU B 398 13.19 24.39 -18.30
C GLU B 398 14.19 25.22 -17.51
N VAL B 399 15.48 25.12 -17.86
CA VAL B 399 16.48 26.00 -17.27
C VAL B 399 16.22 27.44 -17.68
N ARG B 400 15.90 27.65 -18.96
CA ARG B 400 15.52 28.99 -19.42
C ARG B 400 14.25 29.47 -18.73
N GLU B 401 13.34 28.56 -18.39
CA GLU B 401 12.15 28.95 -17.65
C GLU B 401 12.49 29.45 -16.26
N ALA B 402 13.47 28.83 -15.61
CA ALA B 402 13.86 29.27 -14.27
C ALA B 402 14.54 30.63 -14.31
N ILE B 403 15.38 30.87 -15.32
CA ILE B 403 16.01 32.18 -15.47
C ILE B 403 14.93 33.25 -15.61
N ALA B 404 13.86 32.96 -16.35
CA ALA B 404 12.74 33.88 -16.44
C ALA B 404 12.00 34.01 -15.12
N ASP B 405 12.13 33.02 -14.23
CA ASP B 405 11.60 33.13 -12.87
C ASP B 405 12.46 33.98 -11.96
N GLY B 406 13.53 34.57 -12.48
CA GLY B 406 14.43 35.38 -11.68
C GLY B 406 15.63 34.66 -11.12
N VAL B 407 15.78 33.37 -11.39
CA VAL B 407 16.93 32.62 -10.89
C VAL B 407 18.22 33.23 -11.44
N ASP B 408 19.21 33.38 -10.56
CA ASP B 408 20.52 33.86 -10.94
C ASP B 408 21.42 32.66 -11.23
N LEU B 409 21.66 32.40 -12.51
CA LEU B 409 22.40 31.22 -12.95
C LEU B 409 23.66 31.67 -13.70
N ILE B 410 24.82 31.19 -13.24
CA ILE B 410 26.08 31.60 -13.84
C ILE B 410 26.27 30.94 -15.20
N GLY B 411 26.07 29.64 -15.27
CA GLY B 411 26.28 28.94 -16.52
C GLY B 411 25.72 27.53 -16.45
N TYR B 412 26.11 26.73 -17.43
CA TYR B 412 25.63 25.35 -17.54
C TYR B 412 26.72 24.53 -18.21
N THR B 413 27.34 23.62 -17.46
CA THR B 413 28.32 22.69 -17.99
C THR B 413 27.75 21.28 -17.88
N SER B 414 27.30 20.73 -19.00
CA SER B 414 26.79 19.37 -19.01
C SER B 414 27.90 18.38 -18.66
N TRP B 415 27.50 17.24 -18.12
CA TRP B 415 28.47 16.28 -17.62
C TRP B 415 29.09 15.48 -18.75
N GLY B 416 30.42 15.32 -18.68
CA GLY B 416 31.16 14.54 -19.64
C GLY B 416 30.89 14.92 -21.08
N PRO B 417 31.31 16.13 -21.48
CA PRO B 417 31.16 16.51 -22.90
C PRO B 417 31.94 15.60 -23.82
N ILE B 418 32.97 14.94 -23.32
CA ILE B 418 33.68 13.87 -24.01
C ILE B 418 33.49 12.60 -23.19
N ASP B 419 33.30 11.48 -23.88
CA ASP B 419 33.09 10.20 -23.19
C ASP B 419 34.19 9.95 -22.18
N LEU B 420 33.79 9.66 -20.94
CA LEU B 420 34.72 9.45 -19.85
C LEU B 420 34.47 8.11 -19.19
N VAL B 421 35.36 7.77 -18.25
CA VAL B 421 35.19 6.59 -17.43
C VAL B 421 34.25 6.94 -16.28
N SER B 422 33.17 6.18 -16.13
CA SER B 422 32.14 6.51 -15.17
C SER B 422 32.68 6.49 -13.75
N ALA B 423 32.11 7.34 -12.89
CA ALA B 423 32.57 7.42 -11.51
C ALA B 423 32.05 6.24 -10.70
N SER B 424 30.82 5.80 -10.98
CA SER B 424 30.18 4.80 -10.12
C SER B 424 30.78 3.42 -10.34
N THR B 425 30.93 3.00 -11.60
CA THR B 425 31.36 1.64 -11.90
C THR B 425 32.67 1.56 -12.67
N ALA B 426 33.32 2.69 -12.96
CA ALA B 426 34.56 2.70 -13.74
C ALA B 426 34.35 2.01 -15.09
N GLU B 427 33.18 2.22 -15.68
CA GLU B 427 32.81 1.63 -16.96
C GLU B 427 32.81 2.70 -18.05
N MET B 428 32.73 2.23 -19.29
CA MET B 428 32.69 3.10 -20.45
C MET B 428 31.41 2.99 -21.26
N LYS B 429 30.61 1.93 -21.05
CA LYS B 429 29.47 1.67 -21.94
C LYS B 429 28.41 2.76 -21.83
N LYS B 430 28.20 3.31 -20.64
CA LYS B 430 27.23 4.38 -20.43
C LYS B 430 27.92 5.70 -20.75
N ARG B 431 27.59 6.28 -21.90
CA ARG B 431 28.31 7.44 -22.43
C ARG B 431 27.48 8.70 -22.28
N TYR B 432 28.16 9.81 -21.99
CA TYR B 432 27.53 11.11 -21.78
C TYR B 432 27.93 12.13 -22.83
N GLY B 433 28.87 11.81 -23.72
CA GLY B 433 29.59 12.84 -24.44
C GLY B 433 28.86 13.38 -25.66
N TYR B 434 29.21 14.61 -26.01
CA TYR B 434 29.02 15.08 -27.38
C TYR B 434 30.07 14.49 -28.30
N ILE B 435 31.17 13.97 -27.74
CA ILE B 435 32.31 13.47 -28.49
C ILE B 435 32.49 12.00 -28.12
N TYR B 436 32.41 11.13 -29.12
CA TYR B 436 32.54 9.70 -28.89
C TYR B 436 34.00 9.29 -28.83
N VAL B 437 34.35 8.49 -27.82
CA VAL B 437 35.70 8.00 -27.63
C VAL B 437 35.70 6.49 -27.83
N ASP B 438 36.61 6.00 -28.67
CA ASP B 438 36.70 4.58 -29.01
C ASP B 438 37.45 3.84 -27.91
N ARG B 439 36.75 3.56 -26.82
CA ARG B 439 37.23 2.69 -25.77
C ARG B 439 36.02 2.04 -25.12
N ASP B 440 36.14 0.75 -24.80
CA ASP B 440 35.01 0.01 -24.25
C ASP B 440 35.31 -0.41 -22.81
N ASN B 441 34.45 -1.28 -22.26
CA ASN B 441 34.54 -1.66 -20.86
C ASN B 441 35.83 -2.43 -20.56
N GLU B 442 36.39 -3.11 -21.56
CA GLU B 442 37.64 -3.83 -21.41
C GLU B 442 38.84 -3.00 -21.84
N GLY B 443 38.67 -1.70 -22.03
CA GLY B 443 39.75 -0.82 -22.41
C GLY B 443 40.21 -0.93 -23.86
N LYS B 444 39.54 -1.74 -24.68
CA LYS B 444 39.94 -1.90 -26.07
C LYS B 444 39.43 -0.74 -26.92
N GLY B 445 40.17 -0.44 -27.98
CA GLY B 445 39.78 0.63 -28.88
C GLY B 445 40.93 1.55 -29.28
N THR B 446 40.71 2.33 -30.34
CA THR B 446 41.75 3.20 -30.88
C THR B 446 41.87 4.52 -30.13
N LEU B 447 40.92 4.83 -29.25
CA LEU B 447 40.87 6.08 -28.48
C LEU B 447 40.66 7.31 -29.36
N SER B 448 40.20 7.12 -30.58
CA SER B 448 39.91 8.26 -31.45
C SER B 448 38.64 8.97 -30.98
N ARG B 449 38.54 10.25 -31.32
CA ARG B 449 37.37 11.05 -31.01
C ARG B 449 36.53 11.23 -32.26
N THR B 450 35.21 11.21 -32.08
CA THR B 450 34.27 11.41 -33.18
C THR B 450 33.12 12.28 -32.69
N ARG B 451 32.76 13.29 -33.48
CA ARG B 451 31.66 14.16 -33.12
C ARG B 451 30.33 13.44 -33.32
N LYS B 452 29.58 13.27 -32.23
CA LYS B 452 28.23 12.74 -32.34
C LYS B 452 27.31 13.79 -32.95
N LYS B 453 26.06 13.40 -33.20
CA LYS B 453 25.09 14.37 -33.70
C LYS B 453 24.84 15.46 -32.67
N SER B 454 24.88 15.11 -31.39
CA SER B 454 24.70 16.10 -30.33
C SER B 454 25.81 17.13 -30.32
N PHE B 455 26.98 16.81 -30.88
CA PHE B 455 28.06 17.78 -30.99
C PHE B 455 27.61 19.01 -31.78
N TYR B 456 27.04 18.79 -32.96
CA TYR B 456 26.60 19.91 -33.80
C TYR B 456 25.37 20.59 -33.22
N TRP B 457 24.54 19.87 -32.47
CA TRP B 457 23.37 20.47 -31.86
C TRP B 457 23.77 21.46 -30.77
N TYR B 458 24.62 21.02 -29.83
CA TYR B 458 25.07 21.89 -28.76
C TYR B 458 25.88 23.06 -29.30
N LYS B 459 26.56 22.88 -30.43
CA LYS B 459 27.30 23.97 -31.04
C LYS B 459 26.36 25.08 -31.49
N LYS B 460 25.22 24.70 -32.07
CA LYS B 460 24.24 25.71 -32.49
C LYS B 460 23.54 26.35 -31.28
N VAL B 461 23.43 25.61 -30.17
CA VAL B 461 22.82 26.17 -28.97
C VAL B 461 23.67 27.30 -28.42
N ILE B 462 24.97 27.05 -28.24
CA ILE B 462 25.88 28.07 -27.73
C ILE B 462 25.99 29.22 -28.71
N GLU B 463 25.99 28.92 -30.02
CA GLU B 463 26.09 29.97 -31.02
C GLU B 463 24.90 30.93 -30.93
N THR B 464 23.70 30.39 -30.75
CA THR B 464 22.49 31.19 -30.63
C THR B 464 22.19 31.63 -29.21
N ASN B 465 23.06 31.29 -28.25
CA ASN B 465 22.82 31.55 -26.84
C ASN B 465 21.49 30.97 -26.38
N GLY B 466 21.18 29.76 -26.86
CA GLY B 466 20.00 29.05 -26.45
C GLY B 466 18.77 29.26 -27.31
N GLU B 467 18.83 30.16 -28.29
CA GLU B 467 17.64 30.46 -29.10
C GLU B 467 17.27 29.30 -30.03
N SER B 468 18.21 28.43 -30.36
CA SER B 468 17.93 27.31 -31.26
C SER B 468 17.24 26.14 -30.58
N LEU B 469 17.00 26.22 -29.27
CA LEU B 469 16.34 25.14 -28.54
C LEU B 469 14.90 24.94 -29.03
N GLN C 4 -66.03 9.98 -18.18
CA GLN C 4 -66.67 9.99 -19.48
C GLN C 4 -65.63 10.09 -20.60
N THR C 5 -64.62 10.92 -20.39
CA THR C 5 -63.54 11.05 -21.37
C THR C 5 -62.66 9.81 -21.36
N LYS C 6 -62.13 9.47 -22.53
CA LYS C 6 -61.25 8.32 -22.67
C LYS C 6 -59.78 8.71 -22.71
N LYS C 7 -59.46 10.00 -22.73
CA LYS C 7 -58.11 10.49 -22.84
C LYS C 7 -57.62 11.02 -21.50
N PHE C 8 -56.30 11.00 -21.33
CA PHE C 8 -55.63 11.53 -20.15
C PHE C 8 -55.39 13.01 -20.32
N PRO C 9 -55.05 13.73 -19.24
CA PRO C 9 -54.77 15.16 -19.37
C PRO C 9 -53.60 15.43 -20.32
N GLU C 10 -53.61 16.61 -20.91
CA GLU C 10 -52.52 17.02 -21.80
C GLU C 10 -51.22 17.15 -21.01
N GLY C 11 -50.13 16.69 -21.62
CA GLY C 11 -48.85 16.70 -20.95
C GLY C 11 -48.66 15.64 -19.90
N PHE C 12 -49.54 14.63 -19.87
CA PHE C 12 -49.39 13.54 -18.91
C PHE C 12 -48.09 12.79 -19.17
N LEU C 13 -47.29 12.61 -18.12
CA LEU C 13 -45.93 12.09 -18.25
C LEU C 13 -45.96 10.56 -18.22
N TRP C 14 -46.29 9.98 -19.38
CA TRP C 14 -46.17 8.54 -19.55
C TRP C 14 -44.70 8.14 -19.56
N GLY C 15 -44.43 6.93 -19.07
CA GLY C 15 -43.05 6.43 -19.12
C GLY C 15 -42.86 5.17 -18.29
N GLY C 16 -41.60 4.97 -17.88
CA GLY C 16 -41.24 3.82 -17.07
C GLY C 16 -40.21 4.20 -16.04
N ALA C 17 -39.95 3.27 -15.12
CA ALA C 17 -39.08 3.55 -13.99
C ALA C 17 -38.17 2.36 -13.69
N VAL C 18 -36.90 2.66 -13.41
CA VAL C 18 -35.91 1.69 -12.98
C VAL C 18 -35.13 2.30 -11.81
N ALA C 19 -34.18 1.51 -11.30
CA ALA C 19 -33.22 1.99 -10.30
C ALA C 19 -31.83 1.57 -10.75
N ALA C 20 -30.83 2.38 -10.39
CA ALA C 20 -29.48 2.20 -10.91
C ALA C 20 -28.94 0.81 -10.58
N ASN C 21 -28.98 0.43 -9.30
CA ASN C 21 -28.43 -0.86 -8.88
C ASN C 21 -29.12 -2.05 -9.53
N GLN C 22 -30.28 -1.84 -10.15
CA GLN C 22 -31.05 -2.93 -10.74
C GLN C 22 -30.90 -3.04 -12.25
N VAL C 23 -30.22 -2.10 -12.89
CA VAL C 23 -30.07 -2.13 -14.35
C VAL C 23 -28.62 -1.92 -14.77
N GLU C 24 -27.91 -1.07 -14.03
CA GLU C 24 -26.66 -0.51 -14.55
C GLU C 24 -25.57 -1.56 -14.71
N GLY C 25 -25.38 -2.41 -13.71
CA GLY C 25 -24.18 -3.19 -13.71
C GLY C 25 -22.97 -2.29 -13.48
N ALA C 26 -21.82 -2.73 -13.98
CA ALA C 26 -20.57 -1.96 -13.88
C ALA C 26 -20.31 -1.52 -12.44
N TYR C 27 -20.56 -2.44 -11.50
CA TYR C 27 -20.55 -2.09 -10.08
C TYR C 27 -19.19 -1.66 -9.57
N ASN C 28 -18.11 -1.94 -10.32
CA ASN C 28 -16.77 -1.52 -9.92
C ASN C 28 -16.07 -0.74 -11.03
N VAL C 29 -16.83 -0.14 -11.94
CA VAL C 29 -16.28 0.59 -13.07
C VAL C 29 -16.24 2.07 -12.75
N GLY C 30 -15.12 2.71 -13.05
CA GLY C 30 -15.00 4.14 -12.83
C GLY C 30 -14.80 4.55 -11.39
N GLY C 31 -14.36 3.63 -10.53
CA GLY C 31 -14.15 3.95 -9.14
C GLY C 31 -15.38 3.90 -8.27
N LYS C 32 -16.46 3.30 -8.76
CA LYS C 32 -17.69 3.23 -7.97
C LYS C 32 -17.48 2.39 -6.72
N GLY C 33 -17.94 2.91 -5.58
CA GLY C 33 -17.82 2.19 -4.34
C GLY C 33 -18.86 1.09 -4.21
N LEU C 34 -18.66 0.25 -3.20
CA LEU C 34 -19.61 -0.82 -2.93
C LEU C 34 -20.85 -0.25 -2.26
N SER C 35 -22.02 -0.62 -2.78
CA SER C 35 -23.29 -0.21 -2.20
C SER C 35 -23.87 -1.38 -1.40
N THR C 36 -25.01 -1.12 -0.74
CA THR C 36 -25.68 -2.19 0.00
C THR C 36 -26.13 -3.30 -0.94
N ALA C 37 -26.55 -2.94 -2.14
CA ALA C 37 -26.95 -3.96 -3.12
C ALA C 37 -25.77 -4.78 -3.58
N ASP C 38 -24.57 -4.19 -3.62
CA ASP C 38 -23.37 -4.91 -4.03
C ASP C 38 -22.97 -5.99 -3.04
N VAL C 39 -23.55 -6.02 -1.84
CA VAL C 39 -23.30 -7.06 -0.86
C VAL C 39 -24.59 -7.74 -0.43
N SER C 40 -25.64 -7.65 -1.25
CA SER C 40 -26.92 -8.31 -1.01
C SER C 40 -27.23 -9.22 -2.20
N PRO C 41 -26.55 -10.37 -2.30
CA PRO C 41 -26.72 -11.21 -3.49
C PRO C 41 -28.08 -11.87 -3.57
N ASN C 42 -28.82 -11.99 -2.46
CA ASN C 42 -30.11 -12.65 -2.44
C ASN C 42 -31.27 -11.67 -2.32
N GLY C 43 -31.04 -10.37 -2.53
CA GLY C 43 -32.08 -9.38 -2.51
C GLY C 43 -32.11 -8.60 -1.21
N VAL C 44 -32.89 -7.51 -1.23
CA VAL C 44 -32.97 -6.64 -0.08
C VAL C 44 -33.70 -7.32 1.08
N MET C 45 -34.61 -8.24 0.77
CA MET C 45 -35.42 -8.86 1.82
C MET C 45 -34.65 -9.85 2.67
N TYR C 46 -33.51 -10.32 2.19
CA TYR C 46 -32.70 -11.32 2.88
C TYR C 46 -31.34 -10.74 3.28
N PRO C 47 -30.71 -11.28 4.33
CA PRO C 47 -29.53 -10.61 4.91
C PRO C 47 -28.40 -10.42 3.91
N PHE C 48 -27.58 -9.41 4.18
CA PHE C 48 -26.45 -9.10 3.32
C PHE C 48 -25.35 -10.14 3.46
N ASP C 49 -24.49 -10.21 2.44
CA ASP C 49 -23.38 -11.15 2.39
C ASP C 49 -22.16 -10.39 1.90
N GLU C 50 -21.26 -10.02 2.82
CA GLU C 50 -20.05 -9.33 2.43
C GLU C 50 -19.09 -10.25 1.69
N SER C 51 -19.18 -11.56 1.93
CA SER C 51 -18.42 -12.51 1.14
C SER C 51 -18.88 -12.47 -0.31
N MET C 52 -17.94 -12.25 -1.23
CA MET C 52 -18.24 -12.29 -2.66
C MET C 52 -18.09 -13.71 -3.20
N GLU C 53 -18.78 -14.65 -2.56
CA GLU C 53 -18.73 -16.07 -2.92
C GLU C 53 -19.88 -16.49 -3.82
N SER C 54 -21.10 -16.04 -3.54
CA SER C 54 -22.25 -16.36 -4.37
C SER C 54 -22.39 -15.37 -5.51
N LEU C 55 -23.24 -15.72 -6.47
CA LEU C 55 -23.46 -14.88 -7.64
C LEU C 55 -24.41 -13.73 -7.28
N ASN C 56 -23.95 -12.50 -7.49
CA ASN C 56 -24.74 -11.30 -7.23
C ASN C 56 -25.10 -10.70 -8.59
N LEU C 57 -26.37 -10.80 -8.96
CA LEU C 57 -26.83 -10.29 -10.25
C LEU C 57 -26.82 -8.76 -10.32
N TYR C 58 -26.72 -8.07 -9.18
CA TYR C 58 -26.63 -6.61 -9.22
C TYR C 58 -25.31 -6.14 -9.81
N HIS C 59 -24.26 -6.96 -9.70
CA HIS C 59 -22.94 -6.55 -10.16
C HIS C 59 -22.93 -6.27 -11.66
N GLU C 60 -23.60 -7.12 -12.44
CA GLU C 60 -23.69 -6.93 -13.88
C GLU C 60 -25.06 -6.43 -14.35
N GLY C 61 -26.13 -6.75 -13.61
CA GLY C 61 -27.45 -6.24 -13.95
C GLY C 61 -27.84 -6.65 -15.37
N ILE C 62 -28.26 -5.66 -16.15
CA ILE C 62 -28.52 -5.84 -17.57
C ILE C 62 -27.54 -5.03 -18.42
N ASP C 63 -26.44 -4.59 -17.81
CA ASP C 63 -25.42 -3.78 -18.48
C ASP C 63 -26.01 -2.52 -19.08
N PHE C 64 -26.95 -1.91 -18.36
CA PHE C 64 -27.51 -0.63 -18.79
C PHE C 64 -26.45 0.45 -18.84
N TYR C 65 -25.40 0.33 -18.02
CA TYR C 65 -24.32 1.30 -18.02
C TYR C 65 -23.66 1.42 -19.39
N HIS C 66 -23.59 0.32 -20.15
CA HIS C 66 -22.99 0.34 -21.47
C HIS C 66 -24.00 0.30 -22.60
N ARG C 67 -25.19 -0.25 -22.37
CA ARG C 67 -26.20 -0.41 -23.40
C ARG C 67 -27.27 0.67 -23.36
N TYR C 68 -27.01 1.79 -22.67
CA TYR C 68 -28.07 2.77 -22.44
C TYR C 68 -28.52 3.45 -23.73
N LYS C 69 -27.65 3.52 -24.74
CA LYS C 69 -28.04 4.17 -25.99
C LYS C 69 -29.10 3.34 -26.73
N GLU C 70 -28.91 2.02 -26.79
CA GLU C 70 -29.91 1.17 -27.44
C GLU C 70 -31.18 1.09 -26.61
N ASP C 71 -31.05 0.98 -25.28
CA ASP C 71 -32.21 0.85 -24.42
C ASP C 71 -33.09 2.09 -24.47
N ILE C 72 -32.46 3.27 -24.37
CA ILE C 72 -33.22 4.52 -24.41
C ILE C 72 -33.89 4.70 -25.77
N ALA C 73 -33.25 4.22 -26.84
CA ALA C 73 -33.88 4.24 -28.15
C ALA C 73 -35.17 3.45 -28.16
N LEU C 74 -35.20 2.31 -27.46
CA LEU C 74 -36.42 1.53 -27.35
C LEU C 74 -37.47 2.23 -26.50
N PHE C 75 -37.03 2.96 -25.47
CA PHE C 75 -37.97 3.77 -24.70
C PHE C 75 -38.61 4.85 -25.57
N ALA C 76 -37.81 5.49 -26.43
CA ALA C 76 -38.33 6.51 -27.32
C ALA C 76 -39.25 5.91 -28.38
N GLU C 77 -39.01 4.67 -28.79
CA GLU C 77 -39.88 4.03 -29.75
C GLU C 77 -41.29 3.84 -29.18
N MET C 78 -41.37 3.48 -27.90
CA MET C 78 -42.68 3.41 -27.24
C MET C 78 -43.30 4.78 -27.04
N GLY C 79 -42.49 5.84 -27.07
CA GLY C 79 -42.99 7.19 -26.95
C GLY C 79 -42.97 7.77 -25.55
N PHE C 80 -42.02 7.37 -24.71
CA PHE C 80 -41.99 7.84 -23.33
C PHE C 80 -41.88 9.37 -23.28
N LYS C 81 -42.68 9.98 -22.41
CA LYS C 81 -42.51 11.39 -22.10
C LYS C 81 -41.63 11.61 -20.88
N ALA C 82 -41.40 10.57 -20.08
CA ALA C 82 -40.54 10.67 -18.92
C ALA C 82 -39.92 9.30 -18.66
N PHE C 83 -38.74 9.31 -18.05
CA PHE C 83 -38.07 8.08 -17.66
C PHE C 83 -37.48 8.27 -16.28
N ARG C 84 -37.81 7.36 -15.36
CA ARG C 84 -37.36 7.46 -13.98
C ARG C 84 -36.23 6.48 -13.71
N THR C 85 -35.15 6.97 -13.12
CA THR C 85 -34.07 6.12 -12.64
C THR C 85 -33.43 6.81 -11.44
N SER C 86 -32.40 6.18 -10.90
CA SER C 86 -31.68 6.74 -9.76
C SER C 86 -30.27 7.11 -10.17
N ILE C 87 -29.68 8.03 -9.42
CA ILE C 87 -28.26 8.33 -9.51
C ILE C 87 -27.55 7.47 -8.48
N ALA C 88 -26.66 6.59 -8.95
CA ALA C 88 -25.93 5.72 -8.04
C ALA C 88 -25.09 6.58 -7.09
N TRP C 89 -25.45 6.54 -5.79
CA TRP C 89 -24.72 7.30 -4.79
C TRP C 89 -23.24 6.93 -4.78
N THR C 90 -22.94 5.63 -4.89
CA THR C 90 -21.56 5.18 -4.85
C THR C 90 -20.76 5.58 -6.08
N ARG C 91 -21.41 6.02 -7.16
CA ARG C 91 -20.68 6.51 -8.32
C ARG C 91 -20.22 7.94 -8.15
N ILE C 92 -20.88 8.72 -7.28
CA ILE C 92 -20.52 10.11 -7.04
C ILE C 92 -19.65 10.26 -5.80
N PHE C 93 -19.94 9.48 -4.76
CA PHE C 93 -19.14 9.47 -3.54
C PHE C 93 -18.97 8.02 -3.12
N PRO C 94 -17.91 7.36 -3.61
CA PRO C 94 -17.78 5.91 -3.41
C PRO C 94 -17.76 5.47 -1.95
N ASN C 95 -17.04 6.19 -1.09
CA ASN C 95 -17.04 5.88 0.33
C ASN C 95 -18.18 6.53 1.08
N GLY C 96 -18.72 7.64 0.57
CA GLY C 96 -19.85 8.31 1.15
C GLY C 96 -19.53 9.60 1.88
N ASP C 97 -18.27 9.80 2.27
CA ASP C 97 -17.88 10.98 3.04
C ASP C 97 -16.78 11.78 2.35
N GLU C 98 -16.56 11.56 1.05
CA GLU C 98 -15.54 12.31 0.33
C GLU C 98 -16.00 13.75 0.13
N THR C 99 -15.06 14.69 0.33
CA THR C 99 -15.38 16.09 0.08
C THR C 99 -15.56 16.35 -1.41
N GLU C 100 -14.70 15.76 -2.23
CA GLU C 100 -14.74 15.92 -3.68
C GLU C 100 -15.56 14.80 -4.31
N PRO C 101 -16.40 15.13 -5.30
CA PRO C 101 -17.17 14.10 -6.00
C PRO C 101 -16.30 13.34 -6.99
N ASN C 102 -16.82 12.20 -7.44
CA ASN C 102 -16.17 11.40 -8.46
C ASN C 102 -16.57 11.93 -9.83
N GLU C 103 -15.57 12.31 -10.63
CA GLU C 103 -15.86 12.93 -11.91
C GLU C 103 -16.38 11.92 -12.93
N GLU C 104 -15.88 10.68 -12.89
CA GLU C 104 -16.35 9.67 -13.83
C GLU C 104 -17.81 9.30 -13.55
N GLY C 105 -18.19 9.26 -12.27
CA GLY C 105 -19.59 9.02 -11.95
C GLY C 105 -20.49 10.13 -12.45
N LEU C 106 -20.10 11.38 -12.17
CA LEU C 106 -20.90 12.53 -12.60
C LEU C 106 -21.00 12.61 -14.12
N GLU C 107 -19.93 12.23 -14.82
CA GLU C 107 -19.94 12.36 -16.28
C GLU C 107 -20.83 11.32 -16.94
N PHE C 108 -20.95 10.12 -16.34
CA PHE C 108 -21.81 9.10 -16.91
C PHE C 108 -23.27 9.55 -16.91
N TYR C 109 -23.72 10.15 -15.80
CA TYR C 109 -25.09 10.64 -15.75
C TYR C 109 -25.28 11.89 -16.58
N ASP C 110 -24.22 12.64 -16.85
CA ASP C 110 -24.28 13.66 -17.89
C ASP C 110 -24.61 13.02 -19.23
N ARG C 111 -23.96 11.90 -19.55
CA ARG C 111 -24.25 11.19 -20.78
C ARG C 111 -25.67 10.61 -20.76
N LEU C 112 -26.04 9.97 -19.65
CA LEU C 112 -27.34 9.31 -19.57
C LEU C 112 -28.48 10.32 -19.71
N PHE C 113 -28.38 11.43 -18.98
CA PHE C 113 -29.44 12.44 -19.05
C PHE C 113 -29.49 13.12 -20.41
N ASP C 114 -28.31 13.36 -21.01
CA ASP C 114 -28.28 13.88 -22.37
C ASP C 114 -28.99 12.93 -23.33
N GLU C 115 -28.78 11.62 -23.15
CA GLU C 115 -29.42 10.64 -24.01
C GLU C 115 -30.94 10.73 -23.92
N LEU C 116 -31.48 10.81 -22.70
CA LEU C 116 -32.92 10.91 -22.53
C LEU C 116 -33.46 12.19 -23.17
N LEU C 117 -32.77 13.32 -22.96
CA LEU C 117 -33.22 14.59 -23.50
C LEU C 117 -33.16 14.64 -25.02
N LYS C 118 -32.32 13.79 -25.64
CA LYS C 118 -32.28 13.73 -27.10
C LYS C 118 -33.64 13.38 -27.67
N TYR C 119 -34.35 12.47 -27.03
CA TYR C 119 -35.68 12.05 -27.46
C TYR C 119 -36.80 12.78 -26.72
N ASN C 120 -36.48 13.93 -26.10
CA ASN C 120 -37.45 14.73 -25.35
C ASN C 120 -38.11 13.90 -24.24
N ILE C 121 -37.27 13.16 -23.51
CA ILE C 121 -37.73 12.32 -22.40
C ILE C 121 -37.35 13.02 -21.11
N GLU C 122 -38.35 13.37 -20.31
CA GLU C 122 -38.11 14.07 -19.05
C GLU C 122 -37.44 13.14 -18.06
N PRO C 123 -36.23 13.45 -17.58
CA PRO C 123 -35.62 12.62 -16.54
C PRO C 123 -36.30 12.83 -15.19
N VAL C 124 -36.57 11.73 -14.51
CA VAL C 124 -37.13 11.74 -13.17
C VAL C 124 -36.14 10.98 -12.28
N VAL C 125 -35.45 11.70 -11.42
CA VAL C 125 -34.25 11.18 -10.75
C VAL C 125 -34.56 10.95 -9.28
N THR C 126 -34.35 9.71 -8.83
CA THR C 126 -34.37 9.38 -7.42
C THR C 126 -32.94 9.51 -6.90
N ILE C 127 -32.74 10.42 -5.95
CA ILE C 127 -31.40 10.70 -5.45
C ILE C 127 -30.86 9.50 -4.66
N SER C 128 -31.69 8.88 -3.84
CA SER C 128 -31.30 7.73 -3.05
C SER C 128 -32.31 6.61 -3.27
N HIS C 129 -31.87 5.50 -3.89
CA HIS C 129 -32.74 4.38 -4.23
C HIS C 129 -32.02 3.08 -3.88
N TYR C 130 -32.00 2.75 -2.58
CA TYR C 130 -31.57 1.43 -2.10
C TYR C 130 -30.13 1.11 -2.47
N GLU C 131 -29.25 2.11 -2.42
CA GLU C 131 -27.87 1.91 -2.88
C GLU C 131 -26.93 2.90 -2.20
N MET C 132 -27.06 3.06 -0.89
CA MET C 132 -26.19 3.97 -0.16
C MET C 132 -24.79 3.35 -0.01
N PRO C 133 -23.77 4.18 0.15
CA PRO C 133 -22.39 3.65 0.22
C PRO C 133 -22.19 2.76 1.43
N LEU C 134 -21.50 1.63 1.19
CA LEU C 134 -21.18 0.72 2.29
C LEU C 134 -20.23 1.36 3.29
N GLY C 135 -19.37 2.28 2.84
CA GLY C 135 -18.45 2.92 3.75
C GLY C 135 -19.13 3.75 4.82
N LEU C 136 -20.31 4.30 4.50
CA LEU C 136 -21.06 5.05 5.51
C LEU C 136 -21.56 4.14 6.62
N ILE C 137 -21.95 2.92 6.28
CA ILE C 137 -22.40 1.97 7.29
C ILE C 137 -21.24 1.53 8.18
N LYS C 138 -20.06 1.37 7.59
CA LYS C 138 -18.90 0.92 8.36
C LYS C 138 -18.31 2.03 9.21
N LYS C 139 -18.27 3.26 8.70
CA LYS C 139 -17.62 4.34 9.42
C LYS C 139 -18.56 5.00 10.42
N TYR C 140 -19.83 5.18 10.06
CA TYR C 140 -20.77 5.91 10.89
C TYR C 140 -21.92 5.06 11.42
N GLY C 141 -22.12 3.86 10.91
CA GLY C 141 -23.23 3.03 11.35
C GLY C 141 -24.52 3.26 10.62
N GLY C 142 -24.49 3.90 9.46
CA GLY C 142 -25.70 4.14 8.70
C GLY C 142 -26.43 5.38 9.17
N TRP C 143 -27.70 5.46 8.77
CA TRP C 143 -28.51 6.65 9.00
C TRP C 143 -28.85 6.88 10.47
N LYS C 144 -28.42 6.00 11.38
CA LYS C 144 -28.57 6.28 12.79
C LYS C 144 -27.61 7.38 13.26
N ASN C 145 -26.61 7.70 12.44
CA ASN C 145 -25.64 8.74 12.75
C ASN C 145 -25.99 10.02 11.99
N ARG C 146 -26.02 11.14 12.70
CA ARG C 146 -26.37 12.41 12.08
C ARG C 146 -25.36 12.84 11.02
N LYS C 147 -24.14 12.31 11.06
CA LYS C 147 -23.14 12.70 10.08
C LYS C 147 -23.53 12.28 8.67
N VAL C 148 -24.39 11.26 8.54
CA VAL C 148 -24.84 10.83 7.23
C VAL C 148 -25.74 11.89 6.59
N ILE C 149 -26.41 12.72 7.40
CA ILE C 149 -27.21 13.81 6.87
C ILE C 149 -26.34 14.78 6.08
N ASP C 150 -25.20 15.16 6.65
CA ASP C 150 -24.28 16.05 5.96
C ASP C 150 -23.74 15.42 4.69
N CYS C 151 -23.53 14.10 4.70
CA CYS C 151 -23.06 13.41 3.51
C CYS C 151 -24.12 13.43 2.42
N TYR C 152 -25.39 13.23 2.79
CA TYR C 152 -26.47 13.22 1.80
C TYR C 152 -26.73 14.62 1.25
N GLU C 153 -26.77 15.62 2.13
CA GLU C 153 -26.99 16.99 1.67
C GLU C 153 -25.89 17.43 0.71
N HIS C 154 -24.63 17.15 1.06
CA HIS C 154 -23.53 17.42 0.15
C HIS C 154 -23.70 16.66 -1.15
N TYR C 155 -24.09 15.39 -1.07
CA TYR C 155 -24.31 14.60 -2.28
C TYR C 155 -25.49 15.14 -3.08
N ALA C 156 -26.58 15.51 -2.41
CA ALA C 156 -27.73 16.09 -3.10
C ALA C 156 -27.37 17.42 -3.75
N LYS C 157 -26.68 18.29 -3.00
CA LYS C 157 -26.21 19.55 -3.57
C LYS C 157 -25.33 19.30 -4.78
N THR C 158 -24.46 18.28 -4.72
CA THR C 158 -23.55 17.99 -5.82
C THR C 158 -24.31 17.69 -7.09
N VAL C 159 -25.28 16.77 -7.04
CA VAL C 159 -26.01 16.39 -8.23
C VAL C 159 -27.01 17.46 -8.64
N PHE C 160 -27.53 18.23 -7.68
CA PHE C 160 -28.44 19.32 -8.01
C PHE C 160 -27.77 20.36 -8.90
N THR C 161 -26.53 20.77 -8.56
CA THR C 161 -25.83 21.76 -9.37
C THR C 161 -25.37 21.17 -10.70
N ARG C 162 -24.86 19.94 -10.69
CA ARG C 162 -24.27 19.37 -11.90
C ARG C 162 -25.32 19.20 -12.99
N TYR C 163 -26.54 18.84 -12.60
CA TYR C 163 -27.63 18.59 -13.55
C TYR C 163 -28.73 19.64 -13.43
N LYS C 164 -28.35 20.88 -13.08
CA LYS C 164 -29.34 21.93 -12.89
C LYS C 164 -30.11 22.24 -14.17
N GLU C 165 -29.47 22.08 -15.33
CA GLU C 165 -30.10 22.42 -16.60
C GLU C 165 -30.80 21.24 -17.26
N LYS C 166 -30.69 20.03 -16.70
CA LYS C 166 -31.18 18.83 -17.37
C LYS C 166 -32.27 18.08 -16.63
N VAL C 167 -32.38 18.22 -15.31
CA VAL C 167 -33.33 17.46 -14.51
C VAL C 167 -34.27 18.42 -13.79
N LYS C 168 -35.57 18.25 -14.02
CA LYS C 168 -36.60 19.05 -13.36
C LYS C 168 -37.30 18.29 -12.25
N TYR C 169 -37.51 16.99 -12.41
CA TYR C 169 -38.24 16.18 -11.44
C TYR C 169 -37.25 15.35 -10.62
N TRP C 170 -37.30 15.54 -9.30
CA TRP C 170 -36.43 14.82 -8.38
C TRP C 170 -37.25 14.16 -7.29
N MET C 171 -36.67 13.13 -6.68
CA MET C 171 -37.22 12.49 -5.49
C MET C 171 -36.07 12.14 -4.56
N THR C 172 -36.25 12.42 -3.27
CA THR C 172 -35.14 12.32 -2.32
C THR C 172 -34.81 10.88 -1.96
N PHE C 173 -35.80 10.14 -1.47
CA PHE C 173 -35.59 8.79 -0.97
C PHE C 173 -36.68 7.87 -1.49
N ASN C 174 -36.28 6.75 -2.07
CA ASN C 174 -37.26 5.79 -2.61
C ASN C 174 -37.84 4.94 -1.49
N GLU C 175 -39.17 4.80 -1.51
CA GLU C 175 -39.92 3.97 -0.55
C GLU C 175 -39.34 4.10 0.84
N ILE C 176 -39.31 5.35 1.32
CA ILE C 176 -38.63 5.69 2.56
C ILE C 176 -39.22 4.92 3.74
N ASN C 177 -40.50 4.59 3.68
CA ASN C 177 -41.15 3.85 4.76
C ASN C 177 -40.66 2.41 4.88
N MET C 178 -39.78 1.96 3.99
CA MET C 178 -39.29 0.58 4.02
C MET C 178 -38.04 0.39 4.87
N VAL C 179 -37.54 1.47 5.49
CA VAL C 179 -36.45 1.32 6.45
C VAL C 179 -36.92 0.58 7.69
N LEU C 180 -38.23 0.53 7.92
CA LEU C 180 -38.81 -0.26 9.01
C LEU C 180 -39.06 -1.71 8.63
N HIS C 181 -38.88 -2.08 7.36
CA HIS C 181 -39.06 -3.45 6.92
C HIS C 181 -37.78 -4.08 6.38
N ALA C 182 -36.87 -3.28 5.83
CA ALA C 182 -35.55 -3.75 5.38
C ALA C 182 -34.53 -2.75 5.91
N PRO C 183 -34.15 -2.86 7.19
CA PRO C 183 -33.34 -1.80 7.80
C PRO C 183 -31.97 -1.62 7.17
N PHE C 184 -31.32 -2.71 6.77
CA PHE C 184 -29.99 -2.60 6.19
C PHE C 184 -30.01 -1.81 4.88
N THR C 185 -30.99 -2.10 4.02
CA THR C 185 -31.08 -1.38 2.75
C THR C 185 -31.73 -0.01 2.93
N GLY C 186 -32.74 0.09 3.79
CA GLY C 186 -33.48 1.33 3.95
C GLY C 186 -32.76 2.38 4.77
N GLY C 187 -31.84 1.99 5.65
CA GLY C 187 -31.18 2.95 6.51
C GLY C 187 -29.75 2.61 6.87
N GLY C 188 -29.20 1.57 6.24
CA GLY C 188 -27.83 1.17 6.52
C GLY C 188 -27.58 0.71 7.94
N LEU C 189 -28.53 -0.01 8.53
CA LEU C 189 -28.47 -0.41 9.93
C LEU C 189 -28.13 -1.88 10.03
N VAL C 190 -27.04 -2.19 10.74
CA VAL C 190 -26.73 -3.54 11.18
C VAL C 190 -26.87 -3.57 12.68
N PHE C 191 -27.73 -4.47 13.18
CA PHE C 191 -28.12 -4.46 14.58
C PHE C 191 -27.17 -5.32 15.40
N GLU C 192 -26.52 -4.71 16.39
CA GLU C 192 -25.77 -5.47 17.37
C GLU C 192 -26.73 -6.28 18.24
N GLU C 193 -26.17 -7.25 18.95
CA GLU C 193 -26.98 -8.12 19.80
C GLU C 193 -27.58 -7.32 20.95
N GLY C 194 -28.90 -7.41 21.12
CA GLY C 194 -29.59 -6.72 22.19
C GLY C 194 -29.96 -5.28 21.90
N GLU C 195 -29.53 -4.72 20.77
CA GLU C 195 -29.84 -3.34 20.46
C GLU C 195 -31.33 -3.17 20.19
N ASN C 196 -31.90 -2.09 20.73
CA ASN C 196 -33.30 -1.77 20.49
C ASN C 196 -33.48 -1.42 19.02
N LYS C 197 -34.21 -2.26 18.29
CA LYS C 197 -34.32 -2.08 16.85
C LYS C 197 -35.26 -0.94 16.48
N LEU C 198 -36.43 -0.88 17.12
CA LEU C 198 -37.39 0.17 16.78
C LEU C 198 -36.82 1.56 17.02
N ASN C 199 -36.01 1.71 18.07
CA ASN C 199 -35.38 3.00 18.34
C ASN C 199 -34.43 3.40 17.22
N ALA C 200 -33.54 2.48 16.83
CA ALA C 200 -32.55 2.81 15.81
C ALA C 200 -33.19 3.08 14.47
N MET C 201 -34.24 2.32 14.12
CA MET C 201 -34.89 2.50 12.83
C MET C 201 -35.64 3.83 12.77
N TYR C 202 -36.36 4.18 13.84
CA TYR C 202 -37.06 5.46 13.84
C TYR C 202 -36.11 6.64 14.05
N GLN C 203 -34.98 6.40 14.71
CA GLN C 203 -33.96 7.45 14.78
C GLN C 203 -33.36 7.71 13.40
N ALA C 204 -33.12 6.64 12.63
CA ALA C 204 -32.62 6.81 11.27
C ALA C 204 -33.69 7.43 10.37
N ALA C 205 -34.97 7.13 10.62
CA ALA C 205 -36.04 7.75 9.84
C ALA C 205 -36.07 9.26 10.06
N HIS C 206 -35.79 9.71 11.28
CA HIS C 206 -35.75 11.15 11.54
C HIS C 206 -34.64 11.81 10.74
N HIS C 207 -33.45 11.21 10.72
CA HIS C 207 -32.35 11.76 9.94
C HIS C 207 -32.68 11.77 8.46
N LEU C 208 -33.39 10.75 7.98
CA LEU C 208 -33.85 10.75 6.60
C LEU C 208 -34.80 11.92 6.33
N PHE C 209 -35.65 12.23 7.31
CA PHE C 209 -36.59 13.34 7.16
C PHE C 209 -35.84 14.67 7.02
N VAL C 210 -34.89 14.94 7.92
CA VAL C 210 -34.17 16.21 7.84
C VAL C 210 -33.25 16.23 6.62
N ALA C 211 -32.68 15.08 6.25
CA ALA C 211 -31.81 15.04 5.09
C ALA C 211 -32.59 15.28 3.80
N SER C 212 -33.79 14.71 3.71
CA SER C 212 -34.62 14.92 2.51
C SER C 212 -35.15 16.35 2.47
N ALA C 213 -35.60 16.88 3.61
CA ALA C 213 -36.06 18.26 3.65
C ALA C 213 -34.94 19.22 3.27
N LEU C 214 -33.71 18.95 3.73
CA LEU C 214 -32.58 19.77 3.33
C LEU C 214 -32.27 19.61 1.85
N ALA C 215 -32.59 18.45 1.26
CA ALA C 215 -32.45 18.28 -0.18
C ALA C 215 -33.53 19.06 -0.92
N VAL C 216 -34.74 19.11 -0.36
CA VAL C 216 -35.78 19.98 -0.93
C VAL C 216 -35.34 21.43 -0.88
N LYS C 217 -34.76 21.85 0.24
CA LYS C 217 -34.29 23.22 0.38
C LYS C 217 -33.17 23.52 -0.62
N ALA C 218 -32.18 22.63 -0.70
CA ALA C 218 -31.08 22.86 -1.63
C ALA C 218 -31.53 22.76 -3.08
N GLY C 219 -32.43 21.82 -3.38
CA GLY C 219 -32.90 21.68 -4.75
C GLY C 219 -33.65 22.92 -5.22
N HIS C 220 -34.53 23.45 -4.37
CA HIS C 220 -35.26 24.67 -4.73
C HIS C 220 -34.31 25.86 -4.89
N ASP C 221 -33.24 25.90 -4.10
CA ASP C 221 -32.29 27.01 -4.19
C ASP C 221 -31.40 26.89 -5.42
N ILE C 222 -30.92 25.69 -5.72
CA ILE C 222 -29.99 25.52 -6.83
C ILE C 222 -30.74 25.48 -8.17
N ILE C 223 -31.86 24.76 -8.22
CA ILE C 223 -32.69 24.69 -9.41
C ILE C 223 -34.03 25.34 -9.08
N PRO C 224 -34.28 26.56 -9.57
CA PRO C 224 -35.47 27.31 -9.11
C PRO C 224 -36.79 26.62 -9.43
N ASP C 225 -37.00 26.23 -10.69
CA ASP C 225 -38.26 25.63 -11.09
C ASP C 225 -38.28 24.11 -10.96
N ALA C 226 -37.38 23.56 -10.13
CA ALA C 226 -37.36 22.12 -9.91
C ALA C 226 -38.54 21.69 -9.05
N LYS C 227 -38.99 20.46 -9.26
CA LYS C 227 -40.05 19.86 -8.46
C LYS C 227 -39.44 18.70 -7.68
N ILE C 228 -39.38 18.84 -6.36
CA ILE C 228 -38.78 17.84 -5.48
C ILE C 228 -39.90 17.14 -4.74
N GLY C 229 -40.05 15.85 -4.98
CA GLY C 229 -41.14 15.11 -4.37
C GLY C 229 -40.71 14.03 -3.41
N CYS C 230 -41.62 13.61 -2.54
CA CYS C 230 -41.37 12.44 -1.71
C CYS C 230 -41.65 11.17 -2.51
N MET C 231 -41.37 10.04 -1.89
CA MET C 231 -41.61 8.73 -2.52
C MET C 231 -41.90 7.73 -1.42
N ILE C 232 -43.14 7.23 -1.40
CA ILE C 232 -43.58 6.28 -0.39
C ILE C 232 -44.16 5.06 -1.07
N ALA C 233 -44.00 3.90 -0.43
CA ALA C 233 -44.66 2.68 -0.88
C ALA C 233 -46.05 2.64 -0.29
N ALA C 234 -47.07 2.75 -1.14
CA ALA C 234 -48.44 2.73 -0.66
C ALA C 234 -48.75 1.39 -0.01
N THR C 235 -49.34 1.45 1.18
CA THR C 235 -49.79 0.24 1.87
C THR C 235 -51.29 0.31 2.09
N THR C 236 -52.05 0.44 1.00
CA THR C 236 -53.51 0.48 1.08
C THR C 236 -54.02 -0.81 1.71
N THR C 237 -54.79 -0.68 2.79
CA THR C 237 -55.20 -1.83 3.58
C THR C 237 -56.69 -1.73 3.89
N TYR C 238 -57.44 -2.83 3.60
CA TYR C 238 -58.86 -2.94 3.86
C TYR C 238 -59.13 -3.75 5.11
N PRO C 239 -60.18 -3.44 5.86
CA PRO C 239 -60.53 -4.27 7.03
C PRO C 239 -61.13 -5.60 6.58
N MET C 240 -60.73 -6.67 7.27
CA MET C 240 -61.23 -8.01 6.93
C MET C 240 -62.74 -8.10 7.15
N THR C 241 -63.23 -7.48 8.22
CA THR C 241 -64.64 -7.47 8.57
C THR C 241 -65.01 -6.06 9.02
N PRO C 242 -66.31 -5.75 9.08
CA PRO C 242 -66.72 -4.43 9.60
C PRO C 242 -66.49 -4.28 11.10
N LYS C 243 -65.84 -5.26 11.71
CA LYS C 243 -65.48 -5.18 13.12
C LYS C 243 -64.66 -3.91 13.36
N PRO C 244 -65.06 -3.05 14.30
CA PRO C 244 -64.31 -1.80 14.52
C PRO C 244 -62.84 -2.03 14.84
N GLU C 245 -62.50 -3.20 15.42
CA GLU C 245 -61.10 -3.51 15.65
C GLU C 245 -60.36 -3.74 14.33
N ASP C 246 -61.03 -4.33 13.34
CA ASP C 246 -60.42 -4.51 12.04
C ASP C 246 -60.29 -3.18 11.30
N VAL C 247 -61.33 -2.34 11.36
CA VAL C 247 -61.28 -1.03 10.72
C VAL C 247 -60.13 -0.21 11.28
N LEU C 248 -59.94 -0.27 12.60
CA LEU C 248 -58.83 0.46 13.21
C LEU C 248 -57.49 -0.13 12.83
N ALA C 249 -57.41 -1.46 12.72
CA ALA C 249 -56.16 -2.10 12.35
C ALA C 249 -55.75 -1.74 10.93
N ALA C 250 -56.72 -1.69 10.01
CA ALA C 250 -56.42 -1.26 8.64
C ALA C 250 -56.00 0.20 8.62
N MET C 251 -56.65 1.04 9.43
CA MET C 251 -56.25 2.44 9.51
C MET C 251 -54.84 2.58 10.06
N GLU C 252 -54.46 1.71 11.01
CA GLU C 252 -53.12 1.78 11.58
C GLU C 252 -52.07 1.32 10.59
N ASN C 253 -52.38 0.28 9.79
CA ASN C 253 -51.42 -0.20 8.80
C ASN C 253 -51.16 0.88 7.74
N GLU C 254 -52.21 1.53 7.25
CA GLU C 254 -52.01 2.65 6.33
C GLU C 254 -51.26 3.79 7.01
N ARG C 255 -51.45 3.96 8.31
CA ARG C 255 -50.76 5.03 9.03
C ARG C 255 -49.26 4.75 9.17
N ARG C 256 -48.87 3.47 9.14
CA ARG C 256 -47.44 3.14 9.17
C ARG C 256 -46.69 3.84 8.04
N THR C 257 -47.33 3.97 6.89
CA THR C 257 -46.74 4.63 5.72
C THR C 257 -47.03 6.12 5.68
N LEU C 258 -48.27 6.52 6.00
CA LEU C 258 -48.64 7.93 5.91
C LEU C 258 -47.86 8.80 6.86
N PHE C 259 -47.30 8.24 7.94
CA PHE C 259 -46.42 9.01 8.82
C PHE C 259 -45.28 9.64 8.05
N PHE C 260 -44.65 8.86 7.17
CA PHE C 260 -43.53 9.38 6.39
C PHE C 260 -44.00 10.48 5.43
N SER C 261 -45.10 10.23 4.72
CA SER C 261 -45.61 11.24 3.80
C SER C 261 -46.19 12.44 4.55
N ASP C 262 -46.68 12.24 5.77
CA ASP C 262 -47.11 13.38 6.57
C ASP C 262 -45.95 14.31 6.90
N VAL C 263 -44.82 13.74 7.33
CA VAL C 263 -43.66 14.56 7.67
C VAL C 263 -43.11 15.22 6.42
N GLN C 264 -43.03 14.49 5.31
CA GLN C 264 -42.42 15.04 4.10
C GLN C 264 -43.32 16.06 3.43
N ALA C 265 -44.63 15.82 3.41
CA ALA C 265 -45.56 16.69 2.69
C ALA C 265 -46.25 17.72 3.57
N ARG C 266 -46.54 17.40 4.83
CA ARG C 266 -47.19 18.36 5.72
C ARG C 266 -46.21 19.11 6.61
N GLY C 267 -45.05 18.52 6.90
CA GLY C 267 -43.97 19.25 7.55
C GLY C 267 -43.80 19.04 9.04
N ALA C 268 -44.47 18.06 9.63
CA ALA C 268 -44.35 17.86 11.06
C ALA C 268 -44.69 16.41 11.40
N TYR C 269 -44.13 15.95 12.52
CA TYR C 269 -44.53 14.67 13.08
C TYR C 269 -46.00 14.74 13.47
N PRO C 270 -46.86 13.89 12.92
CA PRO C 270 -48.28 13.92 13.29
C PRO C 270 -48.48 13.54 14.75
N GLY C 271 -49.63 13.94 15.28
CA GLY C 271 -49.90 13.72 16.70
C GLY C 271 -49.96 12.25 17.05
N TYR C 272 -50.45 11.41 16.14
CA TYR C 272 -50.62 9.99 16.46
C TYR C 272 -49.30 9.26 16.64
N MET C 273 -48.19 9.85 16.21
CA MET C 273 -46.89 9.22 16.39
C MET C 273 -46.30 9.49 17.77
N LYS C 274 -46.63 10.63 18.38
CA LYS C 274 -46.17 10.90 19.74
C LYS C 274 -46.69 9.85 20.71
N ARG C 275 -47.93 9.39 20.51
CA ARG C 275 -48.45 8.30 21.32
C ARG C 275 -47.75 6.99 20.99
N PHE C 276 -47.57 6.70 19.70
CA PHE C 276 -46.86 5.50 19.29
C PHE C 276 -45.45 5.47 19.88
N PHE C 277 -44.75 6.61 19.86
CA PHE C 277 -43.41 6.67 20.41
C PHE C 277 -43.41 6.43 21.92
N LYS C 278 -44.38 7.01 22.63
CA LYS C 278 -44.39 6.91 24.09
C LYS C 278 -44.77 5.51 24.56
N GLU C 279 -45.75 4.88 23.90
CA GLU C 279 -46.19 3.57 24.33
C GLU C 279 -45.11 2.52 24.10
N ASN C 280 -44.37 2.63 23.01
CA ASN C 280 -43.15 1.86 22.85
C ASN C 280 -42.01 2.58 23.58
N GLY C 281 -40.82 1.98 23.57
CA GLY C 281 -39.71 2.59 24.28
C GLY C 281 -38.90 3.53 23.40
N ILE C 282 -39.55 4.22 22.49
CA ILE C 282 -38.87 4.93 21.41
C ILE C 282 -38.63 6.37 21.82
N THR C 283 -37.34 6.68 22.04
CA THR C 283 -36.85 8.05 22.13
C THR C 283 -36.23 8.45 20.79
N ILE C 284 -36.37 9.72 20.42
CA ILE C 284 -35.83 10.20 19.16
C ILE C 284 -35.12 11.52 19.42
N GLU C 285 -33.78 11.48 19.41
CA GLU C 285 -32.99 12.70 19.52
C GLU C 285 -33.25 13.64 18.34
N MET C 286 -33.33 14.93 18.64
CA MET C 286 -33.77 15.92 17.66
C MET C 286 -33.00 17.20 17.86
N ALA C 287 -32.27 17.64 16.83
CA ALA C 287 -31.54 18.90 16.91
C ALA C 287 -32.53 20.06 17.01
N GLU C 288 -32.00 21.22 17.42
CA GLU C 288 -32.86 22.37 17.73
C GLU C 288 -33.59 22.87 16.49
N GLY C 289 -32.91 22.93 15.36
CA GLY C 289 -33.49 23.46 14.14
C GLY C 289 -34.24 22.47 13.28
N ASP C 290 -34.41 21.22 13.75
CA ASP C 290 -35.00 20.19 12.91
C ASP C 290 -36.47 20.48 12.61
N GLU C 291 -37.22 20.95 13.61
CA GLU C 291 -38.64 21.19 13.41
C GLU C 291 -38.89 22.26 12.35
N ASP C 292 -38.01 23.25 12.26
CA ASP C 292 -38.18 24.30 11.25
C ASP C 292 -37.76 23.82 9.87
N ILE C 293 -36.72 23.00 9.79
CA ILE C 293 -36.27 22.46 8.50
C ILE C 293 -37.36 21.59 7.89
N LEU C 294 -38.00 20.76 8.71
CA LEU C 294 -39.05 19.88 8.20
C LEU C 294 -40.29 20.68 7.77
N LYS C 295 -40.61 21.74 8.51
CA LYS C 295 -41.85 22.48 8.25
C LYS C 295 -41.72 23.37 7.02
N GLU C 296 -40.58 24.01 6.83
CA GLU C 296 -40.41 25.04 5.80
C GLU C 296 -39.95 24.48 4.46
N ASN C 297 -39.76 23.17 4.34
CA ASN C 297 -39.24 22.58 3.10
C ASN C 297 -40.01 21.31 2.74
N THR C 298 -41.34 21.40 2.75
CA THR C 298 -42.17 20.27 2.37
C THR C 298 -42.05 19.99 0.88
N VAL C 299 -42.30 18.74 0.50
CA VAL C 299 -42.13 18.32 -0.89
C VAL C 299 -43.18 18.98 -1.78
N ASP C 300 -42.89 19.02 -3.08
CA ASP C 300 -43.80 19.61 -4.05
C ASP C 300 -44.84 18.63 -4.58
N TYR C 301 -44.51 17.34 -4.59
CA TYR C 301 -45.46 16.33 -5.06
C TYR C 301 -45.20 15.04 -4.30
N ILE C 302 -46.14 14.11 -4.42
CA ILE C 302 -46.09 12.83 -3.73
C ILE C 302 -45.98 11.73 -4.78
N GLY C 303 -44.76 11.25 -5.01
CA GLY C 303 -44.59 10.03 -5.77
C GLY C 303 -44.84 8.81 -4.91
N PHE C 304 -45.41 7.77 -5.53
CA PHE C 304 -45.71 6.58 -4.75
C PHE C 304 -45.76 5.36 -5.67
N SER C 305 -45.46 4.21 -5.08
CA SER C 305 -45.56 2.93 -5.75
C SER C 305 -46.87 2.26 -5.38
N TYR C 306 -47.45 1.54 -6.34
CA TYR C 306 -48.60 0.70 -6.05
C TYR C 306 -48.48 -0.59 -6.84
N TYR C 307 -48.57 -1.71 -6.15
CA TYR C 307 -48.56 -3.04 -6.74
C TYR C 307 -49.76 -3.87 -6.32
N MET C 308 -50.21 -3.73 -5.07
CA MET C 308 -51.25 -4.57 -4.52
C MET C 308 -51.90 -3.86 -3.34
N SER C 309 -53.01 -4.43 -2.87
CA SER C 309 -53.66 -4.01 -1.64
C SER C 309 -53.55 -5.11 -0.59
N MET C 310 -53.81 -4.74 0.65
CA MET C 310 -53.67 -5.66 1.77
C MET C 310 -54.94 -5.65 2.61
N VAL C 311 -54.99 -6.57 3.58
CA VAL C 311 -56.13 -6.73 4.46
C VAL C 311 -55.62 -6.88 5.89
N ALA C 312 -56.24 -6.15 6.82
CA ALA C 312 -55.93 -6.27 8.24
C ALA C 312 -57.04 -7.03 8.95
N SER C 313 -56.65 -7.92 9.87
CA SER C 313 -57.60 -8.74 10.61
C SER C 313 -57.08 -8.94 12.02
N THR C 314 -57.97 -8.75 13.00
CA THR C 314 -57.63 -8.90 14.40
C THR C 314 -58.06 -10.26 14.96
N SER C 315 -58.40 -11.21 14.09
CA SER C 315 -58.73 -12.54 14.55
C SER C 315 -57.49 -13.21 15.15
N PRO C 316 -57.69 -14.08 16.15
CA PRO C 316 -56.52 -14.72 16.78
C PRO C 316 -55.69 -15.55 15.82
N GLU C 317 -56.33 -16.18 14.84
CA GLU C 317 -55.57 -16.95 13.85
C GLU C 317 -54.72 -16.05 12.97
N ASP C 318 -55.28 -14.92 12.52
CA ASP C 318 -54.58 -14.03 11.59
C ASP C 318 -53.55 -13.15 12.28
N LEU C 319 -53.65 -12.96 13.61
CA LEU C 319 -52.65 -12.15 14.31
C LEU C 319 -51.32 -12.87 14.42
N ALA C 320 -51.30 -14.19 14.29
CA ALA C 320 -50.06 -14.95 14.25
C ALA C 320 -49.40 -14.82 12.88
N VAL C 330 -52.57 -10.67 6.33
CA VAL C 330 -53.43 -11.71 5.79
C VAL C 330 -53.90 -11.28 4.39
N LYS C 331 -54.21 -12.25 3.55
CA LYS C 331 -54.49 -11.98 2.15
C LYS C 331 -55.98 -11.73 1.91
N ASN C 332 -56.26 -11.05 0.81
CA ASN C 332 -57.64 -10.72 0.44
C ASN C 332 -58.29 -11.90 -0.26
N PRO C 333 -59.37 -12.47 0.28
CA PRO C 333 -59.98 -13.64 -0.35
C PRO C 333 -60.78 -13.34 -1.61
N TYR C 334 -60.97 -12.07 -1.96
CA TYR C 334 -61.72 -11.70 -3.15
C TYR C 334 -60.84 -11.28 -4.32
N LEU C 335 -59.51 -11.38 -4.18
CA LEU C 335 -58.58 -10.95 -5.20
C LEU C 335 -57.78 -12.12 -5.73
N GLU C 336 -57.38 -12.03 -6.99
CA GLU C 336 -56.43 -12.97 -7.57
C GLU C 336 -55.01 -12.53 -7.24
N SER C 337 -54.08 -13.47 -7.36
CA SER C 337 -52.70 -13.25 -6.96
C SER C 337 -51.76 -13.53 -8.11
N SER C 338 -50.62 -12.84 -8.10
CA SER C 338 -49.57 -13.06 -9.10
C SER C 338 -48.84 -14.36 -8.79
N GLU C 339 -47.89 -14.71 -9.68
CA GLU C 339 -47.09 -15.91 -9.46
C GLU C 339 -46.16 -15.76 -8.27
N TRP C 340 -45.94 -14.54 -7.77
CA TRP C 340 -45.11 -14.30 -6.61
C TRP C 340 -45.92 -13.92 -5.38
N GLY C 341 -47.20 -14.31 -5.33
CA GLY C 341 -48.03 -14.07 -4.17
C GLY C 341 -48.59 -12.69 -4.04
N TRP C 342 -48.32 -11.78 -4.98
CA TRP C 342 -48.83 -10.42 -4.93
C TRP C 342 -50.22 -10.38 -5.54
N GLN C 343 -51.18 -9.81 -4.79
CA GLN C 343 -52.57 -9.82 -5.22
C GLN C 343 -52.83 -8.71 -6.23
N ILE C 344 -53.81 -8.95 -7.10
CA ILE C 344 -54.12 -8.08 -8.22
C ILE C 344 -55.38 -7.29 -7.89
N ASP C 345 -55.24 -5.98 -7.77
CA ASP C 345 -56.34 -5.11 -7.34
C ASP C 345 -56.21 -3.76 -8.04
N PRO C 346 -56.64 -3.67 -9.31
CA PRO C 346 -56.57 -2.38 -10.00
C PRO C 346 -57.44 -1.31 -9.37
N LYS C 347 -58.66 -1.66 -8.93
CA LYS C 347 -59.51 -0.67 -8.28
C LYS C 347 -58.86 -0.09 -7.04
N GLY C 348 -57.92 -0.83 -6.43
CA GLY C 348 -57.21 -0.31 -5.28
C GLY C 348 -56.33 0.88 -5.59
N ILE C 349 -55.89 1.00 -6.84
CA ILE C 349 -55.07 2.15 -7.21
C ILE C 349 -55.94 3.40 -7.32
N ARG C 350 -57.21 3.25 -7.69
CA ARG C 350 -58.12 4.38 -7.65
C ARG C 350 -58.40 4.79 -6.21
N ILE C 351 -58.57 3.80 -5.33
CA ILE C 351 -58.76 4.09 -3.91
C ILE C 351 -57.52 4.76 -3.32
N THR C 352 -56.34 4.29 -3.71
CA THR C 352 -55.10 4.87 -3.20
C THR C 352 -54.93 6.31 -3.66
N LEU C 353 -55.15 6.56 -4.95
CA LEU C 353 -55.01 7.92 -5.48
C LEU C 353 -55.97 8.88 -4.80
N ASN C 354 -57.23 8.47 -4.62
CA ASN C 354 -58.19 9.32 -3.95
C ASN C 354 -57.82 9.54 -2.49
N THR C 355 -57.35 8.49 -1.81
CA THR C 355 -56.92 8.62 -0.42
C THR C 355 -55.78 9.62 -0.30
N LEU C 356 -54.76 9.46 -1.14
CA LEU C 356 -53.58 10.32 -1.05
C LEU C 356 -53.93 11.77 -1.38
N TYR C 357 -54.76 11.98 -2.41
CA TYR C 357 -55.06 13.34 -2.82
C TYR C 357 -56.02 14.03 -1.85
N ASP C 358 -56.94 13.28 -1.26
CA ASP C 358 -57.84 13.88 -0.28
C ASP C 358 -57.09 14.32 0.97
N ARG C 359 -56.01 13.61 1.33
CA ARG C 359 -55.29 13.96 2.54
C ARG C 359 -54.34 15.13 2.32
N TYR C 360 -53.63 15.15 1.19
CA TYR C 360 -52.55 16.11 1.00
C TYR C 360 -52.89 17.24 0.05
N GLN C 361 -53.85 17.04 -0.87
CA GLN C 361 -54.26 18.07 -1.82
C GLN C 361 -53.05 18.62 -2.59
N LYS C 362 -52.17 17.71 -2.99
CA LYS C 362 -50.94 18.04 -3.69
C LYS C 362 -50.83 17.15 -4.92
N PRO C 363 -50.06 17.57 -5.93
CA PRO C 363 -49.87 16.73 -7.11
C PRO C 363 -49.30 15.37 -6.73
N LEU C 364 -49.83 14.33 -7.35
CA LEU C 364 -49.35 12.96 -7.18
C LEU C 364 -48.61 12.51 -8.44
N PHE C 365 -47.79 11.49 -8.28
CA PHE C 365 -47.02 10.94 -9.38
C PHE C 365 -46.87 9.44 -9.14
N ILE C 366 -47.55 8.64 -9.97
CA ILE C 366 -47.36 7.19 -9.89
C ILE C 366 -46.01 6.87 -10.51
N VAL C 367 -45.05 6.49 -9.68
CA VAL C 367 -43.68 6.24 -10.13
C VAL C 367 -43.32 4.77 -10.18
N GLU C 368 -44.15 3.88 -9.66
CA GLU C 368 -43.92 2.45 -9.75
C GLU C 368 -45.26 1.72 -9.81
N ASN C 369 -45.41 0.86 -10.82
CA ASN C 369 -46.60 0.02 -10.97
C ASN C 369 -46.37 -0.98 -12.10
N GLY C 370 -46.51 -2.26 -11.82
CA GLY C 370 -46.28 -3.27 -12.85
C GLY C 370 -46.59 -4.64 -12.33
N LEU C 371 -46.46 -5.62 -13.22
CA LEU C 371 -46.72 -7.01 -12.92
C LEU C 371 -45.44 -7.81 -13.16
N GLY C 372 -44.96 -8.49 -12.11
CA GLY C 372 -43.86 -9.41 -12.24
C GLY C 372 -44.37 -10.79 -12.58
N ALA C 373 -43.86 -11.36 -13.67
CA ALA C 373 -44.40 -12.62 -14.16
C ALA C 373 -43.33 -13.36 -14.95
N VAL C 374 -43.48 -14.68 -15.01
CA VAL C 374 -42.58 -15.51 -15.81
C VAL C 374 -42.88 -15.31 -17.29
N ASP C 375 -41.84 -15.02 -18.07
CA ASP C 375 -41.97 -14.90 -19.52
C ASP C 375 -41.42 -16.14 -20.20
N VAL C 376 -42.10 -16.55 -21.26
CA VAL C 376 -41.68 -17.68 -22.08
C VAL C 376 -41.49 -17.18 -23.50
N VAL C 377 -40.29 -17.37 -24.04
CA VAL C 377 -39.96 -16.95 -25.40
C VAL C 377 -40.42 -18.04 -26.37
N GLU C 378 -41.19 -17.65 -27.37
CA GLU C 378 -41.75 -18.60 -28.31
C GLU C 378 -40.72 -18.99 -29.35
N GLU C 379 -41.12 -19.88 -30.27
CA GLU C 379 -40.21 -20.33 -31.32
C GLU C 379 -39.86 -19.20 -32.27
N ASP C 380 -40.80 -18.30 -32.54
CA ASP C 380 -40.55 -17.16 -33.40
C ASP C 380 -39.75 -16.06 -32.71
N GLY C 381 -39.42 -16.24 -31.43
CA GLY C 381 -38.72 -15.21 -30.67
C GLY C 381 -39.61 -14.21 -29.97
N SER C 382 -40.92 -14.22 -30.26
CA SER C 382 -41.83 -13.28 -29.64
C SER C 382 -42.05 -13.62 -28.17
N ILE C 383 -42.64 -12.67 -27.45
CA ILE C 383 -43.01 -12.84 -26.05
C ILE C 383 -44.43 -12.32 -25.91
N GLN C 384 -45.39 -13.22 -25.68
CA GLN C 384 -46.81 -12.88 -25.59
C GLN C 384 -47.16 -12.72 -24.12
N ASP C 385 -46.94 -11.52 -23.59
CA ASP C 385 -47.24 -11.23 -22.19
C ASP C 385 -48.60 -10.54 -22.06
N ASP C 386 -49.64 -11.27 -22.44
CA ASP C 386 -51.00 -10.76 -22.29
C ASP C 386 -51.37 -10.61 -20.81
N TYR C 387 -50.80 -11.46 -19.95
CA TYR C 387 -51.01 -11.32 -18.51
C TYR C 387 -50.53 -9.95 -18.02
N ARG C 388 -49.40 -9.48 -18.55
CA ARG C 388 -48.90 -8.17 -18.15
C ARG C 388 -49.72 -7.04 -18.75
N ILE C 389 -50.26 -7.25 -19.95
CA ILE C 389 -51.12 -6.22 -20.55
C ILE C 389 -52.41 -6.08 -19.76
N ASN C 390 -53.00 -7.22 -19.36
CA ASN C 390 -54.25 -7.17 -18.61
C ASN C 390 -54.08 -6.44 -17.28
N TYR C 391 -52.96 -6.70 -16.58
CA TYR C 391 -52.68 -5.99 -15.33
C TYR C 391 -52.55 -4.49 -15.57
N LEU C 392 -51.73 -4.11 -16.55
CA LEU C 392 -51.47 -2.69 -16.78
C LEU C 392 -52.70 -1.98 -17.31
N ARG C 393 -53.47 -2.63 -18.19
CA ARG C 393 -54.66 -2.00 -18.75
C ARG C 393 -55.70 -1.72 -17.67
N ASP C 394 -55.97 -2.72 -16.83
CA ASP C 394 -56.98 -2.56 -15.78
C ASP C 394 -56.57 -1.48 -14.78
N HIS C 395 -55.28 -1.43 -14.44
CA HIS C 395 -54.82 -0.39 -13.52
C HIS C 395 -54.90 0.98 -14.15
N LEU C 396 -54.56 1.10 -15.43
CA LEU C 396 -54.60 2.40 -16.10
C LEU C 396 -56.03 2.89 -16.29
N LYS C 397 -56.97 1.98 -16.48
CA LYS C 397 -58.38 2.38 -16.53
C LYS C 397 -58.83 2.93 -15.19
N GLU C 398 -58.41 2.31 -14.09
CA GLU C 398 -58.74 2.82 -12.77
C GLU C 398 -57.98 4.11 -12.46
N VAL C 399 -56.76 4.25 -12.98
CA VAL C 399 -56.04 5.51 -12.85
C VAL C 399 -56.80 6.61 -13.56
N ARG C 400 -57.35 6.31 -14.75
CA ARG C 400 -58.14 7.29 -15.47
C ARG C 400 -59.42 7.65 -14.70
N GLU C 401 -59.96 6.71 -13.93
CA GLU C 401 -61.13 7.02 -13.12
C GLU C 401 -60.79 7.98 -11.99
N ALA C 402 -59.62 7.80 -11.36
CA ALA C 402 -59.21 8.71 -10.30
C ALA C 402 -58.96 10.12 -10.84
N ILE C 403 -58.42 10.21 -12.07
CA ILE C 403 -58.27 11.52 -12.71
C ILE C 403 -59.63 12.17 -12.90
N ALA C 404 -60.63 11.38 -13.33
CA ALA C 404 -61.98 11.90 -13.46
C ALA C 404 -62.59 12.24 -12.11
N ASP C 405 -62.12 11.61 -11.02
CA ASP C 405 -62.55 12.00 -9.69
C ASP C 405 -61.96 13.32 -9.24
N GLY C 406 -60.99 13.86 -9.98
CA GLY C 406 -60.36 15.12 -9.63
C GLY C 406 -58.94 14.98 -9.10
N VAL C 407 -58.37 13.78 -9.08
CA VAL C 407 -57.01 13.60 -8.59
C VAL C 407 -56.04 14.31 -9.54
N ASP C 408 -55.12 15.09 -8.97
CA ASP C 408 -54.11 15.80 -9.74
C ASP C 408 -52.90 14.88 -9.90
N LEU C 409 -52.77 14.27 -11.07
CA LEU C 409 -51.74 13.26 -11.33
C LEU C 409 -50.76 13.80 -12.36
N ILE C 410 -49.48 13.85 -12.00
CA ILE C 410 -48.46 14.34 -12.91
C ILE C 410 -48.23 13.35 -14.05
N GLY C 411 -48.07 12.08 -13.72
CA GLY C 411 -47.80 11.09 -14.75
C GLY C 411 -47.87 9.68 -14.20
N TYR C 412 -47.30 8.76 -14.98
CA TYR C 412 -47.34 7.35 -14.64
C TYR C 412 -46.15 6.67 -15.30
N THR C 413 -45.20 6.19 -14.49
CA THR C 413 -44.06 5.43 -14.99
C THR C 413 -44.16 4.02 -14.41
N SER C 414 -44.56 3.08 -15.26
CA SER C 414 -44.61 1.68 -14.83
C SER C 414 -43.23 1.19 -14.45
N TRP C 415 -43.18 0.23 -13.52
CA TRP C 415 -41.90 -0.20 -12.98
C TRP C 415 -41.20 -1.15 -13.94
N GLY C 416 -39.89 -0.98 -14.05
CA GLY C 416 -39.04 -1.81 -14.87
C GLY C 416 -39.56 -2.00 -16.28
N PRO C 417 -39.58 -0.92 -17.07
CA PRO C 417 -40.01 -1.05 -18.48
C PRO C 417 -39.09 -1.95 -19.29
N ILE C 418 -37.85 -2.13 -18.84
CA ILE C 418 -36.96 -3.16 -19.34
C ILE C 418 -36.67 -4.12 -18.21
N ASP C 419 -36.53 -5.41 -18.52
CA ASP C 419 -36.32 -6.40 -17.49
C ASP C 419 -35.09 -6.06 -16.66
N LEU C 420 -35.23 -6.14 -15.33
CA LEU C 420 -34.17 -5.77 -14.41
C LEU C 420 -34.04 -6.82 -13.32
N VAL C 421 -32.99 -6.67 -12.51
CA VAL C 421 -32.78 -7.53 -11.35
C VAL C 421 -33.74 -7.12 -10.25
N SER C 422 -34.48 -8.09 -9.71
CA SER C 422 -35.49 -7.80 -8.72
C SER C 422 -34.86 -7.24 -7.45
N ALA C 423 -35.62 -6.39 -6.75
CA ALA C 423 -35.13 -5.87 -5.48
C ALA C 423 -35.33 -6.87 -4.34
N SER C 424 -36.49 -7.55 -4.32
CA SER C 424 -36.81 -8.44 -3.22
C SER C 424 -35.86 -9.63 -3.17
N THR C 425 -35.66 -10.29 -4.31
CA THR C 425 -34.91 -11.54 -4.35
C THR C 425 -33.65 -11.49 -5.20
N ALA C 426 -33.33 -10.34 -5.80
CA ALA C 426 -32.18 -10.21 -6.70
C ALA C 426 -32.27 -11.25 -7.82
N GLU C 427 -33.45 -11.34 -8.42
CA GLU C 427 -33.75 -12.35 -9.44
C GLU C 427 -34.08 -11.68 -10.76
N MET C 428 -33.81 -12.39 -11.85
CA MET C 428 -34.22 -11.96 -13.18
C MET C 428 -35.51 -12.65 -13.63
N LYS C 429 -35.87 -13.78 -13.02
CA LYS C 429 -37.03 -14.54 -13.46
C LYS C 429 -38.33 -13.75 -13.29
N LYS C 430 -38.42 -12.94 -12.23
CA LYS C 430 -39.60 -12.10 -12.01
C LYS C 430 -39.46 -10.88 -12.93
N ARG C 431 -40.13 -10.93 -14.08
CA ARG C 431 -39.94 -9.94 -15.12
C ARG C 431 -41.09 -8.93 -15.16
N TYR C 432 -40.74 -7.66 -15.30
CA TYR C 432 -41.69 -6.56 -15.35
C TYR C 432 -41.74 -5.86 -16.71
N GLY C 433 -40.80 -6.13 -17.60
CA GLY C 433 -40.55 -5.23 -18.70
C GLY C 433 -41.52 -5.36 -19.84
N TYR C 434 -41.58 -4.28 -20.62
CA TYR C 434 -42.06 -4.36 -22.00
C TYR C 434 -40.98 -4.91 -22.93
N ILE C 435 -39.74 -4.98 -22.46
CA ILE C 435 -38.60 -5.42 -23.25
C ILE C 435 -37.95 -6.60 -22.53
N TYR C 436 -37.82 -7.72 -23.23
CA TYR C 436 -37.24 -8.92 -22.65
C TYR C 436 -35.72 -8.84 -22.73
N VAL C 437 -35.06 -9.19 -21.62
CA VAL C 437 -33.61 -9.21 -21.54
C VAL C 437 -33.17 -10.66 -21.33
N ASP C 438 -32.28 -11.14 -22.20
CA ASP C 438 -31.83 -12.53 -22.17
C ASP C 438 -30.78 -12.71 -21.07
N ARG C 439 -31.26 -12.65 -19.83
CA ARG C 439 -30.48 -13.01 -18.65
C ARG C 439 -31.39 -13.77 -17.71
N ASP C 440 -30.83 -14.76 -17.01
CA ASP C 440 -31.62 -15.61 -16.13
C ASP C 440 -31.06 -15.54 -14.71
N ASN C 441 -31.67 -16.32 -13.82
CA ASN C 441 -31.27 -16.32 -12.41
C ASN C 441 -29.84 -16.79 -12.22
N GLU C 442 -29.29 -17.54 -13.17
CA GLU C 442 -27.89 -17.97 -13.11
C GLU C 442 -26.95 -16.98 -13.78
N GLY C 443 -27.46 -15.86 -14.28
CA GLY C 443 -26.62 -14.86 -14.92
C GLY C 443 -26.20 -15.19 -16.34
N LYS C 444 -26.72 -16.27 -16.92
CA LYS C 444 -26.35 -16.68 -18.26
C LYS C 444 -27.32 -16.10 -19.30
N GLY C 445 -26.82 -15.89 -20.51
CA GLY C 445 -27.63 -15.33 -21.58
C GLY C 445 -26.90 -14.30 -22.41
N THR C 446 -27.44 -14.02 -23.59
CA THR C 446 -26.83 -13.04 -24.50
C THR C 446 -27.11 -11.61 -24.09
N LEU C 447 -28.03 -11.38 -23.15
CA LEU C 447 -28.36 -10.03 -22.68
C LEU C 447 -28.86 -9.13 -23.81
N SER C 448 -29.50 -9.73 -24.81
CA SER C 448 -30.13 -8.97 -25.89
C SER C 448 -31.52 -8.52 -25.47
N ARG C 449 -32.03 -7.52 -26.19
CA ARG C 449 -33.33 -6.93 -25.89
C ARG C 449 -34.32 -7.32 -26.98
N THR C 450 -35.50 -7.78 -26.55
CA THR C 450 -36.56 -8.16 -27.47
C THR C 450 -37.87 -7.50 -27.04
N ARG C 451 -38.57 -6.89 -27.99
CA ARG C 451 -39.84 -6.26 -27.69
C ARG C 451 -40.89 -7.32 -27.38
N LYS C 452 -41.49 -7.24 -26.20
CA LYS C 452 -42.62 -8.09 -25.89
C LYS C 452 -43.88 -7.56 -26.57
N LYS C 453 -44.96 -8.33 -26.47
CA LYS C 453 -46.24 -7.87 -27.02
C LYS C 453 -46.70 -6.59 -26.34
N SER C 454 -46.42 -6.45 -25.04
CA SER C 454 -46.81 -5.25 -24.32
C SER C 454 -46.03 -4.02 -24.75
N PHE C 455 -44.87 -4.20 -25.37
CA PHE C 455 -44.12 -3.08 -25.91
C PHE C 455 -44.97 -2.30 -26.92
N TYR C 456 -45.65 -3.01 -27.81
CA TYR C 456 -46.51 -2.35 -28.79
C TYR C 456 -47.82 -1.88 -28.18
N TRP C 457 -48.32 -2.58 -27.16
CA TRP C 457 -49.54 -2.15 -26.50
C TRP C 457 -49.34 -0.83 -25.78
N TYR C 458 -48.27 -0.71 -24.99
CA TYR C 458 -47.97 0.53 -24.29
C TYR C 458 -47.63 1.65 -25.26
N LYS C 459 -47.03 1.31 -26.41
CA LYS C 459 -46.74 2.32 -27.42
C LYS C 459 -48.01 2.97 -27.94
N LYS C 460 -49.07 2.18 -28.14
CA LYS C 460 -50.33 2.74 -28.60
C LYS C 460 -51.07 3.48 -27.49
N VAL C 461 -50.87 3.08 -26.23
CA VAL C 461 -51.49 3.78 -25.12
C VAL C 461 -50.95 5.21 -25.04
N ILE C 462 -49.62 5.36 -25.12
CA ILE C 462 -49.02 6.68 -25.05
C ILE C 462 -49.38 7.50 -26.27
N GLU C 463 -49.38 6.88 -27.46
CA GLU C 463 -49.69 7.60 -28.68
C GLU C 463 -51.10 8.19 -28.64
N THR C 464 -52.07 7.41 -28.18
CA THR C 464 -53.44 7.87 -28.05
C THR C 464 -53.72 8.52 -26.70
N ASN C 465 -52.69 8.66 -25.85
CA ASN C 465 -52.83 9.28 -24.53
C ASN C 465 -53.88 8.57 -23.67
N GLY C 466 -54.00 7.26 -23.83
CA GLY C 466 -54.89 6.44 -23.03
C GLY C 466 -56.20 6.07 -23.69
N GLU C 467 -56.52 6.66 -24.85
CA GLU C 467 -57.80 6.39 -25.50
C GLU C 467 -57.90 4.97 -26.04
N SER C 468 -56.81 4.22 -26.08
CA SER C 468 -56.81 2.88 -26.64
C SER C 468 -56.89 1.78 -25.58
N LEU C 469 -57.06 2.13 -24.32
CA LEU C 469 -57.12 1.16 -23.24
C LEU C 469 -58.34 0.25 -23.37
#